data_2XET
# 
_entry.id   2XET 
# 
_audit_conform.dict_name       mmcif_pdbx.dic 
_audit_conform.dict_version    5.398 
_audit_conform.dict_location   http://mmcif.pdb.org/dictionaries/ascii/mmcif_pdbx.dic 
# 
loop_
_database_2.database_id 
_database_2.database_code 
_database_2.pdbx_database_accession 
_database_2.pdbx_DOI 
PDB   2XET         pdb_00002xet 10.2210/pdb2xet/pdb 
PDBE  EBI-43949    ?            ?                   
WWPDB D_1290043949 ?            ?                   
# 
loop_
_pdbx_audit_revision_history.ordinal 
_pdbx_audit_revision_history.data_content_type 
_pdbx_audit_revision_history.major_revision 
_pdbx_audit_revision_history.minor_revision 
_pdbx_audit_revision_history.revision_date 
1 'Structure model' 1 0 2010-09-22 
2 'Structure model' 1 1 2011-05-08 
3 'Structure model' 1 2 2011-07-13 
4 'Structure model' 1 3 2024-11-13 
# 
_pdbx_audit_revision_details.ordinal             1 
_pdbx_audit_revision_details.revision_ordinal    1 
_pdbx_audit_revision_details.data_content_type   'Structure model' 
_pdbx_audit_revision_details.provider            repository 
_pdbx_audit_revision_details.type                'Initial release' 
_pdbx_audit_revision_details.description         ? 
_pdbx_audit_revision_details.details             ? 
# 
loop_
_pdbx_audit_revision_group.ordinal 
_pdbx_audit_revision_group.revision_ordinal 
_pdbx_audit_revision_group.data_content_type 
_pdbx_audit_revision_group.group 
1 2 'Structure model' 'Version format compliance' 
2 3 'Structure model' 'Version format compliance' 
3 4 'Structure model' 'Data collection'           
4 4 'Structure model' 'Database references'       
5 4 'Structure model' 'Derived calculations'      
6 4 'Structure model' Other                       
7 4 'Structure model' 'Structure summary'         
# 
loop_
_pdbx_audit_revision_category.ordinal 
_pdbx_audit_revision_category.revision_ordinal 
_pdbx_audit_revision_category.data_content_type 
_pdbx_audit_revision_category.category 
1 4 'Structure model' chem_comp_atom            
2 4 'Structure model' chem_comp_bond            
3 4 'Structure model' database_2                
4 4 'Structure model' pdbx_database_status      
5 4 'Structure model' pdbx_entry_details        
6 4 'Structure model' pdbx_modification_feature 
7 4 'Structure model' struct_site               
# 
loop_
_pdbx_audit_revision_item.ordinal 
_pdbx_audit_revision_item.revision_ordinal 
_pdbx_audit_revision_item.data_content_type 
_pdbx_audit_revision_item.item 
1 4 'Structure model' '_database_2.pdbx_DOI'                 
2 4 'Structure model' '_database_2.pdbx_database_accession'  
3 4 'Structure model' '_pdbx_database_status.status_code_sf' 
4 4 'Structure model' '_struct_site.pdbx_auth_asym_id'       
5 4 'Structure model' '_struct_site.pdbx_auth_comp_id'       
6 4 'Structure model' '_struct_site.pdbx_auth_seq_id'        
# 
_pdbx_database_status.status_code                     REL 
_pdbx_database_status.entry_id                        2XET 
_pdbx_database_status.deposit_site                    PDBE 
_pdbx_database_status.process_site                    PDBE 
_pdbx_database_status.SG_entry                        . 
_pdbx_database_status.recvd_initial_deposition_date   2010-05-17 
_pdbx_database_status.pdb_format_compatible           Y 
_pdbx_database_status.status_code_sf                  REL 
_pdbx_database_status.status_code_mr                  ? 
_pdbx_database_status.status_code_cs                  ? 
_pdbx_database_status.methods_development_category    ? 
_pdbx_database_status.status_code_nmr_data            ? 
# 
loop_
_audit_author.name 
_audit_author.pdbx_ordinal 
'Dubnovitsky, A.P.' 1 
'Duck, Z.'          2 
'Kersley, J.E.'     3 
'Hard, T.'          4 
'MacIntyre, S.'     5 
'Knight, S.D.'      6 
# 
_citation.id                        primary 
_citation.title                     
'Conserved Hydrophobic Clusters on the Surface of the Caf1A Usher C-Terminal Domain are Important for F1 Antigen Assembly.' 
_citation.journal_abbrev            J.Mol.Biol. 
_citation.journal_volume            403 
_citation.page_first                243 
_citation.page_last                 ? 
_citation.year                      2010 
_citation.journal_id_ASTM           JMOBAK 
_citation.country                   UK 
_citation.journal_id_ISSN           0022-2836 
_citation.journal_id_CSD            0070 
_citation.book_publisher            ? 
_citation.pdbx_database_id_PubMed   20797400 
_citation.pdbx_database_id_DOI      10.1016/J.JMB.2010.08.034 
# 
loop_
_citation_author.citation_id 
_citation_author.name 
_citation_author.ordinal 
_citation_author.identifier_ORCID 
primary 'Dubnovitsky, A.P.' 1 ? 
primary 'Duck, Z.'          2 ? 
primary 'Kersley, J.E.'     3 ? 
primary 'Hard, T.'          4 ? 
primary 'Macintyre, S.'     5 ? 
primary 'Knight, S.D.'      6 ? 
# 
loop_
_entity.id 
_entity.type 
_entity.src_method 
_entity.pdbx_description 
_entity.formula_weight 
_entity.pdbx_number_of_molecules 
_entity.pdbx_ec 
_entity.pdbx_mutation 
_entity.pdbx_fragment 
_entity.details 
1 polymer     man 'F1 CAPSULE-ANCHORING PROTEIN' 9549.886 2   ? ? 'C-TERMINAL DOMAIN, RESIDUES 745-833' ? 
2 non-polymer syn 'SULFATE ION'                  96.063   3   ? ? ?                                     ? 
3 water       nat water                          18.015   222 ? ? ?                                     ? 
# 
_entity_name_com.entity_id   1 
_entity_name_com.name        'CAF1A USHER' 
# 
_entity_poly.entity_id                      1 
_entity_poly.type                           'polypeptide(L)' 
_entity_poly.nstd_linkage                   no 
_entity_poly.nstd_monomer                   no 
_entity_poly.pdbx_seq_one_letter_code       
;GGRLFLHLKRSDNKPVPFGSIVTIEGQSSSSGIVGDNSGVYLTGLPKKSKILVKWGRDKNQSCSSNVVLPEKTDISGAYR
LSTTCILNN
;
_entity_poly.pdbx_seq_one_letter_code_can   
;GGRLFLHLKRSDNKPVPFGSIVTIEGQSSSSGIVGDNSGVYLTGLPKKSKILVKWGRDKNQSCSSNVVLPEKTDISGAYR
LSTTCILNN
;
_entity_poly.pdbx_strand_id                 A,B 
_entity_poly.pdbx_target_identifier         ? 
# 
loop_
_pdbx_entity_nonpoly.entity_id 
_pdbx_entity_nonpoly.name 
_pdbx_entity_nonpoly.comp_id 
2 'SULFATE ION' SO4 
3 water         HOH 
# 
loop_
_entity_poly_seq.entity_id 
_entity_poly_seq.num 
_entity_poly_seq.mon_id 
_entity_poly_seq.hetero 
1 1  GLY n 
1 2  GLY n 
1 3  ARG n 
1 4  LEU n 
1 5  PHE n 
1 6  LEU n 
1 7  HIS n 
1 8  LEU n 
1 9  LYS n 
1 10 ARG n 
1 11 SER n 
1 12 ASP n 
1 13 ASN n 
1 14 LYS n 
1 15 PRO n 
1 16 VAL n 
1 17 PRO n 
1 18 PHE n 
1 19 GLY n 
1 20 SER n 
1 21 ILE n 
1 22 VAL n 
1 23 THR n 
1 24 ILE n 
1 25 GLU n 
1 26 GLY n 
1 27 GLN n 
1 28 SER n 
1 29 SER n 
1 30 SER n 
1 31 SER n 
1 32 GLY n 
1 33 ILE n 
1 34 VAL n 
1 35 GLY n 
1 36 ASP n 
1 37 ASN n 
1 38 SER n 
1 39 GLY n 
1 40 VAL n 
1 41 TYR n 
1 42 LEU n 
1 43 THR n 
1 44 GLY n 
1 45 LEU n 
1 46 PRO n 
1 47 LYS n 
1 48 LYS n 
1 49 SER n 
1 50 LYS n 
1 51 ILE n 
1 52 LEU n 
1 53 VAL n 
1 54 LYS n 
1 55 TRP n 
1 56 GLY n 
1 57 ARG n 
1 58 ASP n 
1 59 LYS n 
1 60 ASN n 
1 61 GLN n 
1 62 SER n 
1 63 CYS n 
1 64 SER n 
1 65 SER n 
1 66 ASN n 
1 67 VAL n 
1 68 VAL n 
1 69 LEU n 
1 70 PRO n 
1 71 GLU n 
1 72 LYS n 
1 73 THR n 
1 74 ASP n 
1 75 ILE n 
1 76 SER n 
1 77 GLY n 
1 78 ALA n 
1 79 TYR n 
1 80 ARG n 
1 81 LEU n 
1 82 SER n 
1 83 THR n 
1 84 THR n 
1 85 CYS n 
1 86 ILE n 
1 87 LEU n 
1 88 ASN n 
1 89 ASN n 
# 
_entity_src_gen.entity_id                          1 
_entity_src_gen.pdbx_src_id                        1 
_entity_src_gen.pdbx_alt_source_flag               sample 
_entity_src_gen.pdbx_seq_type                      ? 
_entity_src_gen.pdbx_beg_seq_num                   ? 
_entity_src_gen.pdbx_end_seq_num                   ? 
_entity_src_gen.gene_src_common_name               ? 
_entity_src_gen.gene_src_genus                     ? 
_entity_src_gen.pdbx_gene_src_gene                 ? 
_entity_src_gen.gene_src_species                   ? 
_entity_src_gen.gene_src_strain                    ? 
_entity_src_gen.gene_src_tissue                    ? 
_entity_src_gen.gene_src_tissue_fraction           ? 
_entity_src_gen.gene_src_details                   ? 
_entity_src_gen.pdbx_gene_src_fragment             ? 
_entity_src_gen.pdbx_gene_src_scientific_name      'YERSINIA PESTIS' 
_entity_src_gen.pdbx_gene_src_ncbi_taxonomy_id     632 
_entity_src_gen.pdbx_gene_src_variant              ? 
_entity_src_gen.pdbx_gene_src_cell_line            ? 
_entity_src_gen.pdbx_gene_src_atcc                 ? 
_entity_src_gen.pdbx_gene_src_organ                ? 
_entity_src_gen.pdbx_gene_src_organelle            ? 
_entity_src_gen.pdbx_gene_src_cell                 ? 
_entity_src_gen.pdbx_gene_src_cellular_location    ? 
_entity_src_gen.host_org_common_name               ? 
_entity_src_gen.pdbx_host_org_scientific_name      'ESCHERICHIA COLI' 
_entity_src_gen.pdbx_host_org_ncbi_taxonomy_id     469008 
_entity_src_gen.host_org_genus                     ? 
_entity_src_gen.pdbx_host_org_gene                 ? 
_entity_src_gen.pdbx_host_org_organ                ? 
_entity_src_gen.host_org_species                   ? 
_entity_src_gen.pdbx_host_org_tissue               ? 
_entity_src_gen.pdbx_host_org_tissue_fraction      ? 
_entity_src_gen.pdbx_host_org_strain               'BL21(DE3) STAR' 
_entity_src_gen.pdbx_host_org_variant              ? 
_entity_src_gen.pdbx_host_org_cell_line            ? 
_entity_src_gen.pdbx_host_org_atcc                 ? 
_entity_src_gen.pdbx_host_org_culture_collection   ? 
_entity_src_gen.pdbx_host_org_cell                 ? 
_entity_src_gen.pdbx_host_org_organelle            ? 
_entity_src_gen.pdbx_host_org_cellular_location    ? 
_entity_src_gen.pdbx_host_org_vector_type          ? 
_entity_src_gen.pdbx_host_org_vector               PET9D 
_entity_src_gen.host_org_details                   ? 
_entity_src_gen.expression_system_id               ? 
_entity_src_gen.plasmid_name                       ? 
_entity_src_gen.plasmid_details                    ? 
_entity_src_gen.pdbx_description                   ? 
# 
loop_
_chem_comp.id 
_chem_comp.type 
_chem_comp.mon_nstd_flag 
_chem_comp.name 
_chem_comp.pdbx_synonyms 
_chem_comp.formula 
_chem_comp.formula_weight 
ALA 'L-peptide linking' y ALANINE         ? 'C3 H7 N O2'     89.093  
ARG 'L-peptide linking' y ARGININE        ? 'C6 H15 N4 O2 1' 175.209 
ASN 'L-peptide linking' y ASPARAGINE      ? 'C4 H8 N2 O3'    132.118 
ASP 'L-peptide linking' y 'ASPARTIC ACID' ? 'C4 H7 N O4'     133.103 
CYS 'L-peptide linking' y CYSTEINE        ? 'C3 H7 N O2 S'   121.158 
GLN 'L-peptide linking' y GLUTAMINE       ? 'C5 H10 N2 O3'   146.144 
GLU 'L-peptide linking' y 'GLUTAMIC ACID' ? 'C5 H9 N O4'     147.129 
GLY 'peptide linking'   y GLYCINE         ? 'C2 H5 N O2'     75.067  
HIS 'L-peptide linking' y HISTIDINE       ? 'C6 H10 N3 O2 1' 156.162 
HOH non-polymer         . WATER           ? 'H2 O'           18.015  
ILE 'L-peptide linking' y ISOLEUCINE      ? 'C6 H13 N O2'    131.173 
LEU 'L-peptide linking' y LEUCINE         ? 'C6 H13 N O2'    131.173 
LYS 'L-peptide linking' y LYSINE          ? 'C6 H15 N2 O2 1' 147.195 
PHE 'L-peptide linking' y PHENYLALANINE   ? 'C9 H11 N O2'    165.189 
PRO 'L-peptide linking' y PROLINE         ? 'C5 H9 N O2'     115.130 
SER 'L-peptide linking' y SERINE          ? 'C3 H7 N O3'     105.093 
SO4 non-polymer         . 'SULFATE ION'   ? 'O4 S -2'        96.063  
THR 'L-peptide linking' y THREONINE       ? 'C4 H9 N O3'     119.119 
TRP 'L-peptide linking' y TRYPTOPHAN      ? 'C11 H12 N2 O2'  204.225 
TYR 'L-peptide linking' y TYROSINE        ? 'C9 H11 N O3'    181.189 
VAL 'L-peptide linking' y VALINE          ? 'C5 H11 N O2'    117.146 
# 
loop_
_pdbx_poly_seq_scheme.asym_id 
_pdbx_poly_seq_scheme.entity_id 
_pdbx_poly_seq_scheme.seq_id 
_pdbx_poly_seq_scheme.mon_id 
_pdbx_poly_seq_scheme.ndb_seq_num 
_pdbx_poly_seq_scheme.pdb_seq_num 
_pdbx_poly_seq_scheme.auth_seq_num 
_pdbx_poly_seq_scheme.pdb_mon_id 
_pdbx_poly_seq_scheme.auth_mon_id 
_pdbx_poly_seq_scheme.pdb_strand_id 
_pdbx_poly_seq_scheme.pdb_ins_code 
_pdbx_poly_seq_scheme.hetero 
A 1 1  GLY 1  723 723 GLY GLY A . n 
A 1 2  GLY 2  724 724 GLY GLY A . n 
A 1 3  ARG 3  725 725 ARG ARG A . n 
A 1 4  LEU 4  726 726 LEU LEU A . n 
A 1 5  PHE 5  727 727 PHE PHE A . n 
A 1 6  LEU 6  728 728 LEU LEU A . n 
A 1 7  HIS 7  729 729 HIS HIS A . n 
A 1 8  LEU 8  730 730 LEU LEU A . n 
A 1 9  LYS 9  731 731 LYS LYS A . n 
A 1 10 ARG 10 732 732 ARG ARG A . n 
A 1 11 SER 11 733 733 SER SER A . n 
A 1 12 ASP 12 734 734 ASP ASP A . n 
A 1 13 ASN 13 735 735 ASN ASN A . n 
A 1 14 LYS 14 736 736 LYS LYS A . n 
A 1 15 PRO 15 737 737 PRO PRO A . n 
A 1 16 VAL 16 738 738 VAL VAL A . n 
A 1 17 PRO 17 739 739 PRO PRO A . n 
A 1 18 PHE 18 740 740 PHE PHE A . n 
A 1 19 GLY 19 741 741 GLY GLY A . n 
A 1 20 SER 20 742 742 SER SER A . n 
A 1 21 ILE 21 743 743 ILE ILE A . n 
A 1 22 VAL 22 744 744 VAL VAL A . n 
A 1 23 THR 23 745 745 THR THR A . n 
A 1 24 ILE 24 746 746 ILE ILE A . n 
A 1 25 GLU 25 747 747 GLU GLU A . n 
A 1 26 GLY 26 748 748 GLY GLY A . n 
A 1 27 GLN 27 749 749 GLN GLN A . n 
A 1 28 SER 28 750 750 SER SER A . n 
A 1 29 SER 29 751 751 SER SER A . n 
A 1 30 SER 30 752 752 SER SER A . n 
A 1 31 SER 31 753 753 SER SER A . n 
A 1 32 GLY 32 754 754 GLY GLY A . n 
A 1 33 ILE 33 755 755 ILE ILE A . n 
A 1 34 VAL 34 756 756 VAL VAL A . n 
A 1 35 GLY 35 757 757 GLY GLY A . n 
A 1 36 ASP 36 758 758 ASP ASP A . n 
A 1 37 ASN 37 759 759 ASN ASN A . n 
A 1 38 SER 38 760 760 SER SER A . n 
A 1 39 GLY 39 761 761 GLY GLY A . n 
A 1 40 VAL 40 762 762 VAL VAL A . n 
A 1 41 TYR 41 763 763 TYR TYR A . n 
A 1 42 LEU 42 764 764 LEU LEU A . n 
A 1 43 THR 43 765 765 THR THR A . n 
A 1 44 GLY 44 766 766 GLY GLY A . n 
A 1 45 LEU 45 767 767 LEU LEU A . n 
A 1 46 PRO 46 768 768 PRO PRO A . n 
A 1 47 LYS 47 769 769 LYS LYS A . n 
A 1 48 LYS 48 770 770 LYS LYS A . n 
A 1 49 SER 49 771 771 SER SER A . n 
A 1 50 LYS 50 772 772 LYS LYS A . n 
A 1 51 ILE 51 773 773 ILE ILE A . n 
A 1 52 LEU 52 774 774 LEU LEU A . n 
A 1 53 VAL 53 775 775 VAL VAL A . n 
A 1 54 LYS 54 776 776 LYS LYS A . n 
A 1 55 TRP 55 777 777 TRP TRP A . n 
A 1 56 GLY 56 778 778 GLY GLY A . n 
A 1 57 ARG 57 779 779 ARG ARG A . n 
A 1 58 ASP 58 780 780 ASP ASP A . n 
A 1 59 LYS 59 781 781 LYS LYS A . n 
A 1 60 ASN 60 782 782 ASN ASN A . n 
A 1 61 GLN 61 783 783 GLN GLN A . n 
A 1 62 SER 62 784 784 SER SER A . n 
A 1 63 CYS 63 785 785 CYS CYS A . n 
A 1 64 SER 64 786 786 SER SER A . n 
A 1 65 SER 65 787 787 SER SER A . n 
A 1 66 ASN 66 788 788 ASN ASN A . n 
A 1 67 VAL 67 789 789 VAL VAL A . n 
A 1 68 VAL 68 790 790 VAL VAL A . n 
A 1 69 LEU 69 791 791 LEU LEU A . n 
A 1 70 PRO 70 792 792 PRO PRO A . n 
A 1 71 GLU 71 793 793 GLU GLU A . n 
A 1 72 LYS 72 794 794 LYS LYS A . n 
A 1 73 THR 73 795 795 THR THR A . n 
A 1 74 ASP 74 796 796 ASP ASP A . n 
A 1 75 ILE 75 797 797 ILE ILE A . n 
A 1 76 SER 76 798 798 SER SER A . n 
A 1 77 GLY 77 799 799 GLY GLY A . n 
A 1 78 ALA 78 800 800 ALA ALA A . n 
A 1 79 TYR 79 801 801 TYR TYR A . n 
A 1 80 ARG 80 802 802 ARG ARG A . n 
A 1 81 LEU 81 803 803 LEU LEU A . n 
A 1 82 SER 82 804 804 SER SER A . n 
A 1 83 THR 83 805 805 THR THR A . n 
A 1 84 THR 84 806 806 THR THR A . n 
A 1 85 CYS 85 807 807 CYS CYS A . n 
A 1 86 ILE 86 808 808 ILE ILE A . n 
A 1 87 LEU 87 809 809 LEU LEU A . n 
A 1 88 ASN 88 810 810 ASN ASN A . n 
A 1 89 ASN 89 811 811 ASN ASN A . n 
B 1 1  GLY 1  723 ?   ?   ?   B . n 
B 1 2  GLY 2  724 724 GLY GLY B . n 
B 1 3  ARG 3  725 725 ARG ARG B . n 
B 1 4  LEU 4  726 726 LEU LEU B . n 
B 1 5  PHE 5  727 727 PHE PHE B . n 
B 1 6  LEU 6  728 728 LEU LEU B . n 
B 1 7  HIS 7  729 729 HIS HIS B . n 
B 1 8  LEU 8  730 730 LEU LEU B . n 
B 1 9  LYS 9  731 731 LYS LYS B . n 
B 1 10 ARG 10 732 732 ARG ARG B . n 
B 1 11 SER 11 733 733 SER SER B . n 
B 1 12 ASP 12 734 734 ASP ASP B . n 
B 1 13 ASN 13 735 735 ASN ASN B . n 
B 1 14 LYS 14 736 736 LYS LYS B . n 
B 1 15 PRO 15 737 737 PRO PRO B . n 
B 1 16 VAL 16 738 738 VAL VAL B . n 
B 1 17 PRO 17 739 739 PRO PRO B . n 
B 1 18 PHE 18 740 740 PHE PHE B . n 
B 1 19 GLY 19 741 741 GLY GLY B . n 
B 1 20 SER 20 742 742 SER SER B . n 
B 1 21 ILE 21 743 743 ILE ILE B . n 
B 1 22 VAL 22 744 744 VAL VAL B . n 
B 1 23 THR 23 745 745 THR THR B . n 
B 1 24 ILE 24 746 746 ILE ILE B . n 
B 1 25 GLU 25 747 747 GLU GLU B . n 
B 1 26 GLY 26 748 748 GLY GLY B . n 
B 1 27 GLN 27 749 749 GLN GLN B . n 
B 1 28 SER 28 750 750 SER SER B . n 
B 1 29 SER 29 751 751 SER SER B . n 
B 1 30 SER 30 752 752 SER SER B . n 
B 1 31 SER 31 753 753 SER SER B . n 
B 1 32 GLY 32 754 754 GLY GLY B . n 
B 1 33 ILE 33 755 755 ILE ILE B . n 
B 1 34 VAL 34 756 756 VAL VAL B . n 
B 1 35 GLY 35 757 757 GLY GLY B . n 
B 1 36 ASP 36 758 758 ASP ASP B . n 
B 1 37 ASN 37 759 759 ASN ASN B . n 
B 1 38 SER 38 760 760 SER SER B . n 
B 1 39 GLY 39 761 761 GLY GLY B . n 
B 1 40 VAL 40 762 762 VAL VAL B . n 
B 1 41 TYR 41 763 763 TYR TYR B . n 
B 1 42 LEU 42 764 764 LEU LEU B . n 
B 1 43 THR 43 765 765 THR THR B . n 
B 1 44 GLY 44 766 766 GLY GLY B . n 
B 1 45 LEU 45 767 767 LEU LEU B . n 
B 1 46 PRO 46 768 768 PRO PRO B . n 
B 1 47 LYS 47 769 769 LYS LYS B . n 
B 1 48 LYS 48 770 770 LYS LYS B . n 
B 1 49 SER 49 771 771 SER SER B . n 
B 1 50 LYS 50 772 772 LYS LYS B . n 
B 1 51 ILE 51 773 773 ILE ILE B . n 
B 1 52 LEU 52 774 774 LEU LEU B . n 
B 1 53 VAL 53 775 775 VAL VAL B . n 
B 1 54 LYS 54 776 776 LYS LYS B . n 
B 1 55 TRP 55 777 777 TRP TRP B . n 
B 1 56 GLY 56 778 778 GLY GLY B . n 
B 1 57 ARG 57 779 779 ARG ARG B . n 
B 1 58 ASP 58 780 780 ASP ASP B . n 
B 1 59 LYS 59 781 781 LYS LYS B . n 
B 1 60 ASN 60 782 782 ASN ASN B . n 
B 1 61 GLN 61 783 783 GLN GLN B . n 
B 1 62 SER 62 784 784 SER SER B . n 
B 1 63 CYS 63 785 785 CYS CYS B . n 
B 1 64 SER 64 786 786 SER SER B . n 
B 1 65 SER 65 787 787 SER SER B . n 
B 1 66 ASN 66 788 788 ASN ASN B . n 
B 1 67 VAL 67 789 789 VAL VAL B . n 
B 1 68 VAL 68 790 790 VAL VAL B . n 
B 1 69 LEU 69 791 791 LEU LEU B . n 
B 1 70 PRO 70 792 792 PRO PRO B . n 
B 1 71 GLU 71 793 793 GLU GLU B . n 
B 1 72 LYS 72 794 794 LYS LYS B . n 
B 1 73 THR 73 795 795 THR THR B . n 
B 1 74 ASP 74 796 796 ASP ASP B . n 
B 1 75 ILE 75 797 797 ILE ILE B . n 
B 1 76 SER 76 798 798 SER SER B . n 
B 1 77 GLY 77 799 799 GLY GLY B . n 
B 1 78 ALA 78 800 800 ALA ALA B . n 
B 1 79 TYR 79 801 801 TYR TYR B . n 
B 1 80 ARG 80 802 802 ARG ARG B . n 
B 1 81 LEU 81 803 803 LEU LEU B . n 
B 1 82 SER 82 804 804 SER SER B . n 
B 1 83 THR 83 805 805 THR THR B . n 
B 1 84 THR 84 806 806 THR THR B . n 
B 1 85 CYS 85 807 807 CYS CYS B . n 
B 1 86 ILE 86 808 808 ILE ILE B . n 
B 1 87 LEU 87 809 809 LEU LEU B . n 
B 1 88 ASN 88 810 810 ASN ASN B . n 
B 1 89 ASN 89 811 811 ASN ASN B . n 
# 
loop_
_pdbx_nonpoly_scheme.asym_id 
_pdbx_nonpoly_scheme.entity_id 
_pdbx_nonpoly_scheme.mon_id 
_pdbx_nonpoly_scheme.ndb_seq_num 
_pdbx_nonpoly_scheme.pdb_seq_num 
_pdbx_nonpoly_scheme.auth_seq_num 
_pdbx_nonpoly_scheme.pdb_mon_id 
_pdbx_nonpoly_scheme.auth_mon_id 
_pdbx_nonpoly_scheme.pdb_strand_id 
_pdbx_nonpoly_scheme.pdb_ins_code 
C 2 SO4 1   1090 1090 SO4 SO4 A . 
D 2 SO4 1   1091 1091 SO4 SO4 A . 
E 2 SO4 1   1090 1090 SO4 SO4 B . 
F 3 HOH 1   2001 2001 HOH HOH A . 
F 3 HOH 2   2002 2002 HOH HOH A . 
F 3 HOH 3   2003 2003 HOH HOH A . 
F 3 HOH 4   2004 2004 HOH HOH A . 
F 3 HOH 5   2005 2005 HOH HOH A . 
F 3 HOH 6   2006 2006 HOH HOH A . 
F 3 HOH 7   2007 2007 HOH HOH A . 
F 3 HOH 8   2008 2008 HOH HOH A . 
F 3 HOH 9   2009 2009 HOH HOH A . 
F 3 HOH 10  2010 2010 HOH HOH A . 
F 3 HOH 11  2011 2011 HOH HOH A . 
F 3 HOH 12  2012 2012 HOH HOH A . 
F 3 HOH 13  2013 2013 HOH HOH A . 
F 3 HOH 14  2014 2014 HOH HOH A . 
F 3 HOH 15  2015 2015 HOH HOH A . 
F 3 HOH 16  2016 2016 HOH HOH A . 
F 3 HOH 17  2017 2017 HOH HOH A . 
F 3 HOH 18  2018 2018 HOH HOH A . 
F 3 HOH 19  2019 2019 HOH HOH A . 
F 3 HOH 20  2020 2020 HOH HOH A . 
F 3 HOH 21  2021 2021 HOH HOH A . 
F 3 HOH 22  2022 2022 HOH HOH A . 
F 3 HOH 23  2023 2023 HOH HOH A . 
F 3 HOH 24  2024 2024 HOH HOH A . 
F 3 HOH 25  2025 2025 HOH HOH A . 
F 3 HOH 26  2026 2026 HOH HOH A . 
F 3 HOH 27  2027 2027 HOH HOH A . 
F 3 HOH 28  2028 2028 HOH HOH A . 
F 3 HOH 29  2029 2029 HOH HOH A . 
F 3 HOH 30  2030 2030 HOH HOH A . 
F 3 HOH 31  2031 2031 HOH HOH A . 
F 3 HOH 32  2032 2032 HOH HOH A . 
F 3 HOH 33  2033 2033 HOH HOH A . 
F 3 HOH 34  2034 2034 HOH HOH A . 
F 3 HOH 35  2035 2035 HOH HOH A . 
F 3 HOH 36  2036 2036 HOH HOH A . 
F 3 HOH 37  2037 2037 HOH HOH A . 
F 3 HOH 38  2038 2038 HOH HOH A . 
F 3 HOH 39  2039 2039 HOH HOH A . 
F 3 HOH 40  2040 2040 HOH HOH A . 
F 3 HOH 41  2041 2041 HOH HOH A . 
F 3 HOH 42  2042 2042 HOH HOH A . 
F 3 HOH 43  2043 2043 HOH HOH A . 
F 3 HOH 44  2044 2044 HOH HOH A . 
F 3 HOH 45  2046 2046 HOH HOH A . 
F 3 HOH 46  2047 2047 HOH HOH A . 
F 3 HOH 47  2048 2048 HOH HOH A . 
F 3 HOH 48  2049 2049 HOH HOH A . 
F 3 HOH 49  2050 2050 HOH HOH A . 
F 3 HOH 50  2051 2051 HOH HOH A . 
F 3 HOH 51  2052 2052 HOH HOH A . 
F 3 HOH 52  2053 2053 HOH HOH A . 
F 3 HOH 53  2054 2054 HOH HOH A . 
F 3 HOH 54  2055 2055 HOH HOH A . 
F 3 HOH 55  2056 2056 HOH HOH A . 
F 3 HOH 56  2057 2057 HOH HOH A . 
F 3 HOH 57  2058 2058 HOH HOH A . 
F 3 HOH 58  2059 2059 HOH HOH A . 
F 3 HOH 59  2060 2060 HOH HOH A . 
F 3 HOH 60  2061 2061 HOH HOH A . 
F 3 HOH 61  2062 2062 HOH HOH A . 
F 3 HOH 62  2063 2063 HOH HOH A . 
F 3 HOH 63  2064 2064 HOH HOH A . 
F 3 HOH 64  2065 2065 HOH HOH A . 
F 3 HOH 65  2066 2066 HOH HOH A . 
F 3 HOH 66  2067 2067 HOH HOH A . 
F 3 HOH 67  2068 2068 HOH HOH A . 
F 3 HOH 68  2069 2069 HOH HOH A . 
F 3 HOH 69  2070 2070 HOH HOH A . 
F 3 HOH 70  2071 2071 HOH HOH A . 
F 3 HOH 71  2072 2072 HOH HOH A . 
F 3 HOH 72  2073 2073 HOH HOH A . 
F 3 HOH 73  2074 2074 HOH HOH A . 
F 3 HOH 74  2075 2075 HOH HOH A . 
F 3 HOH 75  2076 2076 HOH HOH A . 
F 3 HOH 76  2077 2077 HOH HOH A . 
F 3 HOH 77  2078 2078 HOH HOH A . 
F 3 HOH 78  2079 2079 HOH HOH A . 
F 3 HOH 79  2080 2080 HOH HOH A . 
F 3 HOH 80  2081 2081 HOH HOH A . 
F 3 HOH 81  2082 2082 HOH HOH A . 
F 3 HOH 82  2083 2083 HOH HOH A . 
F 3 HOH 83  2084 2084 HOH HOH A . 
F 3 HOH 84  2085 2085 HOH HOH A . 
F 3 HOH 85  2086 2086 HOH HOH A . 
F 3 HOH 86  2087 2087 HOH HOH A . 
F 3 HOH 87  2088 2088 HOH HOH A . 
F 3 HOH 88  2089 2089 HOH HOH A . 
F 3 HOH 89  2090 2090 HOH HOH A . 
F 3 HOH 90  2091 2091 HOH HOH A . 
F 3 HOH 91  2092 2092 HOH HOH A . 
F 3 HOH 92  2093 2093 HOH HOH A . 
F 3 HOH 93  2094 2094 HOH HOH A . 
F 3 HOH 94  2095 2095 HOH HOH A . 
F 3 HOH 95  2096 2096 HOH HOH A . 
F 3 HOH 96  2097 2097 HOH HOH A . 
F 3 HOH 97  2098 2098 HOH HOH A . 
F 3 HOH 98  2099 2099 HOH HOH A . 
F 3 HOH 99  2100 2100 HOH HOH A . 
F 3 HOH 100 2101 2101 HOH HOH A . 
F 3 HOH 101 2102 2102 HOH HOH A . 
F 3 HOH 102 2103 2103 HOH HOH A . 
F 3 HOH 103 2104 2104 HOH HOH A . 
F 3 HOH 104 2105 2105 HOH HOH A . 
F 3 HOH 105 2106 2106 HOH HOH A . 
F 3 HOH 106 2108 2108 HOH HOH A . 
F 3 HOH 107 2109 2109 HOH HOH A . 
F 3 HOH 108 2110 2110 HOH HOH A . 
F 3 HOH 109 2111 2111 HOH HOH A . 
F 3 HOH 110 2112 2112 HOH HOH A . 
F 3 HOH 111 2113 2113 HOH HOH A . 
F 3 HOH 112 2114 2114 HOH HOH A . 
F 3 HOH 113 2115 2115 HOH HOH A . 
G 3 HOH 1   2001 2001 HOH HOH B . 
G 3 HOH 2   2002 2002 HOH HOH B . 
G 3 HOH 3   2003 2003 HOH HOH B . 
G 3 HOH 4   2004 2004 HOH HOH B . 
G 3 HOH 5   2005 2005 HOH HOH B . 
G 3 HOH 6   2006 2006 HOH HOH B . 
G 3 HOH 7   2007 2007 HOH HOH B . 
G 3 HOH 8   2008 2008 HOH HOH B . 
G 3 HOH 9   2009 2009 HOH HOH B . 
G 3 HOH 10  2010 2010 HOH HOH B . 
G 3 HOH 11  2011 2011 HOH HOH B . 
G 3 HOH 12  2012 2012 HOH HOH B . 
G 3 HOH 13  2013 2013 HOH HOH B . 
G 3 HOH 14  2015 2015 HOH HOH B . 
G 3 HOH 15  2016 2016 HOH HOH B . 
G 3 HOH 16  2017 2017 HOH HOH B . 
G 3 HOH 17  2018 2018 HOH HOH B . 
G 3 HOH 18  2019 2019 HOH HOH B . 
G 3 HOH 19  2020 2020 HOH HOH B . 
G 3 HOH 20  2021 2021 HOH HOH B . 
G 3 HOH 21  2022 2022 HOH HOH B . 
G 3 HOH 22  2023 2023 HOH HOH B . 
G 3 HOH 23  2024 2024 HOH HOH B . 
G 3 HOH 24  2025 2025 HOH HOH B . 
G 3 HOH 25  2026 2026 HOH HOH B . 
G 3 HOH 26  2027 2027 HOH HOH B . 
G 3 HOH 27  2028 2028 HOH HOH B . 
G 3 HOH 28  2029 2029 HOH HOH B . 
G 3 HOH 29  2030 2030 HOH HOH B . 
G 3 HOH 30  2031 2031 HOH HOH B . 
G 3 HOH 31  2032 2032 HOH HOH B . 
G 3 HOH 32  2033 2033 HOH HOH B . 
G 3 HOH 33  2034 2034 HOH HOH B . 
G 3 HOH 34  2035 2035 HOH HOH B . 
G 3 HOH 35  2036 2036 HOH HOH B . 
G 3 HOH 36  2037 2037 HOH HOH B . 
G 3 HOH 37  2038 2038 HOH HOH B . 
G 3 HOH 38  2039 2039 HOH HOH B . 
G 3 HOH 39  2040 2040 HOH HOH B . 
G 3 HOH 40  2041 2041 HOH HOH B . 
G 3 HOH 41  2042 2042 HOH HOH B . 
G 3 HOH 42  2043 2043 HOH HOH B . 
G 3 HOH 43  2044 2044 HOH HOH B . 
G 3 HOH 44  2045 2045 HOH HOH B . 
G 3 HOH 45  2046 2046 HOH HOH B . 
G 3 HOH 46  2047 2047 HOH HOH B . 
G 3 HOH 47  2048 2048 HOH HOH B . 
G 3 HOH 48  2049 2049 HOH HOH B . 
G 3 HOH 49  2050 2050 HOH HOH B . 
G 3 HOH 50  2051 2051 HOH HOH B . 
G 3 HOH 51  2052 2052 HOH HOH B . 
G 3 HOH 52  2053 2053 HOH HOH B . 
G 3 HOH 53  2054 2054 HOH HOH B . 
G 3 HOH 54  2055 2055 HOH HOH B . 
G 3 HOH 55  2056 2056 HOH HOH B . 
G 3 HOH 56  2057 2057 HOH HOH B . 
G 3 HOH 57  2058 2058 HOH HOH B . 
G 3 HOH 58  2059 2059 HOH HOH B . 
G 3 HOH 59  2060 2060 HOH HOH B . 
G 3 HOH 60  2061 2061 HOH HOH B . 
G 3 HOH 61  2062 2062 HOH HOH B . 
G 3 HOH 62  2063 2063 HOH HOH B . 
G 3 HOH 63  2064 2064 HOH HOH B . 
G 3 HOH 64  2065 2065 HOH HOH B . 
G 3 HOH 65  2066 2066 HOH HOH B . 
G 3 HOH 66  2067 2067 HOH HOH B . 
G 3 HOH 67  2068 2068 HOH HOH B . 
G 3 HOH 68  2069 2069 HOH HOH B . 
G 3 HOH 69  2070 2070 HOH HOH B . 
G 3 HOH 70  2071 2071 HOH HOH B . 
G 3 HOH 71  2072 2072 HOH HOH B . 
G 3 HOH 72  2073 2073 HOH HOH B . 
G 3 HOH 73  2074 2074 HOH HOH B . 
G 3 HOH 74  2075 2075 HOH HOH B . 
G 3 HOH 75  2076 2076 HOH HOH B . 
G 3 HOH 76  2077 2077 HOH HOH B . 
G 3 HOH 77  2078 2078 HOH HOH B . 
G 3 HOH 78  2079 2079 HOH HOH B . 
G 3 HOH 79  2080 2080 HOH HOH B . 
G 3 HOH 80  2081 2081 HOH HOH B . 
G 3 HOH 81  2082 2082 HOH HOH B . 
G 3 HOH 82  2083 2083 HOH HOH B . 
G 3 HOH 83  2084 2084 HOH HOH B . 
G 3 HOH 84  2085 2085 HOH HOH B . 
G 3 HOH 85  2086 2086 HOH HOH B . 
G 3 HOH 86  2087 2087 HOH HOH B . 
G 3 HOH 87  2088 2088 HOH HOH B . 
G 3 HOH 88  2089 2089 HOH HOH B . 
G 3 HOH 89  2090 2090 HOH HOH B . 
G 3 HOH 90  2091 2091 HOH HOH B . 
G 3 HOH 91  2092 2092 HOH HOH B . 
G 3 HOH 92  2093 2093 HOH HOH B . 
G 3 HOH 93  2094 2094 HOH HOH B . 
G 3 HOH 94  2095 2095 HOH HOH B . 
G 3 HOH 95  2096 2096 HOH HOH B . 
G 3 HOH 96  2097 2097 HOH HOH B . 
G 3 HOH 97  2098 2098 HOH HOH B . 
G 3 HOH 98  2099 2099 HOH HOH B . 
G 3 HOH 99  2100 2100 HOH HOH B . 
G 3 HOH 100 2101 2101 HOH HOH B . 
G 3 HOH 101 2102 2102 HOH HOH B . 
G 3 HOH 102 2103 2103 HOH HOH B . 
G 3 HOH 103 2104 2104 HOH HOH B . 
G 3 HOH 104 2105 2105 HOH HOH B . 
G 3 HOH 105 2106 2106 HOH HOH B . 
G 3 HOH 106 2107 2107 HOH HOH B . 
G 3 HOH 107 2108 2108 HOH HOH B . 
G 3 HOH 108 2109 2109 HOH HOH B . 
G 3 HOH 109 2110 2110 HOH HOH B . 
# 
loop_
_pdbx_unobs_or_zero_occ_atoms.id 
_pdbx_unobs_or_zero_occ_atoms.PDB_model_num 
_pdbx_unobs_or_zero_occ_atoms.polymer_flag 
_pdbx_unobs_or_zero_occ_atoms.occupancy_flag 
_pdbx_unobs_or_zero_occ_atoms.auth_asym_id 
_pdbx_unobs_or_zero_occ_atoms.auth_comp_id 
_pdbx_unobs_or_zero_occ_atoms.auth_seq_id 
_pdbx_unobs_or_zero_occ_atoms.PDB_ins_code 
_pdbx_unobs_or_zero_occ_atoms.auth_atom_id 
_pdbx_unobs_or_zero_occ_atoms.label_alt_id 
_pdbx_unobs_or_zero_occ_atoms.label_asym_id 
_pdbx_unobs_or_zero_occ_atoms.label_comp_id 
_pdbx_unobs_or_zero_occ_atoms.label_seq_id 
_pdbx_unobs_or_zero_occ_atoms.label_atom_id 
1 1 Y 1 A GLU 747 ? CD  ? A GLU 25 CD  
2 1 Y 1 A GLU 747 ? OE1 ? A GLU 25 OE1 
3 1 Y 1 A GLU 747 ? OE2 ? A GLU 25 OE2 
4 1 Y 1 B LYS 769 ? NZ  ? B LYS 47 NZ  
5 1 Y 1 B LYS 772 ? CE  ? B LYS 50 CE  
6 1 Y 1 B LYS 772 ? NZ  ? B LYS 50 NZ  
# 
loop_
_software.name 
_software.classification 
_software.version 
_software.citation_id 
_software.pdbx_ordinal 
DENZO     'data reduction' .        ? 1 
SCALEPACK 'data scaling'   .        ? 2 
SHELX     phasing          .        ? 3 
SHARP     phasing          .        ? 4 
REFMAC    refinement       5.2.0019 ? 5 
# 
_cell.entry_id           2XET 
_cell.length_a           39.669 
_cell.length_b           40.336 
_cell.length_c           44.862 
_cell.angle_alpha        90.00 
_cell.angle_beta         92.69 
_cell.angle_gamma        90.00 
_cell.Z_PDB              4 
_cell.pdbx_unique_axis   ? 
# 
_symmetry.entry_id                         2XET 
_symmetry.space_group_name_H-M             'P 1 21 1' 
_symmetry.pdbx_full_space_group_name_H-M   ? 
_symmetry.cell_setting                     ? 
_symmetry.Int_Tables_number                4 
# 
_exptl.entry_id          2XET 
_exptl.method            'X-RAY DIFFRACTION' 
_exptl.crystals_number   1 
# 
_exptl_crystal.id                    1 
_exptl_crystal.density_meas          ? 
_exptl_crystal.density_Matthews      1.84 
_exptl_crystal.density_percent_sol   33 
_exptl_crystal.description           NONE 
# 
_exptl_crystal_grow.crystal_id      1 
_exptl_crystal_grow.method          ? 
_exptl_crystal_grow.temp            ? 
_exptl_crystal_grow.temp_details    ? 
_exptl_crystal_grow.pH              3 
_exptl_crystal_grow.pdbx_pH_range   ? 
_exptl_crystal_grow.pdbx_details    
'0.2M LISO4, 12-15% PEG8000, 4% PEG400, 0.1M NA-CITRATE PH2.8-3.0, PROTEIN 15 G/L, MIXED 1:1, MICROSEEDING' 
# 
loop_
_diffrn.id 
_diffrn.ambient_temp 
_diffrn.ambient_temp_details 
_diffrn.crystal_id 
1 100 ? 1 
2 ?   ? 1 
# 
loop_
_diffrn_detector.diffrn_id 
_diffrn_detector.detector 
_diffrn_detector.type 
_diffrn_detector.pdbx_collection_date 
_diffrn_detector.details 
1 CCD 'ADSC CCD' 2008-06-28 ? 
2 CCD 'ADSC CCD' ?          ? 
# 
loop_
_diffrn_radiation.diffrn_id 
_diffrn_radiation.wavelength_id 
_diffrn_radiation.pdbx_monochromatic_or_laue_m_l 
_diffrn_radiation.monochromator 
_diffrn_radiation.pdbx_diffrn_protocol 
_diffrn_radiation.pdbx_scattering_type 
1 1 M ? 'SINGLE WAVELENGTH' x-ray 
2 1 M ? ?                   x-ray 
# 
loop_
_diffrn_radiation_wavelength.id 
_diffrn_radiation_wavelength.wavelength 
_diffrn_radiation_wavelength.wt 
1 1.069 1.0 
2 0.933 1.0 
# 
loop_
_diffrn_source.diffrn_id 
_diffrn_source.source 
_diffrn_source.type 
_diffrn_source.pdbx_synchrotron_site 
_diffrn_source.pdbx_synchrotron_beamline 
_diffrn_source.pdbx_wavelength 
_diffrn_source.pdbx_wavelength_list 
1 SYNCHROTRON 'ESRF BEAMLINE ID23-1' ESRF ID23-1 1.069 ? 
2 SYNCHROTRON 'ESRF BEAMLINE ID14-2' ESRF ID14-2 0.933 ? 
# 
_reflns.pdbx_diffrn_id               1 
_reflns.pdbx_ordinal                 1 
_reflns.entry_id                     2XET 
_reflns.observed_criterion_sigma_I   2.0 
_reflns.observed_criterion_sigma_F   ? 
_reflns.d_resolution_low             40.00 
_reflns.d_resolution_high            1.60 
_reflns.number_obs                   17753 
_reflns.number_all                   ? 
_reflns.percent_possible_obs         94.3 
_reflns.pdbx_Rmerge_I_obs            0.08 
_reflns.pdbx_Rsym_value              ? 
_reflns.pdbx_netI_over_sigmaI        12.30 
_reflns.B_iso_Wilson_estimate        12.2 
_reflns.pdbx_redundancy              3.7 
# 
_reflns_shell.pdbx_diffrn_id         1 
_reflns_shell.pdbx_ordinal           1 
_reflns_shell.d_res_high             1.60 
_reflns_shell.d_res_low              1.64 
_reflns_shell.percent_possible_all   80.2 
_reflns_shell.Rmerge_I_obs           0.39 
_reflns_shell.pdbx_Rsym_value        ? 
_reflns_shell.meanI_over_sigI_obs    3.50 
_reflns_shell.pdbx_redundancy        3.5 
# 
_refine.pdbx_refine_id                           'X-RAY DIFFRACTION' 
_refine.entry_id                                 2XET 
_refine.pdbx_diffrn_id                           1 
_refine.pdbx_TLS_residual_ADP_flag               ? 
_refine.ls_number_reflns_obs                     17742 
_refine.ls_number_reflns_all                     ? 
_refine.pdbx_ls_sigma_I                          ? 
_refine.pdbx_ls_sigma_F                          . 
_refine.pdbx_data_cutoff_high_absF               ? 
_refine.pdbx_data_cutoff_low_absF                ? 
_refine.pdbx_data_cutoff_high_rms_absF           ? 
_refine.ls_d_res_low                             40.00 
_refine.ls_d_res_high                            1.60 
_refine.ls_percent_reflns_obs                    93.93 
_refine.ls_R_factor_obs                          0.1678 
_refine.ls_R_factor_all                          ? 
_refine.ls_R_factor_R_work                       0.167 
_refine.ls_R_factor_R_free                       0.209 
_refine.ls_R_factor_R_free_error                 ? 
_refine.ls_R_factor_R_free_error_details         ? 
_refine.ls_percent_reflns_R_free                 5.2 
_refine.ls_number_reflns_R_free                  915 
_refine.ls_number_parameters                     ? 
_refine.ls_number_restraints                     ? 
_refine.occupancy_min                            ? 
_refine.occupancy_max                            ? 
_refine.correlation_coeff_Fo_to_Fc               0.957 
_refine.correlation_coeff_Fo_to_Fc_free          ? 
_refine.B_iso_mean                               11.220 
_refine.aniso_B[1][1]                            1.40 
_refine.aniso_B[2][2]                            -0.89 
_refine.aniso_B[3][3]                            -0.50 
_refine.aniso_B[1][2]                            0.00 
_refine.aniso_B[1][3]                            0.12 
_refine.aniso_B[2][3]                            0.00 
_refine.solvent_model_details                    MASK 
_refine.solvent_model_param_ksol                 ? 
_refine.solvent_model_param_bsol                 ? 
_refine.pdbx_solvent_vdw_probe_radii             1.40 
_refine.pdbx_solvent_ion_probe_radii             0.80 
_refine.pdbx_solvent_shrinkage_radii             0.80 
_refine.pdbx_ls_cross_valid_method               THROUGHOUT 
_refine.details                                  'HYDROGENS HAVE BEEN ADDED IN THE RIDING POSITIONS.' 
_refine.pdbx_starting_model                      NONE 
_refine.pdbx_method_to_determine_struct          SIRAS 
_refine.pdbx_isotropic_thermal_model             ? 
_refine.pdbx_stereochemistry_target_values       'MAXIMUM LIKELIHOOD' 
_refine.pdbx_stereochem_target_val_spec_case     ? 
_refine.pdbx_R_Free_selection_details            RANDOM 
_refine.pdbx_overall_ESU_R                       0.102 
_refine.pdbx_overall_ESU_R_Free                  ? 
_refine.overall_SU_ML                            0.048 
_refine.pdbx_overall_phase_error                 ? 
_refine.overall_SU_B                             1.319 
_refine.overall_SU_R_Cruickshank_DPI             ? 
_refine.pdbx_overall_SU_R_free_Cruickshank_DPI   ? 
_refine.pdbx_overall_SU_R_Blow_DPI               ? 
_refine.pdbx_overall_SU_R_free_Blow_DPI          ? 
# 
_refine_hist.pdbx_refine_id                   'X-RAY DIFFRACTION' 
_refine_hist.cycle_id                         LAST 
_refine_hist.pdbx_number_atoms_protein        1330 
_refine_hist.pdbx_number_atoms_nucleic_acid   0 
_refine_hist.pdbx_number_atoms_ligand         15 
_refine_hist.number_atoms_solvent             222 
_refine_hist.number_atoms_total               1567 
_refine_hist.d_res_high                       1.60 
_refine_hist.d_res_low                        40.00 
# 
loop_
_refine_ls_restr.type 
_refine_ls_restr.dev_ideal 
_refine_ls_restr.dev_ideal_target 
_refine_ls_restr.weight 
_refine_ls_restr.number 
_refine_ls_restr.pdbx_refine_id 
_refine_ls_restr.pdbx_restraint_function 
r_bond_refined_d             0.012  0.022  ? 1370 'X-RAY DIFFRACTION' ? 
r_bond_other_d               ?      ?      ? ?    'X-RAY DIFFRACTION' ? 
r_angle_refined_deg          1.333  1.991  ? 1850 'X-RAY DIFFRACTION' ? 
r_angle_other_deg            ?      ?      ? ?    'X-RAY DIFFRACTION' ? 
r_dihedral_angle_1_deg       6.473  5.000  ? 175  'X-RAY DIFFRACTION' ? 
r_dihedral_angle_2_deg       32.600 24.043 ? 47   'X-RAY DIFFRACTION' ? 
r_dihedral_angle_3_deg       11.858 15.000 ? 252  'X-RAY DIFFRACTION' ? 
r_dihedral_angle_4_deg       23.337 15.000 ? 8    'X-RAY DIFFRACTION' ? 
r_chiral_restr               0.094  0.200  ? 212  'X-RAY DIFFRACTION' ? 
r_gen_planes_refined         0.005  0.020  ? 980  'X-RAY DIFFRACTION' ? 
r_gen_planes_other           ?      ?      ? ?    'X-RAY DIFFRACTION' ? 
r_nbd_refined                0.201  0.200  ? 516  'X-RAY DIFFRACTION' ? 
r_nbd_other                  ?      ?      ? ?    'X-RAY DIFFRACTION' ? 
r_nbtor_refined              0.298  0.200  ? 936  'X-RAY DIFFRACTION' ? 
r_nbtor_other                ?      ?      ? ?    'X-RAY DIFFRACTION' ? 
r_xyhbond_nbd_refined        0.150  0.200  ? 149  'X-RAY DIFFRACTION' ? 
r_xyhbond_nbd_other          ?      ?      ? ?    'X-RAY DIFFRACTION' ? 
r_metal_ion_refined          ?      ?      ? ?    'X-RAY DIFFRACTION' ? 
r_metal_ion_other            ?      ?      ? ?    'X-RAY DIFFRACTION' ? 
r_symmetry_vdw_refined       0.174  0.200  ? 87   'X-RAY DIFFRACTION' ? 
r_symmetry_vdw_other         ?      ?      ? ?    'X-RAY DIFFRACTION' ? 
r_symmetry_hbond_refined     0.171  0.200  ? 36   'X-RAY DIFFRACTION' ? 
r_symmetry_hbond_other       ?      ?      ? ?    'X-RAY DIFFRACTION' ? 
r_symmetry_metal_ion_refined ?      ?      ? ?    'X-RAY DIFFRACTION' ? 
r_symmetry_metal_ion_other   ?      ?      ? ?    'X-RAY DIFFRACTION' ? 
r_mcbond_it                  0.900  1.500  ? 904  'X-RAY DIFFRACTION' ? 
r_mcbond_other               ?      ?      ? ?    'X-RAY DIFFRACTION' ? 
r_mcangle_it                 1.360  2.000  ? 1420 'X-RAY DIFFRACTION' ? 
r_mcangle_other              ?      ?      ? ?    'X-RAY DIFFRACTION' ? 
r_scbond_it                  2.103  3.000  ? 530  'X-RAY DIFFRACTION' ? 
r_scbond_other               ?      ?      ? ?    'X-RAY DIFFRACTION' ? 
r_scangle_it                 3.301  4.500  ? 430  'X-RAY DIFFRACTION' ? 
r_scangle_other              ?      ?      ? ?    'X-RAY DIFFRACTION' ? 
r_long_range_B_refined       ?      ?      ? ?    'X-RAY DIFFRACTION' ? 
r_long_range_B_other         ?      ?      ? ?    'X-RAY DIFFRACTION' ? 
r_rigid_bond_restr           ?      ?      ? ?    'X-RAY DIFFRACTION' ? 
r_sphericity_free            ?      ?      ? ?    'X-RAY DIFFRACTION' ? 
r_sphericity_bonded          ?      ?      ? ?    'X-RAY DIFFRACTION' ? 
# 
_refine_ls_shell.pdbx_refine_id                   'X-RAY DIFFRACTION' 
_refine_ls_shell.pdbx_total_number_of_bins_used   20 
_refine_ls_shell.d_res_high                       1.600 
_refine_ls_shell.d_res_low                        1.642 
_refine_ls_shell.number_reflns_R_work             961 
_refine_ls_shell.R_factor_R_work                  0.263 
_refine_ls_shell.percent_reflns_obs               69.94 
_refine_ls_shell.R_factor_R_free                  0.38 
_refine_ls_shell.R_factor_R_free_error            ? 
_refine_ls_shell.percent_reflns_R_free            ? 
_refine_ls_shell.number_reflns_R_free             0 
_refine_ls_shell.number_reflns_all                ? 
_refine_ls_shell.R_factor_all                     ? 
# 
_struct_ncs_oper.id             1 
_struct_ncs_oper.code           given 
_struct_ncs_oper.details        ? 
_struct_ncs_oper.matrix[1][1]   -0.67679213 
_struct_ncs_oper.matrix[1][2]   0.01939737 
_struct_ncs_oper.matrix[1][3]   -0.73591817 
_struct_ncs_oper.matrix[2][1]   0.03465884 
_struct_ncs_oper.matrix[2][2]   -0.99770429 
_struct_ncs_oper.matrix[2][3]   -0.05817160 
_struct_ncs_oper.matrix[3][1]   -0.73535709 
_struct_ncs_oper.matrix[3][2]   -0.06487609 
_struct_ncs_oper.matrix[3][3]   0.67456642 
_struct_ncs_oper.vector[1]      0.28555 
_struct_ncs_oper.vector[2]      0.07802 
_struct_ncs_oper.vector[3]      -0.08667 
# 
_struct.entry_id                  2XET 
_struct.title                     
'Conserved hydrophobic clusters on the surface of the Caf1A usher C-terminal domain are important for F1 antigen assembly' 
_struct.pdbx_model_details        ? 
_struct.pdbx_CASP_flag            ? 
_struct.pdbx_model_type_details   ? 
# 
_struct_keywords.entry_id        2XET 
_struct_keywords.pdbx_keywords   'TRANSPORT PROTEIN' 
_struct_keywords.text            'TRANSPORT PROTEIN' 
# 
loop_
_struct_asym.id 
_struct_asym.pdbx_blank_PDB_chainid_flag 
_struct_asym.pdbx_modified 
_struct_asym.entity_id 
_struct_asym.details 
A N N 1 ? 
B N N 1 ? 
C N N 2 ? 
D N N 2 ? 
E N N 2 ? 
F N N 3 ? 
G N N 3 ? 
# 
_struct_ref.id                         1 
_struct_ref.db_name                    UNP 
_struct_ref.db_code                    CAF1A_YERPE 
_struct_ref.entity_id                  1 
_struct_ref.pdbx_seq_one_letter_code   ? 
_struct_ref.pdbx_align_begin           ? 
_struct_ref.pdbx_db_accession          P26949 
_struct_ref.pdbx_db_isoform            ? 
# 
loop_
_struct_ref_seq.align_id 
_struct_ref_seq.ref_id 
_struct_ref_seq.pdbx_PDB_id_code 
_struct_ref_seq.pdbx_strand_id 
_struct_ref_seq.seq_align_beg 
_struct_ref_seq.pdbx_seq_align_beg_ins_code 
_struct_ref_seq.seq_align_end 
_struct_ref_seq.pdbx_seq_align_end_ins_code 
_struct_ref_seq.pdbx_db_accession 
_struct_ref_seq.db_align_beg 
_struct_ref_seq.pdbx_db_align_beg_ins_code 
_struct_ref_seq.db_align_end 
_struct_ref_seq.pdbx_db_align_end_ins_code 
_struct_ref_seq.pdbx_auth_seq_align_beg 
_struct_ref_seq.pdbx_auth_seq_align_end 
1 1 2XET A 1 ? 89 ? P26949 745 ? 833 ? 723 811 
2 1 2XET B 1 ? 89 ? P26949 745 ? 833 ? 723 811 
# 
loop_
_pdbx_struct_assembly.id 
_pdbx_struct_assembly.details 
_pdbx_struct_assembly.method_details 
_pdbx_struct_assembly.oligomeric_details 
_pdbx_struct_assembly.oligomeric_count 
1 author_and_software_defined_assembly PISA monomeric 1 
2 author_and_software_defined_assembly PISA monomeric 1 
# 
loop_
_pdbx_struct_assembly_gen.assembly_id 
_pdbx_struct_assembly_gen.oper_expression 
_pdbx_struct_assembly_gen.asym_id_list 
1 1 A,C,D,F 
2 1 B,E,G   
# 
_pdbx_struct_oper_list.id                   1 
_pdbx_struct_oper_list.type                 'identity operation' 
_pdbx_struct_oper_list.name                 1_555 
_pdbx_struct_oper_list.symmetry_operation   x,y,z 
_pdbx_struct_oper_list.matrix[1][1]         1.0000000000 
_pdbx_struct_oper_list.matrix[1][2]         0.0000000000 
_pdbx_struct_oper_list.matrix[1][3]         0.0000000000 
_pdbx_struct_oper_list.vector[1]            0.0000000000 
_pdbx_struct_oper_list.matrix[2][1]         0.0000000000 
_pdbx_struct_oper_list.matrix[2][2]         1.0000000000 
_pdbx_struct_oper_list.matrix[2][3]         0.0000000000 
_pdbx_struct_oper_list.vector[2]            0.0000000000 
_pdbx_struct_oper_list.matrix[3][1]         0.0000000000 
_pdbx_struct_oper_list.matrix[3][2]         0.0000000000 
_pdbx_struct_oper_list.matrix[3][3]         1.0000000000 
_pdbx_struct_oper_list.vector[3]            0.0000000000 
# 
_struct_biol.id   1 
# 
loop_
_struct_conn.id 
_struct_conn.conn_type_id 
_struct_conn.pdbx_leaving_atom_flag 
_struct_conn.pdbx_PDB_id 
_struct_conn.ptnr1_label_asym_id 
_struct_conn.ptnr1_label_comp_id 
_struct_conn.ptnr1_label_seq_id 
_struct_conn.ptnr1_label_atom_id 
_struct_conn.pdbx_ptnr1_label_alt_id 
_struct_conn.pdbx_ptnr1_PDB_ins_code 
_struct_conn.pdbx_ptnr1_standard_comp_id 
_struct_conn.ptnr1_symmetry 
_struct_conn.ptnr2_label_asym_id 
_struct_conn.ptnr2_label_comp_id 
_struct_conn.ptnr2_label_seq_id 
_struct_conn.ptnr2_label_atom_id 
_struct_conn.pdbx_ptnr2_label_alt_id 
_struct_conn.pdbx_ptnr2_PDB_ins_code 
_struct_conn.ptnr1_auth_asym_id 
_struct_conn.ptnr1_auth_comp_id 
_struct_conn.ptnr1_auth_seq_id 
_struct_conn.ptnr2_auth_asym_id 
_struct_conn.ptnr2_auth_comp_id 
_struct_conn.ptnr2_auth_seq_id 
_struct_conn.ptnr2_symmetry 
_struct_conn.pdbx_ptnr3_label_atom_id 
_struct_conn.pdbx_ptnr3_label_seq_id 
_struct_conn.pdbx_ptnr3_label_comp_id 
_struct_conn.pdbx_ptnr3_label_asym_id 
_struct_conn.pdbx_ptnr3_label_alt_id 
_struct_conn.pdbx_ptnr3_PDB_ins_code 
_struct_conn.details 
_struct_conn.pdbx_dist_value 
_struct_conn.pdbx_value_order 
_struct_conn.pdbx_role 
disulf1 disulf ? ? A CYS 63 SG ? ? ? 1_555 A CYS 85 SG ? ? A CYS 785 A CYS 807 1_555 ? ? ? ? ? ? ? 2.060 ? ? 
disulf2 disulf ? ? B CYS 63 SG ? ? ? 1_555 B CYS 85 SG ? ? B CYS 785 B CYS 807 1_555 ? ? ? ? ? ? ? 2.059 ? ? 
# 
_struct_conn_type.id          disulf 
_struct_conn_type.criteria    ? 
_struct_conn_type.reference   ? 
# 
loop_
_pdbx_modification_feature.ordinal 
_pdbx_modification_feature.label_comp_id 
_pdbx_modification_feature.label_asym_id 
_pdbx_modification_feature.label_seq_id 
_pdbx_modification_feature.label_alt_id 
_pdbx_modification_feature.modified_residue_label_comp_id 
_pdbx_modification_feature.modified_residue_label_asym_id 
_pdbx_modification_feature.modified_residue_label_seq_id 
_pdbx_modification_feature.modified_residue_label_alt_id 
_pdbx_modification_feature.auth_comp_id 
_pdbx_modification_feature.auth_asym_id 
_pdbx_modification_feature.auth_seq_id 
_pdbx_modification_feature.PDB_ins_code 
_pdbx_modification_feature.symmetry 
_pdbx_modification_feature.modified_residue_auth_comp_id 
_pdbx_modification_feature.modified_residue_auth_asym_id 
_pdbx_modification_feature.modified_residue_auth_seq_id 
_pdbx_modification_feature.modified_residue_PDB_ins_code 
_pdbx_modification_feature.modified_residue_symmetry 
_pdbx_modification_feature.comp_id_linking_atom 
_pdbx_modification_feature.modified_residue_id_linking_atom 
_pdbx_modification_feature.modified_residue_id 
_pdbx_modification_feature.ref_pcm_id 
_pdbx_modification_feature.ref_comp_id 
_pdbx_modification_feature.type 
_pdbx_modification_feature.category 
1 CYS A 63 ? CYS A 85 ? CYS A 785 ? 1_555 CYS A 807 ? 1_555 SG SG . . . None 'Disulfide bridge' 
2 CYS B 63 ? CYS B 85 ? CYS B 785 ? 1_555 CYS B 807 ? 1_555 SG SG . . . None 'Disulfide bridge' 
# 
loop_
_struct_sheet.id 
_struct_sheet.type 
_struct_sheet.number_strands 
_struct_sheet.details 
AA ? 7 ? 
BA ? 7 ? 
# 
loop_
_struct_sheet_order.sheet_id 
_struct_sheet_order.range_id_1 
_struct_sheet_order.range_id_2 
_struct_sheet_order.offset 
_struct_sheet_order.sense 
AA 1 2 ? anti-parallel 
AA 2 3 ? anti-parallel 
AA 3 4 ? anti-parallel 
AA 4 5 ? anti-parallel 
AA 5 6 ? parallel      
AA 6 7 ? anti-parallel 
BA 1 2 ? anti-parallel 
BA 2 3 ? anti-parallel 
BA 3 4 ? anti-parallel 
BA 4 5 ? anti-parallel 
BA 5 6 ? parallel      
BA 6 7 ? anti-parallel 
# 
loop_
_struct_sheet_range.sheet_id 
_struct_sheet_range.id 
_struct_sheet_range.beg_label_comp_id 
_struct_sheet_range.beg_label_asym_id 
_struct_sheet_range.beg_label_seq_id 
_struct_sheet_range.pdbx_beg_PDB_ins_code 
_struct_sheet_range.end_label_comp_id 
_struct_sheet_range.end_label_asym_id 
_struct_sheet_range.end_label_seq_id 
_struct_sheet_range.pdbx_end_PDB_ins_code 
_struct_sheet_range.beg_auth_comp_id 
_struct_sheet_range.beg_auth_asym_id 
_struct_sheet_range.beg_auth_seq_id 
_struct_sheet_range.end_auth_comp_id 
_struct_sheet_range.end_auth_asym_id 
_struct_sheet_range.end_auth_seq_id 
AA 1 GLY A 32 ? ILE A 33 ? GLY A 754 ILE A 755 
AA 2 ILE A 21 ? ILE A 24 ? ILE A 743 ILE A 746 
AA 3 LYS A 48 ? LYS A 54 ? LYS A 770 LYS A 776 
AA 4 SER A 62 ? VAL A 68 ? SER A 784 VAL A 790 
AA 5 TYR A 79 ? LEU A 87 ? TYR A 801 LEU A 809 
AA 6 GLY A 2  ? ARG A 10 ? GLY A 724 ARG A 732 
AA 7 GLY A 39 ? LEU A 45 ? GLY A 761 LEU A 767 
BA 1 GLY B 32 ? ILE B 33 ? GLY B 754 ILE B 755 
BA 2 ILE B 21 ? ILE B 24 ? ILE B 743 ILE B 746 
BA 3 LYS B 48 ? LYS B 54 ? LYS B 770 LYS B 776 
BA 4 SER B 62 ? VAL B 68 ? SER B 784 VAL B 790 
BA 5 TYR B 79 ? LEU B 87 ? TYR B 801 LEU B 809 
BA 6 LEU B 4  ? ARG B 10 ? LEU B 726 ARG B 732 
BA 7 GLY B 39 ? LEU B 42 ? GLY B 761 LEU B 764 
# 
loop_
_pdbx_struct_sheet_hbond.sheet_id 
_pdbx_struct_sheet_hbond.range_id_1 
_pdbx_struct_sheet_hbond.range_id_2 
_pdbx_struct_sheet_hbond.range_1_label_atom_id 
_pdbx_struct_sheet_hbond.range_1_label_comp_id 
_pdbx_struct_sheet_hbond.range_1_label_asym_id 
_pdbx_struct_sheet_hbond.range_1_label_seq_id 
_pdbx_struct_sheet_hbond.range_1_PDB_ins_code 
_pdbx_struct_sheet_hbond.range_1_auth_atom_id 
_pdbx_struct_sheet_hbond.range_1_auth_comp_id 
_pdbx_struct_sheet_hbond.range_1_auth_asym_id 
_pdbx_struct_sheet_hbond.range_1_auth_seq_id 
_pdbx_struct_sheet_hbond.range_2_label_atom_id 
_pdbx_struct_sheet_hbond.range_2_label_comp_id 
_pdbx_struct_sheet_hbond.range_2_label_asym_id 
_pdbx_struct_sheet_hbond.range_2_label_seq_id 
_pdbx_struct_sheet_hbond.range_2_PDB_ins_code 
_pdbx_struct_sheet_hbond.range_2_auth_atom_id 
_pdbx_struct_sheet_hbond.range_2_auth_comp_id 
_pdbx_struct_sheet_hbond.range_2_auth_asym_id 
_pdbx_struct_sheet_hbond.range_2_auth_seq_id 
AA 1 2 O GLY A 32 ? O GLY A 754 N VAL A 22 ? N VAL A 744 
AA 2 3 N THR A 23 ? N THR A 745 O LEU A 52 ? O LEU A 774 
AA 3 4 N VAL A 53 ? N VAL A 775 O CYS A 63 ? O CYS A 785 
AA 4 5 N SER A 64 ? N SER A 786 O ILE A 86 ? O ILE A 808 
AA 5 6 N TYR A 79 ? N TYR A 801 O ARG A 3  ? O ARG A 725 
AA 6 7 N LEU A 6  ? N LEU A 728 O VAL A 40 ? O VAL A 762 
BA 1 2 O GLY B 32 ? O GLY B 754 N VAL B 22 ? N VAL B 744 
BA 2 3 N THR B 23 ? N THR B 745 O LEU B 52 ? O LEU B 774 
BA 3 4 N VAL B 53 ? N VAL B 775 O CYS B 63 ? O CYS B 785 
BA 4 5 N SER B 64 ? N SER B 786 O ILE B 86 ? O ILE B 808 
BA 5 6 N LEU B 81 ? N LEU B 803 O PHE B 5  ? O PHE B 727 
BA 6 7 N LEU B 6  ? N LEU B 728 O VAL B 40 ? O VAL B 762 
# 
loop_
_struct_site.id 
_struct_site.pdbx_evidence_code 
_struct_site.pdbx_auth_asym_id 
_struct_site.pdbx_auth_comp_id 
_struct_site.pdbx_auth_seq_id 
_struct_site.pdbx_auth_ins_code 
_struct_site.pdbx_num_residues 
_struct_site.details 
AC1 Software A SO4 1090 ? 9 'BINDING SITE FOR RESIDUE SO4 A 1090' 
AC2 Software A SO4 1091 ? 6 'BINDING SITE FOR RESIDUE SO4 A 1091' 
AC3 Software B SO4 1090 ? 8 'BINDING SITE FOR RESIDUE SO4 B 1090' 
# 
loop_
_struct_site_gen.id 
_struct_site_gen.site_id 
_struct_site_gen.pdbx_num_res 
_struct_site_gen.label_comp_id 
_struct_site_gen.label_asym_id 
_struct_site_gen.label_seq_id 
_struct_site_gen.pdbx_auth_ins_code 
_struct_site_gen.auth_comp_id 
_struct_site_gen.auth_asym_id 
_struct_site_gen.auth_seq_id 
_struct_site_gen.label_atom_id 
_struct_site_gen.label_alt_id 
_struct_site_gen.symmetry 
_struct_site_gen.details 
1  AC1 9 ASN A 37 ? ASN A 759  . ? 1_555 ? 
2  AC1 9 GLY A 39 ? GLY A 761  . ? 1_555 ? 
3  AC1 9 ARG A 80 ? ARG A 802  . ? 1_555 ? 
4  AC1 9 HOH F .  ? HOH A 2053 . ? 1_555 ? 
5  AC1 9 HOH F .  ? HOH A 2106 . ? 1_555 ? 
6  AC1 9 HOH F .  ? HOH A 2109 . ? 1_555 ? 
7  AC1 9 HOH F .  ? HOH A 2110 . ? 1_555 ? 
8  AC1 9 HOH F .  ? HOH A 2111 . ? 1_555 ? 
9  AC1 9 HOH F .  ? HOH A 2112 . ? 1_555 ? 
10 AC2 6 GLY A 1  ? GLY A 723  . ? 1_555 ? 
11 AC2 6 GLY A 2  ? GLY A 724  . ? 1_555 ? 
12 AC2 6 ARG A 3  ? ARG A 725  . ? 1_555 ? 
13 AC2 6 GLY A 44 ? GLY A 766  . ? 1_555 ? 
14 AC2 6 HOH F .  ? HOH A 2113 . ? 1_555 ? 
15 AC2 6 HOH F .  ? HOH A 2115 . ? 1_555 ? 
16 AC3 8 ASN B 37 ? ASN B 759  . ? 1_555 ? 
17 AC3 8 GLY B 39 ? GLY B 761  . ? 1_555 ? 
18 AC3 8 ARG B 80 ? ARG B 802  . ? 1_555 ? 
19 AC3 8 HOH G .  ? HOH B 2106 . ? 1_555 ? 
20 AC3 8 HOH G .  ? HOH B 2107 . ? 1_555 ? 
21 AC3 8 HOH G .  ? HOH B 2108 . ? 1_555 ? 
22 AC3 8 HOH G .  ? HOH B 2109 . ? 1_555 ? 
23 AC3 8 HOH G .  ? HOH B 2110 . ? 1_555 ? 
# 
_pdbx_entry_details.entry_id                   2XET 
_pdbx_entry_details.compound_details           ? 
_pdbx_entry_details.source_details             ? 
_pdbx_entry_details.nonpolymer_details         ? 
_pdbx_entry_details.sequence_details           ? 
_pdbx_entry_details.has_ligand_of_interest     ? 
_pdbx_entry_details.has_protein_modification   Y 
# 
_pdbx_distant_solvent_atoms.id                                1 
_pdbx_distant_solvent_atoms.PDB_model_num                     1 
_pdbx_distant_solvent_atoms.auth_atom_id                      O 
_pdbx_distant_solvent_atoms.label_alt_id                      ? 
_pdbx_distant_solvent_atoms.auth_asym_id                      A 
_pdbx_distant_solvent_atoms.auth_comp_id                      HOH 
_pdbx_distant_solvent_atoms.auth_seq_id                       2020 
_pdbx_distant_solvent_atoms.PDB_ins_code                      ? 
_pdbx_distant_solvent_atoms.neighbor_macromolecule_distance   5.81 
_pdbx_distant_solvent_atoms.neighbor_ligand_distance          . 
# 
_pdbx_unobs_or_zero_occ_residues.id               1 
_pdbx_unobs_or_zero_occ_residues.PDB_model_num    1 
_pdbx_unobs_or_zero_occ_residues.polymer_flag     Y 
_pdbx_unobs_or_zero_occ_residues.occupancy_flag   1 
_pdbx_unobs_or_zero_occ_residues.auth_asym_id     B 
_pdbx_unobs_or_zero_occ_residues.auth_comp_id     GLY 
_pdbx_unobs_or_zero_occ_residues.auth_seq_id      723 
_pdbx_unobs_or_zero_occ_residues.PDB_ins_code     ? 
_pdbx_unobs_or_zero_occ_residues.label_asym_id    B 
_pdbx_unobs_or_zero_occ_residues.label_comp_id    GLY 
_pdbx_unobs_or_zero_occ_residues.label_seq_id     1 
# 
loop_
_chem_comp_atom.comp_id 
_chem_comp_atom.atom_id 
_chem_comp_atom.type_symbol 
_chem_comp_atom.pdbx_aromatic_flag 
_chem_comp_atom.pdbx_stereo_config 
_chem_comp_atom.pdbx_ordinal 
ALA N    N N N 1   
ALA CA   C N S 2   
ALA C    C N N 3   
ALA O    O N N 4   
ALA CB   C N N 5   
ALA OXT  O N N 6   
ALA H    H N N 7   
ALA H2   H N N 8   
ALA HA   H N N 9   
ALA HB1  H N N 10  
ALA HB2  H N N 11  
ALA HB3  H N N 12  
ALA HXT  H N N 13  
ARG N    N N N 14  
ARG CA   C N S 15  
ARG C    C N N 16  
ARG O    O N N 17  
ARG CB   C N N 18  
ARG CG   C N N 19  
ARG CD   C N N 20  
ARG NE   N N N 21  
ARG CZ   C N N 22  
ARG NH1  N N N 23  
ARG NH2  N N N 24  
ARG OXT  O N N 25  
ARG H    H N N 26  
ARG H2   H N N 27  
ARG HA   H N N 28  
ARG HB2  H N N 29  
ARG HB3  H N N 30  
ARG HG2  H N N 31  
ARG HG3  H N N 32  
ARG HD2  H N N 33  
ARG HD3  H N N 34  
ARG HE   H N N 35  
ARG HH11 H N N 36  
ARG HH12 H N N 37  
ARG HH21 H N N 38  
ARG HH22 H N N 39  
ARG HXT  H N N 40  
ASN N    N N N 41  
ASN CA   C N S 42  
ASN C    C N N 43  
ASN O    O N N 44  
ASN CB   C N N 45  
ASN CG   C N N 46  
ASN OD1  O N N 47  
ASN ND2  N N N 48  
ASN OXT  O N N 49  
ASN H    H N N 50  
ASN H2   H N N 51  
ASN HA   H N N 52  
ASN HB2  H N N 53  
ASN HB3  H N N 54  
ASN HD21 H N N 55  
ASN HD22 H N N 56  
ASN HXT  H N N 57  
ASP N    N N N 58  
ASP CA   C N S 59  
ASP C    C N N 60  
ASP O    O N N 61  
ASP CB   C N N 62  
ASP CG   C N N 63  
ASP OD1  O N N 64  
ASP OD2  O N N 65  
ASP OXT  O N N 66  
ASP H    H N N 67  
ASP H2   H N N 68  
ASP HA   H N N 69  
ASP HB2  H N N 70  
ASP HB3  H N N 71  
ASP HD2  H N N 72  
ASP HXT  H N N 73  
CYS N    N N N 74  
CYS CA   C N R 75  
CYS C    C N N 76  
CYS O    O N N 77  
CYS CB   C N N 78  
CYS SG   S N N 79  
CYS OXT  O N N 80  
CYS H    H N N 81  
CYS H2   H N N 82  
CYS HA   H N N 83  
CYS HB2  H N N 84  
CYS HB3  H N N 85  
CYS HG   H N N 86  
CYS HXT  H N N 87  
GLN N    N N N 88  
GLN CA   C N S 89  
GLN C    C N N 90  
GLN O    O N N 91  
GLN CB   C N N 92  
GLN CG   C N N 93  
GLN CD   C N N 94  
GLN OE1  O N N 95  
GLN NE2  N N N 96  
GLN OXT  O N N 97  
GLN H    H N N 98  
GLN H2   H N N 99  
GLN HA   H N N 100 
GLN HB2  H N N 101 
GLN HB3  H N N 102 
GLN HG2  H N N 103 
GLN HG3  H N N 104 
GLN HE21 H N N 105 
GLN HE22 H N N 106 
GLN HXT  H N N 107 
GLU N    N N N 108 
GLU CA   C N S 109 
GLU C    C N N 110 
GLU O    O N N 111 
GLU CB   C N N 112 
GLU CG   C N N 113 
GLU CD   C N N 114 
GLU OE1  O N N 115 
GLU OE2  O N N 116 
GLU OXT  O N N 117 
GLU H    H N N 118 
GLU H2   H N N 119 
GLU HA   H N N 120 
GLU HB2  H N N 121 
GLU HB3  H N N 122 
GLU HG2  H N N 123 
GLU HG3  H N N 124 
GLU HE2  H N N 125 
GLU HXT  H N N 126 
GLY N    N N N 127 
GLY CA   C N N 128 
GLY C    C N N 129 
GLY O    O N N 130 
GLY OXT  O N N 131 
GLY H    H N N 132 
GLY H2   H N N 133 
GLY HA2  H N N 134 
GLY HA3  H N N 135 
GLY HXT  H N N 136 
HIS N    N N N 137 
HIS CA   C N S 138 
HIS C    C N N 139 
HIS O    O N N 140 
HIS CB   C N N 141 
HIS CG   C Y N 142 
HIS ND1  N Y N 143 
HIS CD2  C Y N 144 
HIS CE1  C Y N 145 
HIS NE2  N Y N 146 
HIS OXT  O N N 147 
HIS H    H N N 148 
HIS H2   H N N 149 
HIS HA   H N N 150 
HIS HB2  H N N 151 
HIS HB3  H N N 152 
HIS HD1  H N N 153 
HIS HD2  H N N 154 
HIS HE1  H N N 155 
HIS HE2  H N N 156 
HIS HXT  H N N 157 
HOH O    O N N 158 
HOH H1   H N N 159 
HOH H2   H N N 160 
ILE N    N N N 161 
ILE CA   C N S 162 
ILE C    C N N 163 
ILE O    O N N 164 
ILE CB   C N S 165 
ILE CG1  C N N 166 
ILE CG2  C N N 167 
ILE CD1  C N N 168 
ILE OXT  O N N 169 
ILE H    H N N 170 
ILE H2   H N N 171 
ILE HA   H N N 172 
ILE HB   H N N 173 
ILE HG12 H N N 174 
ILE HG13 H N N 175 
ILE HG21 H N N 176 
ILE HG22 H N N 177 
ILE HG23 H N N 178 
ILE HD11 H N N 179 
ILE HD12 H N N 180 
ILE HD13 H N N 181 
ILE HXT  H N N 182 
LEU N    N N N 183 
LEU CA   C N S 184 
LEU C    C N N 185 
LEU O    O N N 186 
LEU CB   C N N 187 
LEU CG   C N N 188 
LEU CD1  C N N 189 
LEU CD2  C N N 190 
LEU OXT  O N N 191 
LEU H    H N N 192 
LEU H2   H N N 193 
LEU HA   H N N 194 
LEU HB2  H N N 195 
LEU HB3  H N N 196 
LEU HG   H N N 197 
LEU HD11 H N N 198 
LEU HD12 H N N 199 
LEU HD13 H N N 200 
LEU HD21 H N N 201 
LEU HD22 H N N 202 
LEU HD23 H N N 203 
LEU HXT  H N N 204 
LYS N    N N N 205 
LYS CA   C N S 206 
LYS C    C N N 207 
LYS O    O N N 208 
LYS CB   C N N 209 
LYS CG   C N N 210 
LYS CD   C N N 211 
LYS CE   C N N 212 
LYS NZ   N N N 213 
LYS OXT  O N N 214 
LYS H    H N N 215 
LYS H2   H N N 216 
LYS HA   H N N 217 
LYS HB2  H N N 218 
LYS HB3  H N N 219 
LYS HG2  H N N 220 
LYS HG3  H N N 221 
LYS HD2  H N N 222 
LYS HD3  H N N 223 
LYS HE2  H N N 224 
LYS HE3  H N N 225 
LYS HZ1  H N N 226 
LYS HZ2  H N N 227 
LYS HZ3  H N N 228 
LYS HXT  H N N 229 
PHE N    N N N 230 
PHE CA   C N S 231 
PHE C    C N N 232 
PHE O    O N N 233 
PHE CB   C N N 234 
PHE CG   C Y N 235 
PHE CD1  C Y N 236 
PHE CD2  C Y N 237 
PHE CE1  C Y N 238 
PHE CE2  C Y N 239 
PHE CZ   C Y N 240 
PHE OXT  O N N 241 
PHE H    H N N 242 
PHE H2   H N N 243 
PHE HA   H N N 244 
PHE HB2  H N N 245 
PHE HB3  H N N 246 
PHE HD1  H N N 247 
PHE HD2  H N N 248 
PHE HE1  H N N 249 
PHE HE2  H N N 250 
PHE HZ   H N N 251 
PHE HXT  H N N 252 
PRO N    N N N 253 
PRO CA   C N S 254 
PRO C    C N N 255 
PRO O    O N N 256 
PRO CB   C N N 257 
PRO CG   C N N 258 
PRO CD   C N N 259 
PRO OXT  O N N 260 
PRO H    H N N 261 
PRO HA   H N N 262 
PRO HB2  H N N 263 
PRO HB3  H N N 264 
PRO HG2  H N N 265 
PRO HG3  H N N 266 
PRO HD2  H N N 267 
PRO HD3  H N N 268 
PRO HXT  H N N 269 
SER N    N N N 270 
SER CA   C N S 271 
SER C    C N N 272 
SER O    O N N 273 
SER CB   C N N 274 
SER OG   O N N 275 
SER OXT  O N N 276 
SER H    H N N 277 
SER H2   H N N 278 
SER HA   H N N 279 
SER HB2  H N N 280 
SER HB3  H N N 281 
SER HG   H N N 282 
SER HXT  H N N 283 
SO4 S    S N N 284 
SO4 O1   O N N 285 
SO4 O2   O N N 286 
SO4 O3   O N N 287 
SO4 O4   O N N 288 
THR N    N N N 289 
THR CA   C N S 290 
THR C    C N N 291 
THR O    O N N 292 
THR CB   C N R 293 
THR OG1  O N N 294 
THR CG2  C N N 295 
THR OXT  O N N 296 
THR H    H N N 297 
THR H2   H N N 298 
THR HA   H N N 299 
THR HB   H N N 300 
THR HG1  H N N 301 
THR HG21 H N N 302 
THR HG22 H N N 303 
THR HG23 H N N 304 
THR HXT  H N N 305 
TRP N    N N N 306 
TRP CA   C N S 307 
TRP C    C N N 308 
TRP O    O N N 309 
TRP CB   C N N 310 
TRP CG   C Y N 311 
TRP CD1  C Y N 312 
TRP CD2  C Y N 313 
TRP NE1  N Y N 314 
TRP CE2  C Y N 315 
TRP CE3  C Y N 316 
TRP CZ2  C Y N 317 
TRP CZ3  C Y N 318 
TRP CH2  C Y N 319 
TRP OXT  O N N 320 
TRP H    H N N 321 
TRP H2   H N N 322 
TRP HA   H N N 323 
TRP HB2  H N N 324 
TRP HB3  H N N 325 
TRP HD1  H N N 326 
TRP HE1  H N N 327 
TRP HE3  H N N 328 
TRP HZ2  H N N 329 
TRP HZ3  H N N 330 
TRP HH2  H N N 331 
TRP HXT  H N N 332 
TYR N    N N N 333 
TYR CA   C N S 334 
TYR C    C N N 335 
TYR O    O N N 336 
TYR CB   C N N 337 
TYR CG   C Y N 338 
TYR CD1  C Y N 339 
TYR CD2  C Y N 340 
TYR CE1  C Y N 341 
TYR CE2  C Y N 342 
TYR CZ   C Y N 343 
TYR OH   O N N 344 
TYR OXT  O N N 345 
TYR H    H N N 346 
TYR H2   H N N 347 
TYR HA   H N N 348 
TYR HB2  H N N 349 
TYR HB3  H N N 350 
TYR HD1  H N N 351 
TYR HD2  H N N 352 
TYR HE1  H N N 353 
TYR HE2  H N N 354 
TYR HH   H N N 355 
TYR HXT  H N N 356 
VAL N    N N N 357 
VAL CA   C N S 358 
VAL C    C N N 359 
VAL O    O N N 360 
VAL CB   C N N 361 
VAL CG1  C N N 362 
VAL CG2  C N N 363 
VAL OXT  O N N 364 
VAL H    H N N 365 
VAL H2   H N N 366 
VAL HA   H N N 367 
VAL HB   H N N 368 
VAL HG11 H N N 369 
VAL HG12 H N N 370 
VAL HG13 H N N 371 
VAL HG21 H N N 372 
VAL HG22 H N N 373 
VAL HG23 H N N 374 
VAL HXT  H N N 375 
# 
loop_
_chem_comp_bond.comp_id 
_chem_comp_bond.atom_id_1 
_chem_comp_bond.atom_id_2 
_chem_comp_bond.value_order 
_chem_comp_bond.pdbx_aromatic_flag 
_chem_comp_bond.pdbx_stereo_config 
_chem_comp_bond.pdbx_ordinal 
ALA N   CA   sing N N 1   
ALA N   H    sing N N 2   
ALA N   H2   sing N N 3   
ALA CA  C    sing N N 4   
ALA CA  CB   sing N N 5   
ALA CA  HA   sing N N 6   
ALA C   O    doub N N 7   
ALA C   OXT  sing N N 8   
ALA CB  HB1  sing N N 9   
ALA CB  HB2  sing N N 10  
ALA CB  HB3  sing N N 11  
ALA OXT HXT  sing N N 12  
ARG N   CA   sing N N 13  
ARG N   H    sing N N 14  
ARG N   H2   sing N N 15  
ARG CA  C    sing N N 16  
ARG CA  CB   sing N N 17  
ARG CA  HA   sing N N 18  
ARG C   O    doub N N 19  
ARG C   OXT  sing N N 20  
ARG CB  CG   sing N N 21  
ARG CB  HB2  sing N N 22  
ARG CB  HB3  sing N N 23  
ARG CG  CD   sing N N 24  
ARG CG  HG2  sing N N 25  
ARG CG  HG3  sing N N 26  
ARG CD  NE   sing N N 27  
ARG CD  HD2  sing N N 28  
ARG CD  HD3  sing N N 29  
ARG NE  CZ   sing N N 30  
ARG NE  HE   sing N N 31  
ARG CZ  NH1  sing N N 32  
ARG CZ  NH2  doub N N 33  
ARG NH1 HH11 sing N N 34  
ARG NH1 HH12 sing N N 35  
ARG NH2 HH21 sing N N 36  
ARG NH2 HH22 sing N N 37  
ARG OXT HXT  sing N N 38  
ASN N   CA   sing N N 39  
ASN N   H    sing N N 40  
ASN N   H2   sing N N 41  
ASN CA  C    sing N N 42  
ASN CA  CB   sing N N 43  
ASN CA  HA   sing N N 44  
ASN C   O    doub N N 45  
ASN C   OXT  sing N N 46  
ASN CB  CG   sing N N 47  
ASN CB  HB2  sing N N 48  
ASN CB  HB3  sing N N 49  
ASN CG  OD1  doub N N 50  
ASN CG  ND2  sing N N 51  
ASN ND2 HD21 sing N N 52  
ASN ND2 HD22 sing N N 53  
ASN OXT HXT  sing N N 54  
ASP N   CA   sing N N 55  
ASP N   H    sing N N 56  
ASP N   H2   sing N N 57  
ASP CA  C    sing N N 58  
ASP CA  CB   sing N N 59  
ASP CA  HA   sing N N 60  
ASP C   O    doub N N 61  
ASP C   OXT  sing N N 62  
ASP CB  CG   sing N N 63  
ASP CB  HB2  sing N N 64  
ASP CB  HB3  sing N N 65  
ASP CG  OD1  doub N N 66  
ASP CG  OD2  sing N N 67  
ASP OD2 HD2  sing N N 68  
ASP OXT HXT  sing N N 69  
CYS N   CA   sing N N 70  
CYS N   H    sing N N 71  
CYS N   H2   sing N N 72  
CYS CA  C    sing N N 73  
CYS CA  CB   sing N N 74  
CYS CA  HA   sing N N 75  
CYS C   O    doub N N 76  
CYS C   OXT  sing N N 77  
CYS CB  SG   sing N N 78  
CYS CB  HB2  sing N N 79  
CYS CB  HB3  sing N N 80  
CYS SG  HG   sing N N 81  
CYS OXT HXT  sing N N 82  
GLN N   CA   sing N N 83  
GLN N   H    sing N N 84  
GLN N   H2   sing N N 85  
GLN CA  C    sing N N 86  
GLN CA  CB   sing N N 87  
GLN CA  HA   sing N N 88  
GLN C   O    doub N N 89  
GLN C   OXT  sing N N 90  
GLN CB  CG   sing N N 91  
GLN CB  HB2  sing N N 92  
GLN CB  HB3  sing N N 93  
GLN CG  CD   sing N N 94  
GLN CG  HG2  sing N N 95  
GLN CG  HG3  sing N N 96  
GLN CD  OE1  doub N N 97  
GLN CD  NE2  sing N N 98  
GLN NE2 HE21 sing N N 99  
GLN NE2 HE22 sing N N 100 
GLN OXT HXT  sing N N 101 
GLU N   CA   sing N N 102 
GLU N   H    sing N N 103 
GLU N   H2   sing N N 104 
GLU CA  C    sing N N 105 
GLU CA  CB   sing N N 106 
GLU CA  HA   sing N N 107 
GLU C   O    doub N N 108 
GLU C   OXT  sing N N 109 
GLU CB  CG   sing N N 110 
GLU CB  HB2  sing N N 111 
GLU CB  HB3  sing N N 112 
GLU CG  CD   sing N N 113 
GLU CG  HG2  sing N N 114 
GLU CG  HG3  sing N N 115 
GLU CD  OE1  doub N N 116 
GLU CD  OE2  sing N N 117 
GLU OE2 HE2  sing N N 118 
GLU OXT HXT  sing N N 119 
GLY N   CA   sing N N 120 
GLY N   H    sing N N 121 
GLY N   H2   sing N N 122 
GLY CA  C    sing N N 123 
GLY CA  HA2  sing N N 124 
GLY CA  HA3  sing N N 125 
GLY C   O    doub N N 126 
GLY C   OXT  sing N N 127 
GLY OXT HXT  sing N N 128 
HIS N   CA   sing N N 129 
HIS N   H    sing N N 130 
HIS N   H2   sing N N 131 
HIS CA  C    sing N N 132 
HIS CA  CB   sing N N 133 
HIS CA  HA   sing N N 134 
HIS C   O    doub N N 135 
HIS C   OXT  sing N N 136 
HIS CB  CG   sing N N 137 
HIS CB  HB2  sing N N 138 
HIS CB  HB3  sing N N 139 
HIS CG  ND1  sing Y N 140 
HIS CG  CD2  doub Y N 141 
HIS ND1 CE1  doub Y N 142 
HIS ND1 HD1  sing N N 143 
HIS CD2 NE2  sing Y N 144 
HIS CD2 HD2  sing N N 145 
HIS CE1 NE2  sing Y N 146 
HIS CE1 HE1  sing N N 147 
HIS NE2 HE2  sing N N 148 
HIS OXT HXT  sing N N 149 
HOH O   H1   sing N N 150 
HOH O   H2   sing N N 151 
ILE N   CA   sing N N 152 
ILE N   H    sing N N 153 
ILE N   H2   sing N N 154 
ILE CA  C    sing N N 155 
ILE CA  CB   sing N N 156 
ILE CA  HA   sing N N 157 
ILE C   O    doub N N 158 
ILE C   OXT  sing N N 159 
ILE CB  CG1  sing N N 160 
ILE CB  CG2  sing N N 161 
ILE CB  HB   sing N N 162 
ILE CG1 CD1  sing N N 163 
ILE CG1 HG12 sing N N 164 
ILE CG1 HG13 sing N N 165 
ILE CG2 HG21 sing N N 166 
ILE CG2 HG22 sing N N 167 
ILE CG2 HG23 sing N N 168 
ILE CD1 HD11 sing N N 169 
ILE CD1 HD12 sing N N 170 
ILE CD1 HD13 sing N N 171 
ILE OXT HXT  sing N N 172 
LEU N   CA   sing N N 173 
LEU N   H    sing N N 174 
LEU N   H2   sing N N 175 
LEU CA  C    sing N N 176 
LEU CA  CB   sing N N 177 
LEU CA  HA   sing N N 178 
LEU C   O    doub N N 179 
LEU C   OXT  sing N N 180 
LEU CB  CG   sing N N 181 
LEU CB  HB2  sing N N 182 
LEU CB  HB3  sing N N 183 
LEU CG  CD1  sing N N 184 
LEU CG  CD2  sing N N 185 
LEU CG  HG   sing N N 186 
LEU CD1 HD11 sing N N 187 
LEU CD1 HD12 sing N N 188 
LEU CD1 HD13 sing N N 189 
LEU CD2 HD21 sing N N 190 
LEU CD2 HD22 sing N N 191 
LEU CD2 HD23 sing N N 192 
LEU OXT HXT  sing N N 193 
LYS N   CA   sing N N 194 
LYS N   H    sing N N 195 
LYS N   H2   sing N N 196 
LYS CA  C    sing N N 197 
LYS CA  CB   sing N N 198 
LYS CA  HA   sing N N 199 
LYS C   O    doub N N 200 
LYS C   OXT  sing N N 201 
LYS CB  CG   sing N N 202 
LYS CB  HB2  sing N N 203 
LYS CB  HB3  sing N N 204 
LYS CG  CD   sing N N 205 
LYS CG  HG2  sing N N 206 
LYS CG  HG3  sing N N 207 
LYS CD  CE   sing N N 208 
LYS CD  HD2  sing N N 209 
LYS CD  HD3  sing N N 210 
LYS CE  NZ   sing N N 211 
LYS CE  HE2  sing N N 212 
LYS CE  HE3  sing N N 213 
LYS NZ  HZ1  sing N N 214 
LYS NZ  HZ2  sing N N 215 
LYS NZ  HZ3  sing N N 216 
LYS OXT HXT  sing N N 217 
PHE N   CA   sing N N 218 
PHE N   H    sing N N 219 
PHE N   H2   sing N N 220 
PHE CA  C    sing N N 221 
PHE CA  CB   sing N N 222 
PHE CA  HA   sing N N 223 
PHE C   O    doub N N 224 
PHE C   OXT  sing N N 225 
PHE CB  CG   sing N N 226 
PHE CB  HB2  sing N N 227 
PHE CB  HB3  sing N N 228 
PHE CG  CD1  doub Y N 229 
PHE CG  CD2  sing Y N 230 
PHE CD1 CE1  sing Y N 231 
PHE CD1 HD1  sing N N 232 
PHE CD2 CE2  doub Y N 233 
PHE CD2 HD2  sing N N 234 
PHE CE1 CZ   doub Y N 235 
PHE CE1 HE1  sing N N 236 
PHE CE2 CZ   sing Y N 237 
PHE CE2 HE2  sing N N 238 
PHE CZ  HZ   sing N N 239 
PHE OXT HXT  sing N N 240 
PRO N   CA   sing N N 241 
PRO N   CD   sing N N 242 
PRO N   H    sing N N 243 
PRO CA  C    sing N N 244 
PRO CA  CB   sing N N 245 
PRO CA  HA   sing N N 246 
PRO C   O    doub N N 247 
PRO C   OXT  sing N N 248 
PRO CB  CG   sing N N 249 
PRO CB  HB2  sing N N 250 
PRO CB  HB3  sing N N 251 
PRO CG  CD   sing N N 252 
PRO CG  HG2  sing N N 253 
PRO CG  HG3  sing N N 254 
PRO CD  HD2  sing N N 255 
PRO CD  HD3  sing N N 256 
PRO OXT HXT  sing N N 257 
SER N   CA   sing N N 258 
SER N   H    sing N N 259 
SER N   H2   sing N N 260 
SER CA  C    sing N N 261 
SER CA  CB   sing N N 262 
SER CA  HA   sing N N 263 
SER C   O    doub N N 264 
SER C   OXT  sing N N 265 
SER CB  OG   sing N N 266 
SER CB  HB2  sing N N 267 
SER CB  HB3  sing N N 268 
SER OG  HG   sing N N 269 
SER OXT HXT  sing N N 270 
SO4 S   O1   doub N N 271 
SO4 S   O2   doub N N 272 
SO4 S   O3   sing N N 273 
SO4 S   O4   sing N N 274 
THR N   CA   sing N N 275 
THR N   H    sing N N 276 
THR N   H2   sing N N 277 
THR CA  C    sing N N 278 
THR CA  CB   sing N N 279 
THR CA  HA   sing N N 280 
THR C   O    doub N N 281 
THR C   OXT  sing N N 282 
THR CB  OG1  sing N N 283 
THR CB  CG2  sing N N 284 
THR CB  HB   sing N N 285 
THR OG1 HG1  sing N N 286 
THR CG2 HG21 sing N N 287 
THR CG2 HG22 sing N N 288 
THR CG2 HG23 sing N N 289 
THR OXT HXT  sing N N 290 
TRP N   CA   sing N N 291 
TRP N   H    sing N N 292 
TRP N   H2   sing N N 293 
TRP CA  C    sing N N 294 
TRP CA  CB   sing N N 295 
TRP CA  HA   sing N N 296 
TRP C   O    doub N N 297 
TRP C   OXT  sing N N 298 
TRP CB  CG   sing N N 299 
TRP CB  HB2  sing N N 300 
TRP CB  HB3  sing N N 301 
TRP CG  CD1  doub Y N 302 
TRP CG  CD2  sing Y N 303 
TRP CD1 NE1  sing Y N 304 
TRP CD1 HD1  sing N N 305 
TRP CD2 CE2  doub Y N 306 
TRP CD2 CE3  sing Y N 307 
TRP NE1 CE2  sing Y N 308 
TRP NE1 HE1  sing N N 309 
TRP CE2 CZ2  sing Y N 310 
TRP CE3 CZ3  doub Y N 311 
TRP CE3 HE3  sing N N 312 
TRP CZ2 CH2  doub Y N 313 
TRP CZ2 HZ2  sing N N 314 
TRP CZ3 CH2  sing Y N 315 
TRP CZ3 HZ3  sing N N 316 
TRP CH2 HH2  sing N N 317 
TRP OXT HXT  sing N N 318 
TYR N   CA   sing N N 319 
TYR N   H    sing N N 320 
TYR N   H2   sing N N 321 
TYR CA  C    sing N N 322 
TYR CA  CB   sing N N 323 
TYR CA  HA   sing N N 324 
TYR C   O    doub N N 325 
TYR C   OXT  sing N N 326 
TYR CB  CG   sing N N 327 
TYR CB  HB2  sing N N 328 
TYR CB  HB3  sing N N 329 
TYR CG  CD1  doub Y N 330 
TYR CG  CD2  sing Y N 331 
TYR CD1 CE1  sing Y N 332 
TYR CD1 HD1  sing N N 333 
TYR CD2 CE2  doub Y N 334 
TYR CD2 HD2  sing N N 335 
TYR CE1 CZ   doub Y N 336 
TYR CE1 HE1  sing N N 337 
TYR CE2 CZ   sing Y N 338 
TYR CE2 HE2  sing N N 339 
TYR CZ  OH   sing N N 340 
TYR OH  HH   sing N N 341 
TYR OXT HXT  sing N N 342 
VAL N   CA   sing N N 343 
VAL N   H    sing N N 344 
VAL N   H2   sing N N 345 
VAL CA  C    sing N N 346 
VAL CA  CB   sing N N 347 
VAL CA  HA   sing N N 348 
VAL C   O    doub N N 349 
VAL C   OXT  sing N N 350 
VAL CB  CG1  sing N N 351 
VAL CB  CG2  sing N N 352 
VAL CB  HB   sing N N 353 
VAL CG1 HG11 sing N N 354 
VAL CG1 HG12 sing N N 355 
VAL CG1 HG13 sing N N 356 
VAL CG2 HG21 sing N N 357 
VAL CG2 HG22 sing N N 358 
VAL CG2 HG23 sing N N 359 
VAL OXT HXT  sing N N 360 
# 
_atom_sites.entry_id                    2XET 
_atom_sites.fract_transf_matrix[1][1]   -0.01005620 
_atom_sites.fract_transf_matrix[1][2]   -0.00076319 
_atom_sites.fract_transf_matrix[1][3]   0.02313409 
_atom_sites.fract_transf_matrix[2][1]   -0.00051523 
_atom_sites.fract_transf_matrix[2][2]   -0.02476478 
_atom_sites.fract_transf_matrix[2][3]   -0.00104095 
_atom_sites.fract_transf_matrix[3][1]   0.02002191 
_atom_sites.fract_transf_matrix[3][2]   -0.00082924 
_atom_sites.fract_transf_matrix[3][3]   0.00981808 
_atom_sites.fract_transf_vector[1]      0.782166 
_atom_sites.fract_transf_vector[2]      -0.040638 
_atom_sites.fract_transf_vector[3]      0.242185 
# 
loop_
_atom_type.symbol 
C 
N 
O 
S 
# 
loop_
_atom_site.group_PDB 
_atom_site.id 
_atom_site.type_symbol 
_atom_site.label_atom_id 
_atom_site.label_alt_id 
_atom_site.label_comp_id 
_atom_site.label_asym_id 
_atom_site.label_entity_id 
_atom_site.label_seq_id 
_atom_site.pdbx_PDB_ins_code 
_atom_site.Cartn_x 
_atom_site.Cartn_y 
_atom_site.Cartn_z 
_atom_site.occupancy 
_atom_site.B_iso_or_equiv 
_atom_site.pdbx_formal_charge 
_atom_site.auth_seq_id 
_atom_site.auth_comp_id 
_atom_site.auth_asym_id 
_atom_site.auth_atom_id 
_atom_site.pdbx_PDB_model_num 
ATOM   1    N N   . GLY A 1 1  ? -9.717  -3.880  -11.103 1.00 20.45 ? 723  GLY A N   1 
ATOM   2    C CA  . GLY A 1 1  ? -8.710  -4.943  -10.810 1.00 19.30 ? 723  GLY A CA  1 
ATOM   3    C C   . GLY A 1 1  ? -9.114  -5.846  -9.662  1.00 18.07 ? 723  GLY A C   1 
ATOM   4    O O   . GLY A 1 1  ? -10.241 -5.775  -9.167  1.00 19.51 ? 723  GLY A O   1 
ATOM   5    N N   . GLY A 1 2  ? -8.187  -6.704  -9.248  1.00 16.77 ? 724  GLY A N   1 
ATOM   6    C CA  . GLY A 1 2  ? -8.429  -7.650  -8.170  1.00 14.01 ? 724  GLY A CA  1 
ATOM   7    C C   . GLY A 1 2  ? -8.139  -7.085  -6.795  1.00 12.55 ? 724  GLY A C   1 
ATOM   8    O O   . GLY A 1 2  ? -7.125  -6.434  -6.589  1.00 11.38 ? 724  GLY A O   1 
ATOM   9    N N   . ARG A 1 3  ? -9.032  -7.369  -5.848  1.00 10.89 ? 725  ARG A N   1 
ATOM   10   C CA  . ARG A 1 3  ? -8.809  -6.981  -4.469  1.00 9.87  ? 725  ARG A CA  1 
ATOM   11   C C   . ARG A 1 3  ? -8.918  -8.197  -3.565  1.00 9.23  ? 725  ARG A C   1 
ATOM   12   O O   . ARG A 1 3  ? -9.762  -9.097  -3.780  1.00 8.95  ? 725  ARG A O   1 
ATOM   13   C CB  . ARG A 1 3  ? -9.759  -5.850  -4.048  1.00 10.23 ? 725  ARG A CB  1 
ATOM   14   C CG  . ARG A 1 3  ? -11.209 -6.228  -3.969  1.00 10.33 ? 725  ARG A CG  1 
ATOM   15   C CD  . ARG A 1 3  ? -12.183 -5.035  -4.106  1.00 11.45 ? 725  ARG A CD  1 
ATOM   16   N NE  . ARG A 1 3  ? -12.271 -4.528  -5.485  1.00 14.10 ? 725  ARG A NE  1 
ATOM   17   C CZ  . ARG A 1 3  ? -13.014 -5.048  -6.474  1.00 14.43 ? 725  ARG A CZ  1 
ATOM   18   N NH1 . ARG A 1 3  ? -13.756 -6.150  -6.313  1.00 10.59 ? 725  ARG A NH1 1 
ATOM   19   N NH2 . ARG A 1 3  ? -13.001 -4.474  -7.674  1.00 15.25 ? 725  ARG A NH2 1 
ATOM   20   N N   . LEU A 1 4  ? -8.057  -8.231  -2.552  1.00 7.96  ? 726  LEU A N   1 
ATOM   21   C CA  . LEU A 1 4  ? -8.000  -9.389  -1.670  1.00 7.92  ? 726  LEU A CA  1 
ATOM   22   C C   . LEU A 1 4  ? -7.382  -9.102  -0.321  1.00 7.19  ? 726  LEU A C   1 
ATOM   23   O O   . LEU A 1 4  ? -6.551  -8.195  -0.194  1.00 5.81  ? 726  LEU A O   1 
ATOM   24   C CB  . LEU A 1 4  ? -7.224  -10.523 -2.347  1.00 9.73  ? 726  LEU A CB  1 
ATOM   25   C CG  . LEU A 1 4  ? -5.708  -10.507 -2.130  1.00 11.63 ? 726  LEU A CG  1 
ATOM   26   C CD1 . LEU A 1 4  ? -5.193  -11.933 -2.259  1.00 14.32 ? 726  LEU A CD1 1 
ATOM   27   C CD2 . LEU A 1 4  ? -5.109  -9.589  -3.147  1.00 15.22 ? 726  LEU A CD2 1 
ATOM   28   N N   . PHE A 1 5  ? -7.805  -9.903  0.657   1.00 7.10  ? 727  PHE A N   1 
ATOM   29   C CA  . PHE A 1 5  ? -7.159  -10.042 1.953   1.00 6.43  ? 727  PHE A CA  1 
ATOM   30   C C   . PHE A 1 5  ? -6.184  -11.205 1.767   1.00 7.07  ? 727  PHE A C   1 
ATOM   31   O O   . PHE A 1 5  ? -6.612  -12.319 1.377   1.00 7.33  ? 727  PHE A O   1 
ATOM   32   C CB  . PHE A 1 5  ? -8.174  -10.439 3.030   1.00 6.68  ? 727  PHE A CB  1 
ATOM   33   C CG  . PHE A 1 5  ? -9.189  -9.359  3.341   1.00 6.29  ? 727  PHE A CG  1 
ATOM   34   C CD1 . PHE A 1 5  ? -8.936  -8.413  4.337   1.00 6.13  ? 727  PHE A CD1 1 
ATOM   35   C CD2 . PHE A 1 5  ? -10.389 -9.295  2.637   1.00 7.67  ? 727  PHE A CD2 1 
ATOM   36   C CE1 . PHE A 1 5  ? -9.873  -7.412  4.617   1.00 5.89  ? 727  PHE A CE1 1 
ATOM   37   C CE2 . PHE A 1 5  ? -11.324 -8.289  2.906   1.00 6.52  ? 727  PHE A CE2 1 
ATOM   38   C CZ  . PHE A 1 5  ? -11.060 -7.351  3.896   1.00 6.49  ? 727  PHE A CZ  1 
ATOM   39   N N   . LEU A 1 6  ? -4.906  -10.960 2.047   1.00 6.41  ? 728  LEU A N   1 
ATOM   40   C CA  . LEU A 1 6  ? -3.887  -12.003 1.912   1.00 6.64  ? 728  LEU A CA  1 
ATOM   41   C C   . LEU A 1 6  ? -3.239  -12.358 3.247   1.00 6.67  ? 728  LEU A C   1 
ATOM   42   O O   . LEU A 1 6  ? -2.620  -11.502 3.892   1.00 6.74  ? 728  LEU A O   1 
ATOM   43   C CB  . LEU A 1 6  ? -2.808  -11.540 0.920   1.00 6.51  ? 728  LEU A CB  1 
ATOM   44   C CG  . LEU A 1 6  ? -1.714  -12.541 0.570   1.00 7.19  ? 728  LEU A CG  1 
ATOM   45   C CD1 . LEU A 1 6  ? -2.306  -13.755 -0.152  1.00 9.17  ? 728  LEU A CD1 1 
ATOM   46   C CD2 . LEU A 1 6  ? -0.655  -11.846 -0.286  1.00 7.60  ? 728  LEU A CD2 1 
ATOM   47   N N   . HIS A 1 7  ? -3.433  -13.606 3.688   1.00 6.83  ? 729  HIS A N   1 
ATOM   48   C CA  . HIS A 1 7  ? -2.838  -14.062 4.930   1.00 7.37  ? 729  HIS A CA  1 
ATOM   49   C C   . HIS A 1 7  ? -1.492  -14.665 4.618   1.00 7.30  ? 729  HIS A C   1 
ATOM   50   O O   . HIS A 1 7  ? -1.412  -15.641 3.875   1.00 7.91  ? 729  HIS A O   1 
ATOM   51   C CB  . HIS A 1 7  ? -3.726  -15.122 5.621   1.00 7.76  ? 729  HIS A CB  1 
ATOM   52   C CG  . HIS A 1 7  ? -3.253  -15.518 6.983   1.00 9.71  ? 729  HIS A CG  1 
ATOM   53   N ND1 . HIS A 1 7  ? -3.592  -16.726 7.560   1.00 13.93 ? 729  HIS A ND1 1 
ATOM   54   C CD2 . HIS A 1 7  ? -2.481  -14.870 7.890   1.00 8.96  ? 729  HIS A CD2 1 
ATOM   55   C CE1 . HIS A 1 7  ? -3.038  -16.810 8.758   1.00 12.79 ? 729  HIS A CE1 1 
ATOM   56   N NE2 . HIS A 1 7  ? -2.358  -15.701 8.983   1.00 11.09 ? 729  HIS A NE2 1 
ATOM   57   N N   . LEU A 1 8  ? -0.438  -14.060 5.160   1.00 7.19  ? 730  LEU A N   1 
ATOM   58   C CA  . LEU A 1 8  ? 0.927   -14.497 4.898   1.00 7.50  ? 730  LEU A CA  1 
ATOM   59   C C   . LEU A 1 8  ? 1.479   -15.266 6.078   1.00 8.25  ? 730  LEU A C   1 
ATOM   60   O O   . LEU A 1 8  ? 1.228   -14.900 7.208   1.00 8.16  ? 730  LEU A O   1 
ATOM   61   C CB  . LEU A 1 8  ? 1.818   -13.269 4.629   1.00 7.87  ? 730  LEU A CB  1 
ATOM   62   C CG  . LEU A 1 8  ? 1.536   -12.495 3.339   1.00 8.03  ? 730  LEU A CG  1 
ATOM   63   C CD1 . LEU A 1 8  ? 2.125   -11.082 3.467   1.00 10.88 ? 730  LEU A CD1 1 
ATOM   64   C CD2 . LEU A 1 8  ? 2.101   -13.223 2.110   1.00 10.07 ? 730  LEU A CD2 1 
ATOM   65   N N   . LYS A 1 9  ? 2.247   -16.323 5.818   1.00 7.89  ? 731  LYS A N   1 
ATOM   66   C CA  . LYS A 1 9  ? 3.003   -16.992 6.883   1.00 8.72  ? 731  LYS A CA  1 
ATOM   67   C C   . LYS A 1 9  ? 4.384   -17.296 6.309   1.00 8.09  ? 731  LYS A C   1 
ATOM   68   O O   . LYS A 1 9  ? 4.482   -17.656 5.129   1.00 7.16  ? 731  LYS A O   1 
ATOM   69   C CB  . LYS A 1 9  ? 2.298   -18.274 7.352   1.00 9.14  ? 731  LYS A CB  1 
ATOM   70   C CG  . LYS A 1 9  ? 2.921   -18.904 8.604   1.00 12.84 ? 731  LYS A CG  1 
ATOM   71   C CD  . LYS A 1 9  ? 2.082   -20.034 9.204   1.00 13.34 ? 731  LYS A CD  1 
ATOM   72   C CE  . LYS A 1 9  ? 1.705   -21.068 8.139   1.00 18.57 ? 731  LYS A CE  1 
ATOM   73   N NZ  . LYS A 1 9  ? 1.115   -22.319 8.673   1.00 22.44 ? 731  LYS A NZ  1 
ATOM   74   N N   . ARG A 1 10 ? 5.435   -17.129 7.123   1.00 6.63  ? 732  ARG A N   1 
ATOM   75   C CA  . ARG A 1 10 ? 6.782   -17.410 6.654   1.00 6.44  ? 732  ARG A CA  1 
ATOM   76   C C   . ARG A 1 10 ? 6.965   -18.916 6.415   1.00 6.38  ? 732  ARG A C   1 
ATOM   77   O O   . ARG A 1 10 ? 6.256   -19.739 7.018   1.00 6.08  ? 732  ARG A O   1 
ATOM   78   C CB  . ARG A 1 10 ? 7.814   -16.938 7.685   1.00 5.60  ? 732  ARG A CB  1 
ATOM   79   C CG  . ARG A 1 10 ? 7.921   -15.400 7.786   1.00 5.06  ? 732  ARG A CG  1 
ATOM   80   C CD  . ARG A 1 10 ? 8.438   -14.993 9.173   1.00 4.07  ? 732  ARG A CD  1 
ATOM   81   N NE  . ARG A 1 10 ? 9.651   -15.701 9.585   1.00 7.44  ? 732  ARG A NE  1 
ATOM   82   C CZ  . ARG A 1 10 ? 10.760  -15.106 10.033  1.00 9.83  ? 732  ARG A CZ  1 
ATOM   83   N NH1 . ARG A 1 10 ? 10.834  -13.793 10.129  1.00 7.95  ? 732  ARG A NH1 1 
ATOM   84   N NH2 . ARG A 1 10 ? 11.798  -15.841 10.405  1.00 7.48  ? 732  ARG A NH2 1 
ATOM   85   N N   . SER A 1 11 ? 7.949   -19.270 5.572   1.00 5.05  ? 733  SER A N   1 
ATOM   86   C CA  . SER A 1 11 ? 8.266   -20.684 5.307   1.00 5.33  ? 733  SER A CA  1 
ATOM   87   C C   . SER A 1 11 ? 8.732   -21.465 6.570   1.00 5.45  ? 733  SER A C   1 
ATOM   88   O O   . SER A 1 11 ? 8.654   -22.717 6.607   1.00 5.51  ? 733  SER A O   1 
ATOM   89   C CB  . SER A 1 11 ? 9.262   -20.821 4.154   1.00 5.94  ? 733  SER A CB  1 
ATOM   90   O OG  . SER A 1 11 ? 10.350  -19.930 4.312   1.00 6.08  ? 733  SER A OG  1 
ATOM   91   N N   . ASP A 1 12 ? 9.193   -20.741 7.592   1.00 5.23  ? 734  ASP A N   1 
ATOM   92   C CA  . ASP A 1 12 ? 9.593   -21.358 8.863   1.00 5.42  ? 734  ASP A CA  1 
ATOM   93   C C   . ASP A 1 12 ? 8.420   -21.447 9.858   1.00 5.36  ? 734  ASP A C   1 
ATOM   94   O O   . ASP A 1 12 ? 8.607   -21.702 11.039  1.00 6.20  ? 734  ASP A O   1 
ATOM   95   C CB  . ASP A 1 12 ? 10.846  -20.664 9.450   1.00 5.47  ? 734  ASP A CB  1 
ATOM   96   C CG  . ASP A 1 12 ? 10.598  -19.227 9.924   1.00 7.69  ? 734  ASP A CG  1 
ATOM   97   O OD1 . ASP A 1 12 ? 9.494   -18.691 9.719   1.00 5.61  ? 734  ASP A OD1 1 
ATOM   98   O OD2 . ASP A 1 12 ? 11.570  -18.641 10.489  1.00 7.69  ? 734  ASP A OD2 1 
ATOM   99   N N   . ASN A 1 13 ? 7.204   -21.214 9.358   1.00 5.49  ? 735  ASN A N   1 
ATOM   100  C CA  . ASN A 1 13 ? 5.956   -21.253 10.163  1.00 6.80  ? 735  ASN A CA  1 
ATOM   101  C C   . ASN A 1 13 ? 5.775   -20.145 11.212  1.00 7.27  ? 735  ASN A C   1 
ATOM   102  O O   . ASN A 1 13 ? 4.887   -20.259 12.072  1.00 9.20  ? 735  ASN A O   1 
ATOM   103  C CB  . ASN A 1 13 ? 5.703   -22.641 10.807  1.00 8.07  ? 735  ASN A CB  1 
ATOM   104  C CG  . ASN A 1 13 ? 4.229   -22.889 11.116  1.00 10.78 ? 735  ASN A CG  1 
ATOM   105  O OD1 . ASN A 1 13 ? 3.369   -22.648 10.282  1.00 14.47 ? 735  ASN A OD1 1 
ATOM   106  N ND2 . ASN A 1 13 ? 3.947   -23.386 12.313  1.00 15.06 ? 735  ASN A ND2 1 
ATOM   107  N N   . LYS A 1 14 ? 6.585   -19.083 11.161  1.00 6.72  ? 736  LYS A N   1 
ATOM   108  C CA  . LYS A 1 14 ? 6.328   -17.896 11.982  1.00 6.19  ? 736  LYS A CA  1 
ATOM   109  C C   . LYS A 1 14 ? 5.387   -16.941 11.214  1.00 5.71  ? 736  LYS A C   1 
ATOM   110  O O   . LYS A 1 14 ? 5.452   -16.868 9.994   1.00 6.15  ? 736  LYS A O   1 
ATOM   111  C CB  . LYS A 1 14 ? 7.640   -17.158 12.368  1.00 5.25  ? 736  LYS A CB  1 
ATOM   112  C CG  . LYS A 1 14 ? 8.676   -18.020 13.150  1.00 5.85  ? 736  LYS A CG  1 
ATOM   113  C CD  . LYS A 1 14 ? 9.944   -17.224 13.493  1.00 8.05  ? 736  LYS A CD  1 
ATOM   114  C CE  . LYS A 1 14 ? 10.948  -18.051 14.293  1.00 8.30  ? 736  LYS A CE  1 
ATOM   115  N NZ  . LYS A 1 14 ? 11.776  -18.912 13.422  1.00 7.98  ? 736  LYS A NZ  1 
ATOM   116  N N   . PRO A 1 15 ? 4.582   -16.148 11.936  1.00 5.90  ? 737  PRO A N   1 
ATOM   117  C CA  . PRO A 1 15 ? 3.831   -15.081 11.258  1.00 5.30  ? 737  PRO A CA  1 
ATOM   118  C C   . PRO A 1 15 ? 4.802   -14.056 10.667  1.00 5.82  ? 737  PRO A C   1 
ATOM   119  O O   . PRO A 1 15 ? 5.930   -13.877 11.158  1.00 5.64  ? 737  PRO A O   1 
ATOM   120  C CB  . PRO A 1 15 ? 3.002   -14.438 12.395  1.00 5.36  ? 737  PRO A CB  1 
ATOM   121  C CG  . PRO A 1 15 ? 3.121   -15.403 13.598  1.00 8.06  ? 737  PRO A CG  1 
ATOM   122  C CD  . PRO A 1 15 ? 4.412   -16.133 13.403  1.00 6.13  ? 737  PRO A CD  1 
ATOM   123  N N   . VAL A 1 16 ? 4.363   -13.349 9.634   1.00 5.38  ? 738  VAL A N   1 
ATOM   124  C CA  . VAL A 1 16 ? 5.173   -12.242 9.108   1.00 5.84  ? 738  VAL A CA  1 
ATOM   125  C C   . VAL A 1 16 ? 5.076   -11.099 10.137  1.00 5.68  ? 738  VAL A C   1 
ATOM   126  O O   . VAL A 1 16 ? 3.996   -10.833 10.664  1.00 6.11  ? 738  VAL A O   1 
ATOM   127  C CB  . VAL A 1 16 ? 4.657   -11.767 7.750   1.00 6.42  ? 738  VAL A CB  1 
ATOM   128  C CG1 . VAL A 1 16 ? 5.273   -10.410 7.355   1.00 8.00  ? 738  VAL A CG1 1 
ATOM   129  C CG2 . VAL A 1 16 ? 4.965   -12.819 6.663   1.00 6.97  ? 738  VAL A CG2 1 
ATOM   130  N N   . PRO A 1 17 ? 6.201   -10.459 10.463  1.00 6.11  ? 739  PRO A N   1 
ATOM   131  C CA  . PRO A 1 17 ? 6.177   -9.377  11.470  1.00 6.15  ? 739  PRO A CA  1 
ATOM   132  C C   . PRO A 1 17 ? 5.139   -8.257  11.196  1.00 6.16  ? 739  PRO A C   1 
ATOM   133  O O   . PRO A 1 17 ? 5.013   -7.778  10.064  1.00 7.06  ? 739  PRO A O   1 
ATOM   134  C CB  . PRO A 1 17 ? 7.601   -8.811  11.393  1.00 6.58  ? 739  PRO A CB  1 
ATOM   135  C CG  . PRO A 1 17 ? 8.429   -9.989  11.020  1.00 6.25  ? 739  PRO A CG  1 
ATOM   136  C CD  . PRO A 1 17 ? 7.568   -10.763 10.012  1.00 6.45  ? 739  PRO A CD  1 
ATOM   137  N N   . PHE A 1 18 ? 4.412   -7.893  12.249  1.00 5.52  ? 740  PHE A N   1 
ATOM   138  C CA  . PHE A 1 18 ? 3.495   -6.744  12.252  1.00 5.90  ? 740  PHE A CA  1 
ATOM   139  C C   . PHE A 1 18 ? 4.289   -5.508  11.800  1.00 6.12  ? 740  PHE A C   1 
ATOM   140  O O   . PHE A 1 18 ? 5.288   -5.130  12.425  1.00 6.07  ? 740  PHE A O   1 
ATOM   141  C CB  . PHE A 1 18 ? 2.951   -6.577  13.686  1.00 5.74  ? 740  PHE A CB  1 
ATOM   142  C CG  . PHE A 1 18 ? 1.988   -5.417  13.876  1.00 6.14  ? 740  PHE A CG  1 
ATOM   143  C CD1 . PHE A 1 18 ? 1.290   -4.864  12.803  1.00 5.14  ? 740  PHE A CD1 1 
ATOM   144  C CD2 . PHE A 1 18 ? 1.745   -4.920  15.162  1.00 5.39  ? 740  PHE A CD2 1 
ATOM   145  C CE1 . PHE A 1 18 ? 0.392   -3.812  12.979  1.00 5.38  ? 740  PHE A CE1 1 
ATOM   146  C CE2 . PHE A 1 18 ? 0.837   -3.860  15.379  1.00 6.64  ? 740  PHE A CE2 1 
ATOM   147  C CZ  . PHE A 1 18 ? 0.156   -3.293  14.291  1.00 4.49  ? 740  PHE A CZ  1 
ATOM   148  N N   . GLY A 1 19 ? 3.883   -4.909  10.683  1.00 5.73  ? 741  GLY A N   1 
ATOM   149  C CA  . GLY A 1 19 ? 4.563   -3.702  10.175  1.00 6.30  ? 741  GLY A CA  1 
ATOM   150  C C   . GLY A 1 19 ? 5.460   -3.903  8.964   1.00 6.08  ? 741  GLY A C   1 
ATOM   151  O O   . GLY A 1 19 ? 5.972   -2.919  8.390   1.00 6.34  ? 741  GLY A O   1 
ATOM   152  N N   . SER A 1 20 ? 5.667   -5.172  8.576   1.00 5.37  ? 742  SER A N   1 
ATOM   153  C CA  . SER A 1 20 ? 6.424   -5.465  7.359   1.00 5.20  ? 742  SER A CA  1 
ATOM   154  C C   . SER A 1 20 ? 5.817   -4.767  6.139   1.00 5.58  ? 742  SER A C   1 
ATOM   155  O O   . SER A 1 20 ? 4.586   -4.669  5.992   1.00 5.34  ? 742  SER A O   1 
ATOM   156  C CB  . SER A 1 20 ? 6.487   -6.971  7.100   1.00 5.97  ? 742  SER A CB  1 
ATOM   157  O OG  . SER A 1 20 ? 7.011   -7.679  8.210   1.00 5.39  ? 742  SER A OG  1 
ATOM   158  N N   . ILE A 1 21 ? 6.695   -4.322  5.255   1.00 5.13  ? 743  ILE A N   1 
ATOM   159  C CA  . ILE A 1 21 ? 6.246   -3.602  4.072   1.00 5.51  ? 743  ILE A CA  1 
ATOM   160  C C   . ILE A 1 21 ? 6.113   -4.546  2.868   1.00 5.76  ? 743  ILE A C   1 
ATOM   161  O O   . ILE A 1 21 ? 7.024   -5.335  2.576   1.00 5.41  ? 743  ILE A O   1 
ATOM   162  C CB  . ILE A 1 21 ? 7.183   -2.441  3.752   1.00 5.21  ? 743  ILE A CB  1 
ATOM   163  C CG1 . ILE A 1 21 ? 7.244   -1.428  4.940   1.00 6.57  ? 743  ILE A CG1 1 
ATOM   164  C CG2 . ILE A 1 21 ? 6.735   -1.747  2.467   1.00 5.42  ? 743  ILE A CG2 1 
ATOM   165  C CD1 . ILE A 1 21 ? 5.923   -0.796  5.299   1.00 9.46  ? 743  ILE A CD1 1 
ATOM   166  N N   . VAL A 1 22 ? 4.966   -4.457  2.188   1.00 5.91  ? 744  VAL A N   1 
ATOM   167  C CA  . VAL A 1 22 ? 4.679   -5.310  1.041   1.00 5.31  ? 744  VAL A CA  1 
ATOM   168  C C   . VAL A 1 22 ? 4.892   -4.494  -0.209  1.00 5.80  ? 744  VAL A C   1 
ATOM   169  O O   . VAL A 1 22 ? 4.378   -3.376  -0.300  1.00 5.55  ? 744  VAL A O   1 
ATOM   170  C CB  . VAL A 1 22 ? 3.235   -5.837  1.070   1.00 6.17  ? 744  VAL A CB  1 
ATOM   171  C CG1 . VAL A 1 22 ? 2.941   -6.727  -0.143  1.00 6.32  ? 744  VAL A CG1 1 
ATOM   172  C CG2 . VAL A 1 22 ? 2.976   -6.594  2.363   1.00 5.49  ? 744  VAL A CG2 1 
ATOM   173  N N   . THR A 1 23 ? 5.688   -5.028  -1.144  1.00 5.21  ? 745  THR A N   1 
ATOM   174  C CA  . THR A 1 23 ? 5.888   -4.388  -2.460  1.00 6.11  ? 745  THR A CA  1 
ATOM   175  C C   . THR A 1 23 ? 5.681   -5.370  -3.599  1.00 6.49  ? 745  THR A C   1 
ATOM   176  O O   . THR A 1 23 ? 5.836   -6.559  -3.405  1.00 7.69  ? 745  THR A O   1 
ATOM   177  C CB  . THR A 1 23 ? 7.315   -3.821  -2.619  1.00 7.04  ? 745  THR A CB  1 
ATOM   178  O OG1 . THR A 1 23 ? 8.258   -4.860  -2.328  1.00 6.82  ? 745  THR A OG1 1 
ATOM   179  C CG2 . THR A 1 23 ? 7.520   -2.651  -1.675  1.00 5.97  ? 745  THR A CG2 1 
ATOM   180  N N   . ILE A 1 24 ? 5.293   -4.860  -4.766  1.00 6.92  ? 746  ILE A N   1 
ATOM   181  C CA  . ILE A 1 24 ? 5.275   -5.682  -5.993  1.00 8.00  ? 746  ILE A CA  1 
ATOM   182  C C   . ILE A 1 24 ? 6.743   -5.871  -6.380  1.00 9.05  ? 746  ILE A C   1 
ATOM   183  O O   . ILE A 1 24 ? 7.533   -4.921  -6.347  1.00 8.82  ? 746  ILE A O   1 
ATOM   184  C CB  . ILE A 1 24 ? 4.504   -4.970  -7.125  1.00 9.23  ? 746  ILE A CB  1 
ATOM   185  C CG1 . ILE A 1 24 ? 3.037   -4.766  -6.731  1.00 9.03  ? 746  ILE A CG1 1 
ATOM   186  C CG2 . ILE A 1 24 ? 4.595   -5.754  -8.456  1.00 8.84  ? 746  ILE A CG2 1 
ATOM   187  C CD1 . ILE A 1 24 ? 2.283   -6.003  -6.386  1.00 10.28 ? 746  ILE A CD1 1 
ATOM   188  N N   . GLU A 1 25 ? 7.115   -7.109  -6.690  1.00 10.22 ? 747  GLU A N   1 
ATOM   189  C CA  . GLU A 1 25 ? 8.477   -7.405  -7.117  1.00 11.72 ? 747  GLU A CA  1 
ATOM   190  C C   . GLU A 1 25 ? 8.890   -6.458  -8.248  1.00 11.98 ? 747  GLU A C   1 
ATOM   191  O O   . GLU A 1 25 ? 8.155   -6.256  -9.234  1.00 12.31 ? 747  GLU A O   1 
ATOM   192  C CB  . GLU A 1 25 ? 8.604   -8.878  -7.529  1.00 11.30 ? 747  GLU A CB  1 
ATOM   193  C CG  . GLU A 1 25 ? 8.863   -9.799  -6.354  1.00 15.10 ? 747  GLU A CG  1 
ATOM   194  N N   . GLY A 1 26 ? 10.049  -5.831  -8.083  1.00 13.05 ? 748  GLY A N   1 
ATOM   195  C CA  . GLY A 1 26 ? 10.505  -4.885  -9.094  1.00 13.28 ? 748  GLY A CA  1 
ATOM   196  C C   . GLY A 1 26 ? 10.118  -3.429  -8.879  1.00 13.65 ? 748  GLY A C   1 
ATOM   197  O O   . GLY A 1 26 ? 10.589  -2.541  -9.621  1.00 12.98 ? 748  GLY A O   1 
ATOM   198  N N   . GLN A 1 27 ? 9.275   -3.174  -7.876  1.00 12.96 ? 749  GLN A N   1 
ATOM   199  C CA  . GLN A 1 27 ? 8.841   -1.802  -7.529  1.00 13.63 ? 749  GLN A CA  1 
ATOM   200  C C   . GLN A 1 27 ? 9.352   -1.420  -6.144  1.00 12.98 ? 749  GLN A C   1 
ATOM   201  O O   . GLN A 1 27 ? 9.386   -2.259  -5.239  1.00 13.10 ? 749  GLN A O   1 
ATOM   202  C CB  . GLN A 1 27 ? 7.313   -1.669  -7.548  1.00 13.02 ? 749  GLN A CB  1 
ATOM   203  C CG  . GLN A 1 27 ? 6.635   -1.862  -8.895  1.00 15.21 ? 749  GLN A CG  1 
ATOM   204  C CD  . GLN A 1 27 ? 5.131   -1.561  -8.863  1.00 16.25 ? 749  GLN A CD  1 
ATOM   205  O OE1 . GLN A 1 27 ? 4.542   -1.211  -7.809  1.00 18.08 ? 749  GLN A OE1 1 
ATOM   206  N NE2 . GLN A 1 27 ? 4.492   -1.696  -10.032 1.00 18.85 ? 749  GLN A NE2 1 
ATOM   207  N N   . SER A 1 28 ? 9.748   -0.160  -5.974  1.00 11.98 ? 750  SER A N   1 
ATOM   208  C CA  . SER A 1 28 ? 10.348  0.268   -4.710  1.00 11.92 ? 750  SER A CA  1 
ATOM   209  C C   . SER A 1 28 ? 9.332   0.810   -3.706  1.00 10.99 ? 750  SER A C   1 
ATOM   210  O O   . SER A 1 28 ? 9.553   0.734   -2.489  1.00 11.09 ? 750  SER A O   1 
ATOM   211  C CB  . SER A 1 28 ? 11.458  1.288   -4.957  1.00 12.56 ? 750  SER A CB  1 
ATOM   212  O OG  A SER A 1 28 ? 12.567  0.646   -5.571  0.60 14.27 ? 750  SER A OG  1 
ATOM   213  O OG  B SER A 1 28 ? 10.926  2.510   -5.448  0.40 12.51 ? 750  SER A OG  1 
ATOM   214  N N   . SER A 1 29 ? 8.223   1.362   -4.203  1.00 9.48  ? 751  SER A N   1 
ATOM   215  C CA  . SER A 1 29 ? 7.245   1.983   -3.293  1.00 8.42  ? 751  SER A CA  1 
ATOM   216  C C   . SER A 1 29 ? 6.281   0.984   -2.657  1.00 7.59  ? 751  SER A C   1 
ATOM   217  O O   . SER A 1 29 ? 5.900   -0.019  -3.281  1.00 7.35  ? 751  SER A O   1 
ATOM   218  C CB  . SER A 1 29 ? 6.441   3.072   -4.005  1.00 9.44  ? 751  SER A CB  1 
ATOM   219  O OG  . SER A 1 29 ? 5.791   2.582   -5.175  1.00 11.65 ? 751  SER A OG  1 
ATOM   220  N N   . SER A 1 30 ? 5.856   1.271   -1.424  1.00 5.97  ? 752  SER A N   1 
ATOM   221  C CA  . SER A 1 30 ? 4.935   0.380   -0.704  1.00 5.62  ? 752  SER A CA  1 
ATOM   222  C C   . SER A 1 30 ? 3.658   0.079   -1.489  1.00 5.78  ? 752  SER A C   1 
ATOM   223  O O   . SER A 1 30 ? 3.103   0.990   -2.138  1.00 5.47  ? 752  SER A O   1 
ATOM   224  C CB  . SER A 1 30 ? 4.542   1.009   0.650   1.00 5.94  ? 752  SER A CB  1 
ATOM   225  O OG  . SER A 1 30 ? 3.831   2.240   0.439   1.00 7.15  ? 752  SER A OG  1 
ATOM   226  N N   . SER A 1 31 ? 3.205   -1.178  -1.404  1.00 5.55  ? 753  SER A N   1 
ATOM   227  C CA  . SER A 1 31 ? 1.857   -1.584  -1.854  1.00 5.29  ? 753  SER A CA  1 
ATOM   228  C C   . SER A 1 31 ? 0.894   -1.748  -0.685  1.00 5.76  ? 753  SER A C   1 
ATOM   229  O O   . SER A 1 31 ? -0.331  -1.635  -0.850  1.00 6.07  ? 753  SER A O   1 
ATOM   230  C CB  . SER A 1 31 ? 1.916   -2.895  -2.620  1.00 6.53  ? 753  SER A CB  1 
ATOM   231  O OG  . SER A 1 31 ? 2.512   -2.717  -3.885  1.00 9.64  ? 753  SER A OG  1 
ATOM   232  N N   . GLY A 1 32 ? 1.438   -2.079  0.479   1.00 4.83  ? 754  GLY A N   1 
ATOM   233  C CA  . GLY A 1 32 ? 0.621   -2.237  1.688   1.00 4.88  ? 754  GLY A CA  1 
ATOM   234  C C   . GLY A 1 32 ? 1.490   -2.591  2.879   1.00 5.39  ? 754  GLY A C   1 
ATOM   235  O O   . GLY A 1 32 ? 2.715   -2.684  2.745   1.00 5.02  ? 754  GLY A O   1 
ATOM   236  N N   . ILE A 1 33 ? 0.860   -2.742  4.042   1.00 5.03  ? 755  ILE A N   1 
ATOM   237  C CA  . ILE A 1 33 ? 1.585   -3.022  5.288   1.00 7.10  ? 755  ILE A CA  1 
ATOM   238  C C   . ILE A 1 33 ? 0.940   -4.206  6.001   1.00 7.08  ? 755  ILE A C   1 
ATOM   239  O O   . ILE A 1 33 ? -0.277  -4.290  6.115   1.00 6.15  ? 755  ILE A O   1 
ATOM   240  C CB  . ILE A 1 33 ? 1.541   -1.817  6.261   1.00 7.47  ? 755  ILE A CB  1 
ATOM   241  C CG1 . ILE A 1 33 ? 1.875   -0.494  5.549   1.00 7.55  ? 755  ILE A CG1 1 
ATOM   242  C CG2 . ILE A 1 33 ? 2.490   -2.044  7.437   1.00 9.84  ? 755  ILE A CG2 1 
ATOM   243  C CD1 . ILE A 1 33 ? 1.502   0.745   6.381   1.00 8.23  ? 755  ILE A CD1 1 
ATOM   244  N N   . VAL A 1 34 ? 1.770   -5.134  6.462   1.00 6.16  ? 756  VAL A N   1 
ATOM   245  C CA  . VAL A 1 34 ? 1.272   -6.341  7.135   1.00 6.34  ? 756  VAL A CA  1 
ATOM   246  C C   . VAL A 1 34 ? 0.791   -5.950  8.531   1.00 5.89  ? 756  VAL A C   1 
ATOM   247  O O   . VAL A 1 34 ? 1.472   -5.224  9.240   1.00 6.38  ? 756  VAL A O   1 
ATOM   248  C CB  . VAL A 1 34 ? 2.368   -7.402  7.186   1.00 5.77  ? 756  VAL A CB  1 
ATOM   249  C CG1 . VAL A 1 34 ? 1.936   -8.614  8.034   1.00 8.27  ? 756  VAL A CG1 1 
ATOM   250  C CG2 . VAL A 1 34 ? 2.739   -7.845  5.751   1.00 5.21  ? 756  VAL A CG2 1 
ATOM   251  N N   . GLY A 1 35 ? -0.427  -6.364  8.866   1.00 6.52  ? 757  GLY A N   1 
ATOM   252  C CA  . GLY A 1 35 ? -1.042  -5.987  10.144  1.00 6.12  ? 757  GLY A CA  1 
ATOM   253  C C   . GLY A 1 35 ? -0.817  -6.992  11.255  1.00 6.60  ? 757  GLY A C   1 
ATOM   254  O O   . GLY A 1 35 ? 0.051   -7.885  11.133  1.00 6.88  ? 757  GLY A O   1 
ATOM   255  N N   . ASP A 1 36 ? -1.590  -6.854  12.334  1.00 5.50  ? 758  ASP A N   1 
ATOM   256  C CA  . ASP A 1 36 ? -1.346  -7.648  13.563  1.00 5.69  ? 758  ASP A CA  1 
ATOM   257  C C   . ASP A 1 36 ? -1.876  -9.086  13.518  1.00 5.75  ? 758  ASP A C   1 
ATOM   258  O O   . ASP A 1 36 ? -1.642  -9.848  14.459  1.00 5.58  ? 758  ASP A O   1 
ATOM   259  C CB  . ASP A 1 36 ? -1.792  -6.920  14.853  1.00 6.50  ? 758  ASP A CB  1 
ATOM   260  C CG  . ASP A 1 36 ? -3.289  -6.659  14.896  1.00 7.64  ? 758  ASP A CG  1 
ATOM   261  O OD1 . ASP A 1 36 ? -4.047  -7.307  14.151  1.00 7.22  ? 758  ASP A OD1 1 
ATOM   262  O OD2 . ASP A 1 36 ? -3.715  -5.793  15.687  1.00 10.09 ? 758  ASP A OD2 1 
ATOM   263  N N   . ASN A 1 37 ? -2.572  -9.448  12.435  1.00 5.93  ? 759  ASN A N   1 
ATOM   264  C CA  . ASN A 1 37 ? -2.964  -10.847 12.159  1.00 5.36  ? 759  ASN A CA  1 
ATOM   265  C C   . ASN A 1 37 ? -2.170  -11.431 10.956  1.00 5.34  ? 759  ASN A C   1 
ATOM   266  O O   . ASN A 1 37 ? -2.591  -12.396 10.304  1.00 5.45  ? 759  ASN A O   1 
ATOM   267  C CB  . ASN A 1 37 ? -4.475  -10.942 11.922  1.00 6.05  ? 759  ASN A CB  1 
ATOM   268  C CG  . ASN A 1 37 ? -5.302  -10.668 13.179  1.00 6.43  ? 759  ASN A CG  1 
ATOM   269  O OD1 . ASN A 1 37 ? -4.975  -11.119 14.268  1.00 8.05  ? 759  ASN A OD1 1 
ATOM   270  N ND2 . ASN A 1 37 ? -6.406  -9.930  13.018  1.00 7.88  ? 759  ASN A ND2 1 
ATOM   271  N N   . SER A 1 38 ? -1.012  -10.820 10.673  1.00 4.51  ? 760  SER A N   1 
ATOM   272  C CA  . SER A 1 38 ? -0.140  -11.277 9.584   1.00 5.33  ? 760  SER A CA  1 
ATOM   273  C C   . SER A 1 38 ? -0.866  -11.312 8.238   1.00 5.30  ? 760  SER A C   1 
ATOM   274  O O   . SER A 1 38 ? -0.645  -12.209 7.401   1.00 5.58  ? 760  SER A O   1 
ATOM   275  C CB  . SER A 1 38 ? 0.489   -12.640 9.899   1.00 4.94  ? 760  SER A CB  1 
ATOM   276  O OG  . SER A 1 38 ? 1.580   -12.894 9.022   1.00 5.11  ? 760  SER A OG  1 
ATOM   277  N N   . GLY A 1 39 ? -1.748  -10.320 8.045   1.00 4.60  ? 761  GLY A N   1 
ATOM   278  C CA  . GLY A 1 39 ? -2.428  -10.120 6.771   1.00 6.28  ? 761  GLY A CA  1 
ATOM   279  C C   . GLY A 1 39 ? -2.210  -8.745  6.156   1.00 5.71  ? 761  GLY A C   1 
ATOM   280  O O   . GLY A 1 39 ? -1.772  -7.789  6.813   1.00 5.23  ? 761  GLY A O   1 
ATOM   281  N N   . VAL A 1 40 ? -2.499  -8.659  4.869   1.00 5.72  ? 762  VAL A N   1 
ATOM   282  C CA  . VAL A 1 40 ? -2.503  -7.387  4.160   1.00 6.24  ? 762  VAL A CA  1 
ATOM   283  C C   . VAL A 1 40 ? -3.685  -7.321  3.187   1.00 6.63  ? 762  VAL A C   1 
ATOM   284  O O   . VAL A 1 40 ? -4.112  -8.347  2.648   1.00 6.15  ? 762  VAL A O   1 
ATOM   285  C CB  . VAL A 1 40 ? -1.151  -7.182  3.422   1.00 5.72  ? 762  VAL A CB  1 
ATOM   286  C CG1 . VAL A 1 40 ? -0.957  -8.263  2.322   1.00 6.44  ? 762  VAL A CG1 1 
ATOM   287  C CG2 . VAL A 1 40 ? -1.060  -5.766  2.839   1.00 7.03  ? 762  VAL A CG2 1 
ATOM   288  N N   . TYR A 1 41 ? -4.211  -6.118  2.978   1.00 6.45  ? 763  TYR A N   1 
ATOM   289  C CA  . TYR A 1 41 ? -5.273  -5.907  1.998   1.00 6.13  ? 763  TYR A CA  1 
ATOM   290  C C   . TYR A 1 41 ? -4.661  -5.157  0.811   1.00 6.24  ? 763  TYR A C   1 
ATOM   291  O O   . TYR A 1 41 ? -4.005  -4.119  0.999   1.00 5.89  ? 763  TYR A O   1 
ATOM   292  C CB  . TYR A 1 41 ? -6.422  -5.107  2.621   1.00 6.85  ? 763  TYR A CB  1 
ATOM   293  C CG  . TYR A 1 41 ? -7.599  -4.915  1.686   1.00 6.66  ? 763  TYR A CG  1 
ATOM   294  C CD1 . TYR A 1 41 ? -8.464  -5.990  1.379   1.00 5.77  ? 763  TYR A CD1 1 
ATOM   295  C CD2 . TYR A 1 41 ? -7.858  -3.665  1.082   1.00 7.28  ? 763  TYR A CD2 1 
ATOM   296  C CE1 . TYR A 1 41 ? -9.559  -5.827  0.525   1.00 5.48  ? 763  TYR A CE1 1 
ATOM   297  C CE2 . TYR A 1 41 ? -8.955  -3.498  0.205   1.00 7.26  ? 763  TYR A CE2 1 
ATOM   298  C CZ  . TYR A 1 41 ? -9.795  -4.591  -0.072  1.00 5.64  ? 763  TYR A CZ  1 
ATOM   299  O OH  . TYR A 1 41 ? -10.872 -4.424  -0.920  1.00 6.82  ? 763  TYR A OH  1 
ATOM   300  N N   . LEU A 1 42 ? -4.884  -5.693  -0.392  1.00 5.25  ? 764  LEU A N   1 
ATOM   301  C CA  . LEU A 1 42 ? -4.276  -5.187  -1.628  1.00 6.41  ? 764  LEU A CA  1 
ATOM   302  C C   . LEU A 1 42 ? -5.372  -5.026  -2.693  1.00 6.34  ? 764  LEU A C   1 
ATOM   303  O O   . LEU A 1 42 ? -6.330  -5.819  -2.736  1.00 5.95  ? 764  LEU A O   1 
ATOM   304  C CB  . LEU A 1 42 ? -3.212  -6.166  -2.139  1.00 6.58  ? 764  LEU A CB  1 
ATOM   305  C CG  . LEU A 1 42 ? -2.018  -6.474  -1.218  1.00 7.31  ? 764  LEU A CG  1 
ATOM   306  C CD1 . LEU A 1 42 ? -1.156  -7.642  -1.734  1.00 8.60  ? 764  LEU A CD1 1 
ATOM   307  C CD2 . LEU A 1 42 ? -1.135  -5.208  -1.001  1.00 7.05  ? 764  LEU A CD2 1 
ATOM   308  N N   . THR A 1 43 ? -5.242  -4.005  -3.538  1.00 6.83  ? 765  THR A N   1 
ATOM   309  C CA  . THR A 1 43 ? -6.216  -3.757  -4.582  1.00 7.28  ? 765  THR A CA  1 
ATOM   310  C C   . THR A 1 43 ? -5.477  -3.428  -5.893  1.00 7.08  ? 765  THR A C   1 
ATOM   311  O O   . THR A 1 43 ? -4.265  -3.146  -5.888  1.00 6.69  ? 765  THR A O   1 
ATOM   312  C CB  . THR A 1 43 ? -7.149  -2.552  -4.215  1.00 7.31  ? 765  THR A CB  1 
ATOM   313  O OG1 . THR A 1 43 ? -6.416  -1.327  -4.391  1.00 9.47  ? 765  THR A OG1 1 
ATOM   314  C CG2 . THR A 1 43 ? -7.663  -2.649  -2.768  1.00 8.20  ? 765  THR A CG2 1 
ATOM   315  N N   . GLY A 1 44 ? -6.217  -3.500  -7.007  1.00 8.22  ? 766  GLY A N   1 
ATOM   316  C CA  . GLY A 1 44 ? -5.699  -3.135  -8.333  1.00 9.75  ? 766  GLY A CA  1 
ATOM   317  C C   . GLY A 1 44 ? -4.721  -4.147  -8.885  1.00 11.09 ? 766  GLY A C   1 
ATOM   318  O O   . GLY A 1 44 ? -3.861  -3.803  -9.700  1.00 11.75 ? 766  GLY A O   1 
ATOM   319  N N   . LEU A 1 45 ? -4.857  -5.398  -8.450  1.00 10.81 ? 767  LEU A N   1 
ATOM   320  C CA  . LEU A 1 45 ? -3.919  -6.449  -8.829  1.00 10.96 ? 767  LEU A CA  1 
ATOM   321  C C   . LEU A 1 45 ? -4.370  -7.197  -10.074 1.00 10.97 ? 767  LEU A C   1 
ATOM   322  O O   . LEU A 1 45 ? -5.568  -7.409  -10.266 1.00 11.90 ? 767  LEU A O   1 
ATOM   323  C CB  . LEU A 1 45 ? -3.779  -7.462  -7.690  1.00 11.63 ? 767  LEU A CB  1 
ATOM   324  C CG  . LEU A 1 45 ? -3.134  -6.983  -6.386  1.00 10.82 ? 767  LEU A CG  1 
ATOM   325  C CD1 . LEU A 1 45 ? -3.088  -8.129  -5.384  1.00 12.78 ? 767  LEU A CD1 1 
ATOM   326  C CD2 . LEU A 1 45 ? -1.739  -6.466  -6.650  1.00 12.75 ? 767  LEU A CD2 1 
ATOM   327  N N   . PRO A 1 46 ? -3.404  -7.638  -10.901 1.00 10.84 ? 768  PRO A N   1 
ATOM   328  C CA  . PRO A 1 46 ? -3.686  -8.522  -12.028 1.00 11.00 ? 768  PRO A CA  1 
ATOM   329  C C   . PRO A 1 46 ? -3.925  -9.951  -11.535 1.00 11.33 ? 768  PRO A C   1 
ATOM   330  O O   . PRO A 1 46 ? -3.804  -10.220 -10.336 1.00 10.77 ? 768  PRO A O   1 
ATOM   331  C CB  . PRO A 1 46 ? -2.397  -8.444  -12.844 1.00 10.82 ? 768  PRO A CB  1 
ATOM   332  C CG  . PRO A 1 46 ? -1.336  -8.286  -11.797 1.00 11.74 ? 768  PRO A CG  1 
ATOM   333  C CD  . PRO A 1 46 ? -1.963  -7.347  -10.796 1.00 10.56 ? 768  PRO A CD  1 
ATOM   334  N N   . LYS A 1 47 ? -4.255  -10.861 -12.447 1.00 11.95 ? 769  LYS A N   1 
ATOM   335  C CA  . LYS A 1 47 ? -4.502  -12.246 -12.049 1.00 12.44 ? 769  LYS A CA  1 
ATOM   336  C C   . LYS A 1 47 ? -3.313  -12.903 -11.324 1.00 11.67 ? 769  LYS A C   1 
ATOM   337  O O   . LYS A 1 47 ? -3.508  -13.651 -10.368 1.00 10.99 ? 769  LYS A O   1 
ATOM   338  C CB  . LYS A 1 47 ? -4.935  -13.103 -13.250 1.00 13.01 ? 769  LYS A CB  1 
ATOM   339  C CG  . LYS A 1 47 ? -5.283  -14.527 -12.846 1.00 16.65 ? 769  LYS A CG  1 
ATOM   340  C CD  . LYS A 1 47 ? -5.899  -15.334 -13.974 1.00 19.97 ? 769  LYS A CD  1 
ATOM   341  C CE  . LYS A 1 47 ? -5.747  -16.828 -13.727 1.00 23.06 ? 769  LYS A CE  1 
ATOM   342  N NZ  . LYS A 1 47 ? -5.982  -17.256 -12.300 1.00 22.87 ? 769  LYS A NZ  1 
ATOM   343  N N   . LYS A 1 48 ? -2.092  -12.613 -11.764 1.00 10.64 ? 770  LYS A N   1 
ATOM   344  C CA  . LYS A 1 48 ? -0.900  -13.217 -11.181 1.00 10.87 ? 770  LYS A CA  1 
ATOM   345  C C   . LYS A 1 48 ? 0.122   -12.142 -10.863 1.00 10.38 ? 770  LYS A C   1 
ATOM   346  O O   . LYS A 1 48 ? 0.508   -11.365 -11.751 1.00 10.31 ? 770  LYS A O   1 
ATOM   347  C CB  . LYS A 1 48 ? -0.298  -14.225 -12.156 1.00 11.56 ? 770  LYS A CB  1 
ATOM   348  C CG  . LYS A 1 48 ? -1.210  -15.415 -12.412 1.00 13.51 ? 770  LYS A CG  1 
ATOM   349  C CD  . LYS A 1 48 ? -0.557  -16.475 -13.294 1.00 17.56 ? 770  LYS A CD  1 
ATOM   350  C CE  . LYS A 1 48 ? -1.180  -17.852 -13.018 1.00 21.81 ? 770  LYS A CE  1 
ATOM   351  N NZ  . LYS A 1 48 ? -2.678  -17.782 -12.907 1.00 23.99 ? 770  LYS A NZ  1 
ATOM   352  N N   . SER A 1 49 ? 0.541   -12.106 -9.601  1.00 9.78  ? 771  SER A N   1 
ATOM   353  C CA  . SER A 1 49 ? 1.541   -11.150 -9.110  1.00 10.07 ? 771  SER A CA  1 
ATOM   354  C C   . SER A 1 49 ? 2.637   -11.858 -8.304  1.00 9.90  ? 771  SER A C   1 
ATOM   355  O O   . SER A 1 49 ? 2.459   -12.998 -7.863  1.00 9.77  ? 771  SER A O   1 
ATOM   356  C CB  . SER A 1 49 ? 0.884   -10.095 -8.215  1.00 11.19 ? 771  SER A CB  1 
ATOM   357  O OG  . SER A 1 49 ? -0.082  -9.380  -8.937  1.00 11.79 ? 771  SER A OG  1 
ATOM   358  N N   . LYS A 1 50 ? 3.755   -11.159 -8.116  1.00 9.42  ? 772  LYS A N   1 
ATOM   359  C CA  . LYS A 1 50 ? 4.819   -11.609 -7.223  1.00 9.65  ? 772  LYS A CA  1 
ATOM   360  C C   . LYS A 1 50 ? 5.101   -10.446 -6.282  1.00 8.67  ? 772  LYS A C   1 
ATOM   361  O O   . LYS A 1 50 ? 5.227   -9.300  -6.729  1.00 8.86  ? 772  LYS A O   1 
ATOM   362  C CB  . LYS A 1 50 ? 6.088   -11.970 -7.999  1.00 9.55  ? 772  LYS A CB  1 
ATOM   363  C CG  . LYS A 1 50 ? 5.920   -13.248 -8.852  1.00 11.04 ? 772  LYS A CG  1 
ATOM   364  C CD  . LYS A 1 50 ? 7.189   -13.610 -9.610  1.00 13.41 ? 772  LYS A CD  1 
ATOM   365  C CE  . LYS A 1 50 ? 6.908   -14.787 -10.540 1.00 18.06 ? 772  LYS A CE  1 
ATOM   366  N NZ  . LYS A 1 50 ? 6.670   -16.029 -9.755  1.00 21.78 ? 772  LYS A NZ  1 
ATOM   367  N N   . ILE A 1 51 ? 5.174   -10.748 -4.991  1.00 8.48  ? 773  ILE A N   1 
ATOM   368  C CA  . ILE A 1 51 ? 5.441   -9.711  -3.982  1.00 7.83  ? 773  ILE A CA  1 
ATOM   369  C C   . ILE A 1 51 ? 6.677   -9.982  -3.130  1.00 7.72  ? 773  ILE A C   1 
ATOM   370  O O   . ILE A 1 51 ? 7.120   -11.136 -2.991  1.00 7.29  ? 773  ILE A O   1 
ATOM   371  C CB  . ILE A 1 51 ? 4.201   -9.467  -3.060  1.00 7.86  ? 773  ILE A CB  1 
ATOM   372  C CG1 . ILE A 1 51 ? 3.855   -10.738 -2.264  1.00 6.55  ? 773  ILE A CG1 1 
ATOM   373  C CG2 . ILE A 1 51 ? 2.996   -8.932  -3.878  1.00 8.08  ? 773  ILE A CG2 1 
ATOM   374  C CD1 . ILE A 1 51 ? 2.753   -10.560 -1.195  1.00 6.52  ? 773  ILE A CD1 1 
ATOM   375  N N   . LEU A 1 52 ? 7.258   -8.892  -2.619  1.00 7.11  ? 774  LEU A N   1 
ATOM   376  C CA  . LEU A 1 52 ? 8.315   -8.925  -1.634  1.00 7.52  ? 774  LEU A CA  1 
ATOM   377  C C   . LEU A 1 52 ? 7.736   -8.366  -0.347  1.00 7.45  ? 774  LEU A C   1 
ATOM   378  O O   . LEU A 1 52 ? 7.020   -7.361  -0.367  1.00 7.16  ? 774  LEU A O   1 
ATOM   379  C CB  . LEU A 1 52 ? 9.478   -8.034  -2.075  1.00 7.38  ? 774  LEU A CB  1 
ATOM   380  C CG  . LEU A 1 52 ? 10.711  -7.985  -1.162  1.00 8.70  ? 774  LEU A CG  1 
ATOM   381  C CD1 . LEU A 1 52 ? 11.434  -9.341  -1.027  1.00 9.08  ? 774  LEU A CD1 1 
ATOM   382  C CD2 . LEU A 1 52 ? 11.684  -6.881  -1.608  1.00 8.51  ? 774  LEU A CD2 1 
ATOM   383  N N   . VAL A 1 53 ? 8.064   -9.022  0.764   1.00 7.51  ? 775  VAL A N   1 
ATOM   384  C CA  . VAL A 1 53 ? 7.600   -8.621  2.075   1.00 7.31  ? 775  VAL A CA  1 
ATOM   385  C C   . VAL A 1 53 ? 8.871   -8.420  2.896   1.00 7.60  ? 775  VAL A C   1 
ATOM   386  O O   . VAL A 1 53 ? 9.706   -9.330  2.975   1.00 7.24  ? 775  VAL A O   1 
ATOM   387  C CB  . VAL A 1 53 ? 6.647   -9.680  2.659   1.00 8.39  ? 775  VAL A CB  1 
ATOM   388  C CG1 . VAL A 1 53 ? 6.121   -9.243  4.011   1.00 8.06  ? 775  VAL A CG1 1 
ATOM   389  C CG2 . VAL A 1 53 ? 5.486   -9.933  1.672   1.00 7.37  ? 775  VAL A CG2 1 
ATOM   390  N N   . LYS A 1 54 ? 9.051   -7.228  3.464   1.00 7.20  ? 776  LYS A N   1 
ATOM   391  C CA  . LYS A 1 54 ? 10.363  -6.854  4.010   1.00 7.75  ? 776  LYS A CA  1 
ATOM   392  C C   . LYS A 1 54 ? 10.256  -6.165  5.378   1.00 7.58  ? 776  LYS A C   1 
ATOM   393  O O   . LYS A 1 54 ? 9.396   -5.294  5.551   1.00 8.00  ? 776  LYS A O   1 
ATOM   394  C CB  . LYS A 1 54 ? 11.106  -5.958  3.010   1.00 8.45  ? 776  LYS A CB  1 
ATOM   395  C CG  . LYS A 1 54 ? 12.595  -5.710  3.330   1.00 8.97  ? 776  LYS A CG  1 
ATOM   396  C CD  . LYS A 1 54 ? 13.255  -4.891  2.226   1.00 10.99 ? 776  LYS A CD  1 
ATOM   397  C CE  . LYS A 1 54 ? 14.709  -4.567  2.560   1.00 17.44 ? 776  LYS A CE  1 
ATOM   398  N NZ  . LYS A 1 54 ? 15.283  -3.702  1.480   1.00 20.70 ? 776  LYS A NZ  1 
ATOM   399  N N   . TRP A 1 55 ? 11.098  -6.586  6.329   1.00 7.22  ? 777  TRP A N   1 
ATOM   400  C CA  . TRP A 1 55 ? 11.174  -5.951  7.661   1.00 7.99  ? 777  TRP A CA  1 
ATOM   401  C C   . TRP A 1 55 ? 12.614  -5.630  8.087   1.00 8.71  ? 777  TRP A C   1 
ATOM   402  O O   . TRP A 1 55 ? 12.852  -5.201  9.213   1.00 10.52 ? 777  TRP A O   1 
ATOM   403  C CB  . TRP A 1 55 ? 10.485  -6.817  8.738   1.00 8.09  ? 777  TRP A CB  1 
ATOM   404  C CG  . TRP A 1 55 ? 10.979  -8.227  8.742   1.00 7.47  ? 777  TRP A CG  1 
ATOM   405  C CD1 . TRP A 1 55 ? 11.962  -8.754  9.539   1.00 8.68  ? 777  TRP A CD1 1 
ATOM   406  C CD2 . TRP A 1 55 ? 10.512  -9.307  7.911   1.00 8.17  ? 777  TRP A CD2 1 
ATOM   407  N NE1 . TRP A 1 55 ? 12.164  -10.073 9.229   1.00 8.10  ? 777  TRP A NE1 1 
ATOM   408  C CE2 . TRP A 1 55 ? 11.272  -10.454 8.258   1.00 8.17  ? 777  TRP A CE2 1 
ATOM   409  C CE3 . TRP A 1 55 ? 9.529   -9.423  6.912   1.00 8.98  ? 777  TRP A CE3 1 
ATOM   410  C CZ2 . TRP A 1 55 ? 11.103  -11.696 7.613   1.00 8.65  ? 777  TRP A CZ2 1 
ATOM   411  C CZ3 . TRP A 1 55 ? 9.338   -10.672 6.291   1.00 7.86  ? 777  TRP A CZ3 1 
ATOM   412  C CH2 . TRP A 1 55 ? 10.137  -11.784 6.638   1.00 7.79  ? 777  TRP A CH2 1 
ATOM   413  N N   . GLY A 1 56 ? 13.562  -5.831  7.179   1.00 9.60  ? 778  GLY A N   1 
ATOM   414  C CA  . GLY A 1 56 ? 14.959  -5.447  7.422   1.00 10.04 ? 778  GLY A CA  1 
ATOM   415  C C   . GLY A 1 56 ? 15.839  -5.658  6.209   1.00 10.80 ? 778  GLY A C   1 
ATOM   416  O O   . GLY A 1 56 ? 15.401  -6.163  5.176   1.00 10.69 ? 778  GLY A O   1 
ATOM   417  N N   . ARG A 1 57 ? 17.107  -5.277  6.351   1.00 11.27 ? 779  ARG A N   1 
ATOM   418  C CA  . ARG A 1 57 ? 18.045  -5.299  5.234   1.00 13.41 ? 779  ARG A CA  1 
ATOM   419  C C   . ARG A 1 57 ? 18.957  -6.525  5.174   1.00 12.81 ? 779  ARG A C   1 
ATOM   420  O O   . ARG A 1 57 ? 19.698  -6.706  4.192   1.00 13.44 ? 779  ARG A O   1 
ATOM   421  C CB  . ARG A 1 57 ? 18.891  -4.014  5.227   1.00 13.85 ? 779  ARG A CB  1 
ATOM   422  C CG  . ARG A 1 57 ? 19.799  -3.856  6.435   1.00 16.67 ? 779  ARG A CG  1 
ATOM   423  C CD  . ARG A 1 57 ? 20.469  -2.483  6.449   1.00 17.39 ? 779  ARG A CD  1 
ATOM   424  N NE  . ARG A 1 57 ? 19.462  -1.419  6.481   1.00 24.01 ? 779  ARG A NE  1 
ATOM   425  C CZ  . ARG A 1 57 ? 18.857  -0.970  7.581   1.00 26.52 ? 779  ARG A CZ  1 
ATOM   426  N NH1 . ARG A 1 57 ? 17.951  -0.004  7.480   1.00 28.87 ? 779  ARG A NH1 1 
ATOM   427  N NH2 . ARG A 1 57 ? 19.147  -1.473  8.783   1.00 27.81 ? 779  ARG A NH2 1 
ATOM   428  N N   . ASP A 1 58 ? 18.913  -7.360  6.210   1.00 11.80 ? 780  ASP A N   1 
ATOM   429  C CA  . ASP A 1 58 ? 19.820  -8.502  6.293   1.00 11.63 ? 780  ASP A CA  1 
ATOM   430  C C   . ASP A 1 58 ? 19.181  -9.809  5.834   1.00 11.18 ? 780  ASP A C   1 
ATOM   431  O O   . ASP A 1 58 ? 17.972  -9.875  5.587   1.00 11.52 ? 780  ASP A O   1 
ATOM   432  C CB  . ASP A 1 58 ? 20.317  -8.689  7.726   1.00 12.01 ? 780  ASP A CB  1 
ATOM   433  C CG  . ASP A 1 58 ? 20.972  -7.458  8.285   1.00 15.36 ? 780  ASP A CG  1 
ATOM   434  O OD1 . ASP A 1 58 ? 22.083  -7.110  7.822   1.00 16.75 ? 780  ASP A OD1 1 
ATOM   435  O OD2 . ASP A 1 58 ? 20.373  -6.863  9.209   1.00 19.50 ? 780  ASP A OD2 1 
ATOM   436  N N   . LYS A 1 59 ? 19.992  -10.855 5.757   1.00 10.54 ? 781  LYS A N   1 
ATOM   437  C CA  . LYS A 1 59 ? 19.510  -12.184 5.393   1.00 11.01 ? 781  LYS A CA  1 
ATOM   438  C C   . LYS A 1 59 ? 18.423  -12.623 6.369   1.00 10.04 ? 781  LYS A C   1 
ATOM   439  O O   . LYS A 1 59 ? 18.534  -12.393 7.577   1.00 9.77  ? 781  LYS A O   1 
ATOM   440  C CB  . LYS A 1 59 ? 20.653  -13.199 5.428   1.00 11.82 ? 781  LYS A CB  1 
ATOM   441  C CG  . LYS A 1 59 ? 21.735  -12.957 4.406   1.00 15.67 ? 781  LYS A CG  1 
ATOM   442  C CD  . LYS A 1 59 ? 21.302  -13.386 3.032   1.00 20.49 ? 781  LYS A CD  1 
ATOM   443  C CE  . LYS A 1 59 ? 22.484  -13.727 2.144   1.00 22.91 ? 781  LYS A CE  1 
ATOM   444  N NZ  . LYS A 1 59 ? 23.232  -12.520 1.707   1.00 25.97 ? 781  LYS A NZ  1 
ATOM   445  N N   . ASN A 1 60 ? 17.389  -13.263 5.821   1.00 9.23  ? 782  ASN A N   1 
ATOM   446  C CA  . ASN A 1 60 ? 16.243  -13.774 6.581   1.00 8.96  ? 782  ASN A CA  1 
ATOM   447  C C   . ASN A 1 60 ? 15.325  -12.671 7.108   1.00 8.10  ? 782  ASN A C   1 
ATOM   448  O O   . ASN A 1 60 ? 14.487  -12.929 7.976   1.00 8.59  ? 782  ASN A O   1 
ATOM   449  C CB  . ASN A 1 60 ? 16.687  -14.715 7.709   1.00 9.17  ? 782  ASN A CB  1 
ATOM   450  C CG  . ASN A 1 60 ? 15.794  -15.944 7.831   1.00 12.23 ? 782  ASN A CG  1 
ATOM   451  O OD1 . ASN A 1 60 ? 15.369  -16.529 6.823   1.00 13.70 ? 782  ASN A OD1 1 
ATOM   452  N ND2 . ASN A 1 60 ? 15.514  -16.351 9.066   1.00 14.58 ? 782  ASN A ND2 1 
ATOM   453  N N   . GLN A 1 61 ? 15.454  -11.467 6.553   1.00 6.71  ? 783  GLN A N   1 
ATOM   454  C CA  . GLN A 1 61 ? 14.578  -10.342 6.954   1.00 6.75  ? 783  GLN A CA  1 
ATOM   455  C C   . GLN A 1 61 ? 13.635  -9.889  5.850   1.00 7.07  ? 783  GLN A C   1 
ATOM   456  O O   . GLN A 1 61 ? 13.087  -8.790  5.891   1.00 6.15  ? 783  GLN A O   1 
ATOM   457  C CB  . GLN A 1 61 ? 15.372  -9.178  7.553   1.00 6.77  ? 783  GLN A CB  1 
ATOM   458  C CG  . GLN A 1 61 ? 16.140  -9.572  8.799   1.00 8.00  ? 783  GLN A CG  1 
ATOM   459  C CD  . GLN A 1 61 ? 16.974  -8.446  9.387   1.00 9.16  ? 783  GLN A CD  1 
ATOM   460  O OE1 . GLN A 1 61 ? 17.387  -7.523  8.686   1.00 10.39 ? 783  GLN A OE1 1 
ATOM   461  N NE2 . GLN A 1 61 ? 17.243  -8.537  10.682  1.00 10.84 ? 783  GLN A NE2 1 
ATOM   462  N N   . SER A 1 62 ? 13.464  -10.757 4.859   1.00 6.51  ? 784  SER A N   1 
ATOM   463  C CA  . SER A 1 62 ? 12.434  -10.551 3.847   1.00 6.82  ? 784  SER A CA  1 
ATOM   464  C C   . SER A 1 62 ? 12.003  -11.917 3.333   1.00 7.09  ? 784  SER A C   1 
ATOM   465  O O   . SER A 1 62 ? 12.677  -12.929 3.545   1.00 5.61  ? 784  SER A O   1 
ATOM   466  C CB  . SER A 1 62 ? 12.972  -9.693  2.694   1.00 7.78  ? 784  SER A CB  1 
ATOM   467  O OG  . SER A 1 62 ? 13.890  -10.431 1.901   1.00 8.21  ? 784  SER A OG  1 
ATOM   468  N N   . CYS A 1 63 ? 10.878  -11.930 2.638   1.00 6.14  ? 785  CYS A N   1 
ATOM   469  C CA  . CYS A 1 63 ? 10.359  -13.170 2.048   1.00 7.20  ? 785  CYS A CA  1 
ATOM   470  C C   . CYS A 1 63 ? 9.581   -12.856 0.773   1.00 7.09  ? 785  CYS A C   1 
ATOM   471  O O   . CYS A 1 63 ? 9.170   -11.701 0.556   1.00 7.74  ? 785  CYS A O   1 
ATOM   472  C CB  . CYS A 1 63 ? 9.533   -13.965 3.060   1.00 6.91  ? 785  CYS A CB  1 
ATOM   473  S SG  . CYS A 1 63 ? 8.146   -13.064 3.800   1.00 11.52 ? 785  CYS A SG  1 
ATOM   474  N N   . SER A 1 64 ? 9.388   -13.867 -0.069  1.00 7.10  ? 786  SER A N   1 
ATOM   475  C CA  . SER A 1 64 ? 8.770   -13.662 -1.374  1.00 7.71  ? 786  SER A CA  1 
ATOM   476  C C   . SER A 1 64 ? 7.557   -14.561 -1.540  1.00 8.16  ? 786  SER A C   1 
ATOM   477  O O   . SER A 1 64 ? 7.585   -15.720 -1.136  1.00 8.14  ? 786  SER A O   1 
ATOM   478  C CB  . SER A 1 64 ? 9.778   -13.943 -2.494  1.00 8.49  ? 786  SER A CB  1 
ATOM   479  O OG  . SER A 1 64 ? 10.889  -13.044 -2.389  1.00 10.37 ? 786  SER A OG  1 
ATOM   480  N N   . SER A 1 65 ? 6.511   -14.026 -2.164  1.00 7.48  ? 787  SER A N   1 
ATOM   481  C CA  . SER A 1 65 ? 5.264   -14.774 -2.359  1.00 8.23  ? 787  SER A CA  1 
ATOM   482  C C   . SER A 1 65 ? 4.687   -14.579 -3.771  1.00 7.96  ? 787  SER A C   1 
ATOM   483  O O   . SER A 1 65 ? 4.778   -13.496 -4.347  1.00 7.84  ? 787  SER A O   1 
ATOM   484  C CB  . SER A 1 65 ? 4.197   -14.268 -1.355  1.00 8.34  ? 787  SER A CB  1 
ATOM   485  O OG  . SER A 1 65 ? 4.510   -14.622 -0.020  1.00 12.39 ? 787  SER A OG  1 
ATOM   486  N N   . ASN A 1 66 ? 4.059   -15.627 -4.312  1.00 8.34  ? 788  ASN A N   1 
ATOM   487  C CA  . ASN A 1 66 ? 3.199   -15.455 -5.494  1.00 9.56  ? 788  ASN A CA  1 
ATOM   488  C C   . ASN A 1 66 ? 1.751   -15.203 -5.066  1.00 9.76  ? 788  ASN A C   1 
ATOM   489  O O   . ASN A 1 66 ? 1.276   -15.761 -4.064  1.00 9.99  ? 788  ASN A O   1 
ATOM   490  C CB  . ASN A 1 66 ? 3.251   -16.687 -6.404  1.00 11.14 ? 788  ASN A CB  1 
ATOM   491  C CG  . ASN A 1 66 ? 4.648   -16.947 -6.964  1.00 13.28 ? 788  ASN A CG  1 
ATOM   492  O OD1 . ASN A 1 66 ? 5.380   -16.014 -7.317  1.00 17.12 ? 788  ASN A OD1 1 
ATOM   493  N ND2 . ASN A 1 66 ? 5.023   -18.222 -7.042  1.00 18.99 ? 788  ASN A ND2 1 
ATOM   494  N N   . VAL A 1 67 ? 1.066   -14.337 -5.798  1.00 8.47  ? 789  VAL A N   1 
ATOM   495  C CA  . VAL A 1 67 ? -0.332  -13.992 -5.496  1.00 8.86  ? 789  VAL A CA  1 
ATOM   496  C C   . VAL A 1 67 ? -1.173  -14.297 -6.743  1.00 8.19  ? 789  VAL A C   1 
ATOM   497  O O   . VAL A 1 67 ? -1.115  -13.568 -7.737  1.00 8.31  ? 789  VAL A O   1 
ATOM   498  C CB  . VAL A 1 67 ? -0.492  -12.500 -5.070  1.00 9.11  ? 789  VAL A CB  1 
ATOM   499  C CG1 . VAL A 1 67 ? -1.926  -12.215 -4.604  1.00 9.79  ? 789  VAL A CG1 1 
ATOM   500  C CG2 . VAL A 1 67 ? 0.480   -12.142 -3.925  1.00 10.52 ? 789  VAL A CG2 1 
ATOM   501  N N   . VAL A 1 68 ? -1.941  -15.388 -6.672  1.00 8.23  ? 790  VAL A N   1 
ATOM   502  C CA  . VAL A 1 68 ? -2.740  -15.878 -7.805  1.00 8.14  ? 790  VAL A CA  1 
ATOM   503  C C   . VAL A 1 68 ? -4.218  -15.762 -7.440  1.00 7.88  ? 790  VAL A C   1 
ATOM   504  O O   . VAL A 1 68 ? -4.660  -16.368 -6.470  1.00 8.82  ? 790  VAL A O   1 
ATOM   505  C CB  . VAL A 1 68 ? -2.383  -17.347 -8.162  1.00 8.44  ? 790  VAL A CB  1 
ATOM   506  C CG1 . VAL A 1 68 ? -3.245  -17.862 -9.335  1.00 9.75  ? 790  VAL A CG1 1 
ATOM   507  C CG2 . VAL A 1 68 ? -0.886  -17.464 -8.500  1.00 7.54  ? 790  VAL A CG2 1 
ATOM   508  N N   . LEU A 1 69 ? -4.946  -14.936 -8.185  1.00 8.58  ? 791  LEU A N   1 
ATOM   509  C CA  . LEU A 1 69 ? -6.364  -14.705 -7.954  1.00 8.97  ? 791  LEU A CA  1 
ATOM   510  C C   . LEU A 1 69 ? -7.174  -15.651 -8.810  1.00 8.85  ? 791  LEU A C   1 
ATOM   511  O O   . LEU A 1 69 ? -6.744  -16.002 -9.922  1.00 8.35  ? 791  LEU A O   1 
ATOM   512  C CB  . LEU A 1 69 ? -6.751  -13.277 -8.353  1.00 10.25 ? 791  LEU A CB  1 
ATOM   513  C CG  . LEU A 1 69 ? -6.064  -12.140 -7.587  1.00 13.18 ? 791  LEU A CG  1 
ATOM   514  C CD1 . LEU A 1 69 ? -6.543  -10.810 -8.146  1.00 15.67 ? 791  LEU A CD1 1 
ATOM   515  C CD2 . LEU A 1 69 ? -6.337  -12.238 -6.102  1.00 16.59 ? 791  LEU A CD2 1 
ATOM   516  N N   . PRO A 1 70 ? -8.359  -16.058 -8.314  1.00 9.74  ? 792  PRO A N   1 
ATOM   517  C CA  . PRO A 1 70 ? -9.303  -16.773 -9.168  1.00 10.61 ? 792  PRO A CA  1 
ATOM   518  C C   . PRO A 1 70 ? -9.658  -15.967 -10.433 1.00 11.76 ? 792  PRO A C   1 
ATOM   519  O O   . PRO A 1 70 ? -9.470  -14.765 -10.460 1.00 11.95 ? 792  PRO A O   1 
ATOM   520  C CB  . PRO A 1 70 ? -10.531 -16.941 -8.258  1.00 11.17 ? 792  PRO A CB  1 
ATOM   521  C CG  . PRO A 1 70 ? -9.952  -16.963 -6.855  1.00 10.26 ? 792  PRO A CG  1 
ATOM   522  C CD  . PRO A 1 70 ? -8.851  -15.926 -6.927  1.00 9.79  ? 792  PRO A CD  1 
ATOM   523  N N   . GLU A 1 71 ? -10.144 -16.648 -11.473 1.00 12.99 ? 793  GLU A N   1 
ATOM   524  C CA  . GLU A 1 71 ? -10.359 -16.023 -12.794 1.00 16.05 ? 793  GLU A CA  1 
ATOM   525  C C   . GLU A 1 71 ? -11.475 -14.981 -12.844 1.00 15.85 ? 793  GLU A C   1 
ATOM   526  O O   . GLU A 1 71 ? -11.418 -14.060 -13.653 1.00 16.07 ? 793  GLU A O   1 
ATOM   527  C CB  . GLU A 1 71 ? -10.643 -17.100 -13.853 1.00 16.22 ? 793  GLU A CB  1 
ATOM   528  C CG  . GLU A 1 71 ? -11.766 -18.071 -13.483 1.00 20.03 ? 793  GLU A CG  1 
ATOM   529  C CD  . GLU A 1 71 ? -11.991 -19.184 -14.521 1.00 20.40 ? 793  GLU A CD  1 
ATOM   530  O OE1 . GLU A 1 71 ? -12.969 -19.950 -14.371 1.00 25.09 ? 793  GLU A OE1 1 
ATOM   531  O OE2 . GLU A 1 71 ? -11.202 -19.299 -15.477 1.00 25.90 ? 793  GLU A OE2 1 
ATOM   532  N N   . LYS A 1 72 ? -12.494 -15.139 -12.002 1.00 16.58 ? 794  LYS A N   1 
ATOM   533  C CA  . LYS A 1 72 ? -13.737 -14.379 -12.184 1.00 17.03 ? 794  LYS A CA  1 
ATOM   534  C C   . LYS A 1 72 ? -13.553 -12.858 -12.304 1.00 18.17 ? 794  LYS A C   1 
ATOM   535  O O   . LYS A 1 72 ? -12.903 -12.248 -11.458 1.00 18.55 ? 794  LYS A O   1 
ATOM   536  C CB  . LYS A 1 72 ? -14.736 -14.731 -11.078 1.00 16.86 ? 794  LYS A CB  1 
ATOM   537  C CG  . LYS A 1 72 ? -16.152 -14.370 -11.444 1.00 16.53 ? 794  LYS A CG  1 
ATOM   538  C CD  . LYS A 1 72 ? -17.155 -14.885 -10.436 1.00 14.73 ? 794  LYS A CD  1 
ATOM   539  C CE  . LYS A 1 72 ? -18.571 -14.494 -10.888 1.00 14.57 ? 794  LYS A CE  1 
ATOM   540  N NZ  . LYS A 1 72 ? -19.614 -15.110 -10.019 1.00 10.84 ? 794  LYS A NZ  1 
ATOM   541  N N   . THR A 1 73 ? -14.116 -12.250 -13.359 1.00 18.61 ? 795  THR A N   1 
ATOM   542  C CA  . THR A 1 73 ? -14.059 -10.788 -13.501 1.00 19.08 ? 795  THR A CA  1 
ATOM   543  C C   . THR A 1 73 ? -15.372 -10.148 -13.061 1.00 18.19 ? 795  THR A C   1 
ATOM   544  O O   . THR A 1 73 ? -16.383 -10.842 -12.870 1.00 18.50 ? 795  THR A O   1 
ATOM   545  C CB  . THR A 1 73 ? -13.686 -10.302 -14.950 1.00 18.86 ? 795  THR A CB  1 
ATOM   546  O OG1 . THR A 1 73 ? -14.603 -10.838 -15.920 1.00 20.05 ? 795  THR A OG1 1 
ATOM   547  C CG2 . THR A 1 73 ? -12.254 -10.695 -15.304 1.00 20.71 ? 795  THR A CG2 1 
ATOM   548  N N   . ASP A 1 74 ? -15.355 -8.829  -12.909 1.00 17.44 ? 796  ASP A N   1 
ATOM   549  C CA  . ASP A 1 74 ? -16.570 -8.076  -12.696 1.00 16.66 ? 796  ASP A CA  1 
ATOM   550  C C   . ASP A 1 74 ? -17.286 -8.517  -11.395 1.00 14.76 ? 796  ASP A C   1 
ATOM   551  O O   . ASP A 1 74 ? -18.482 -8.809  -11.407 1.00 15.26 ? 796  ASP A O   1 
ATOM   552  C CB  . ASP A 1 74 ? -17.479 -8.209  -13.946 1.00 17.68 ? 796  ASP A CB  1 
ATOM   553  C CG  . ASP A 1 74 ? -18.602 -7.192  -13.985 1.00 22.27 ? 796  ASP A CG  1 
ATOM   554  O OD1 . ASP A 1 74 ? -19.498 -7.332  -14.865 1.00 27.17 ? 796  ASP A OD1 1 
ATOM   555  O OD2 . ASP A 1 74 ? -18.604 -6.255  -13.144 1.00 28.20 ? 796  ASP A OD2 1 
ATOM   556  N N   . ILE A 1 75 ? -16.552 -8.563  -10.281 1.00 11.60 ? 797  ILE A N   1 
ATOM   557  C CA  . ILE A 1 75 ? -17.181 -8.700  -8.962  1.00 10.32 ? 797  ILE A CA  1 
ATOM   558  C C   . ILE A 1 75 ? -16.764 -7.548  -8.037  1.00 9.18  ? 797  ILE A C   1 
ATOM   559  O O   . ILE A 1 75 ? -15.696 -6.970  -8.228  1.00 9.28  ? 797  ILE A O   1 
ATOM   560  C CB  . ILE A 1 75 ? -16.845 -10.054 -8.304  1.00 10.43 ? 797  ILE A CB  1 
ATOM   561  C CG1 . ILE A 1 75 ? -15.321 -10.208 -8.124  1.00 11.25 ? 797  ILE A CG1 1 
ATOM   562  C CG2 . ILE A 1 75 ? -17.410 -11.190 -9.150  1.00 10.24 ? 797  ILE A CG2 1 
ATOM   563  C CD1 . ILE A 1 75 ? -14.920 -11.170 -7.002  1.00 14.23 ? 797  ILE A CD1 1 
ATOM   564  N N   . SER A 1 76 ? -17.615 -7.206  -7.067  1.00 8.05  ? 798  SER A N   1 
ATOM   565  C CA  . SER A 1 76 ? -17.337 -6.063  -6.173  1.00 7.42  ? 798  SER A CA  1 
ATOM   566  C C   . SER A 1 76 ? -16.693 -6.441  -4.847  1.00 6.98  ? 798  SER A C   1 
ATOM   567  O O   . SER A 1 76 ? -16.240 -5.552  -4.116  1.00 7.99  ? 798  SER A O   1 
ATOM   568  C CB  . SER A 1 76 ? -18.628 -5.281  -5.875  1.00 7.58  ? 798  SER A CB  1 
ATOM   569  O OG  . SER A 1 76 ? -19.523 -6.082  -5.114  1.00 8.30  ? 798  SER A OG  1 
ATOM   570  N N   . GLY A 1 77 ? -16.675 -7.742  -4.534  1.00 5.82  ? 799  GLY A N   1 
ATOM   571  C CA  . GLY A 1 77 ? -16.168 -8.250  -3.259  1.00 6.27  ? 799  GLY A CA  1 
ATOM   572  C C   . GLY A 1 77 ? -14.664 -8.445  -3.196  1.00 6.44  ? 799  GLY A C   1 
ATOM   573  O O   . GLY A 1 77 ? -13.924 -7.930  -4.036  1.00 6.84  ? 799  GLY A O   1 
ATOM   574  N N   . ALA A 1 78 ? -14.227 -9.202  -2.182  1.00 5.52  ? 800  ALA A N   1 
ATOM   575  C CA  . ALA A 1 78 ? -12.807 -9.379  -1.901  1.00 5.75  ? 800  ALA A CA  1 
ATOM   576  C C   . ALA A 1 78 ? -12.549 -10.828 -1.480  1.00 5.72  ? 800  ALA A C   1 
ATOM   577  O O   . ALA A 1 78 ? -13.262 -11.377 -0.644  1.00 5.20  ? 800  ALA A O   1 
ATOM   578  C CB  . ALA A 1 78 ? -12.360 -8.414  -0.816  1.00 6.17  ? 800  ALA A CB  1 
ATOM   579  N N   . TYR A 1 79 ? -11.549 -11.441 -2.097  1.00 5.51  ? 801  TYR A N   1 
ATOM   580  C CA  . TYR A 1 79 ? -11.142 -12.798 -1.723  1.00 6.84  ? 801  TYR A CA  1 
ATOM   581  C C   . TYR A 1 79 ? -10.405 -12.813 -0.392  1.00 7.02  ? 801  TYR A C   1 
ATOM   582  O O   . TYR A 1 79 ? -9.765  -11.831 -0.018  1.00 6.70  ? 801  TYR A O   1 
ATOM   583  C CB  . TYR A 1 79 ? -10.226 -13.342 -2.805  1.00 6.84  ? 801  TYR A CB  1 
ATOM   584  C CG  . TYR A 1 79 ? -10.976 -13.649 -4.064  1.00 7.72  ? 801  TYR A CG  1 
ATOM   585  C CD1 . TYR A 1 79 ? -11.805 -14.764 -4.140  1.00 7.26  ? 801  TYR A CD1 1 
ATOM   586  C CD2 . TYR A 1 79 ? -10.888 -12.805 -5.178  1.00 8.19  ? 801  TYR A CD2 1 
ATOM   587  C CE1 . TYR A 1 79 ? -12.502 -15.057 -5.304  1.00 9.62  ? 801  TYR A CE1 1 
ATOM   588  C CE2 . TYR A 1 79 ? -11.583 -13.089 -6.335  1.00 9.76  ? 801  TYR A CE2 1 
ATOM   589  C CZ  . TYR A 1 79 ? -12.394 -14.202 -6.391  1.00 8.95  ? 801  TYR A CZ  1 
ATOM   590  O OH  . TYR A 1 79 ? -13.119 -14.496 -7.520  1.00 10.29 ? 801  TYR A OH  1 
ATOM   591  N N   . ARG A 1 80 ? -10.477 -13.950 0.298   1.00 6.86  ? 802  ARG A N   1 
ATOM   592  C CA  . ARG A 1 80 ? -9.756  -14.198 1.530   1.00 8.70  ? 802  ARG A CA  1 
ATOM   593  C C   . ARG A 1 80 ? -8.779  -15.324 1.169   1.00 8.83  ? 802  ARG A C   1 
ATOM   594  O O   . ARG A 1 80 ? -9.188  -16.497 1.106   1.00 9.46  ? 802  ARG A O   1 
ATOM   595  C CB  . ARG A 1 80 ? -10.790 -14.658 2.559   1.00 9.47  ? 802  ARG A CB  1 
ATOM   596  C CG  . ARG A 1 80 ? -10.378 -14.718 3.978   1.00 11.78 ? 802  ARG A CG  1 
ATOM   597  C CD  . ARG A 1 80 ? -10.277 -13.376 4.658   1.00 10.30 ? 802  ARG A CD  1 
ATOM   598  N NE  . ARG A 1 80 ? -9.652  -13.611 5.940   1.00 11.14 ? 802  ARG A NE  1 
ATOM   599  C CZ  . ARG A 1 80 ? -9.073  -12.684 6.683   1.00 11.17 ? 802  ARG A CZ  1 
ATOM   600  N NH1 . ARG A 1 80 ? -9.045  -11.413 6.283   1.00 11.79 ? 802  ARG A NH1 1 
ATOM   601  N NH2 . ARG A 1 80 ? -8.518  -13.042 7.833   1.00 12.19 ? 802  ARG A NH2 1 
ATOM   602  N N   . LEU A 1 81 ? -7.532  -14.960 0.848   1.00 7.87  ? 803  LEU A N   1 
ATOM   603  C CA  . LEU A 1 81 ? -6.555  -15.940 0.369   1.00 8.74  ? 803  LEU A CA  1 
ATOM   604  C C   . LEU A 1 81 ? -5.369  -16.098 1.319   1.00 8.34  ? 803  LEU A C   1 
ATOM   605  O O   . LEU A 1 81 ? -5.088  -15.206 2.134   1.00 7.69  ? 803  LEU A O   1 
ATOM   606  C CB  . LEU A 1 81 ? -6.039  -15.516 -1.007  1.00 10.18 ? 803  LEU A CB  1 
ATOM   607  C CG  . LEU A 1 81 ? -7.026  -15.297 -2.168  1.00 11.18 ? 803  LEU A CG  1 
ATOM   608  C CD1 . LEU A 1 81 ? -6.277  -15.186 -3.482  1.00 16.83 ? 803  LEU A CD1 1 
ATOM   609  C CD2 . LEU A 1 81 ? -8.059  -16.420 -2.248  1.00 13.27 ? 803  LEU A CD2 1 
ATOM   610  N N   . SER A 1 82 ? -4.675  -17.232 1.194   1.00 8.33  ? 804  SER A N   1 
ATOM   611  C CA  . SER A 1 82 ? -3.485  -17.504 1.994   1.00 8.57  ? 804  SER A CA  1 
ATOM   612  C C   . SER A 1 82 ? -2.348  -17.945 1.096   1.00 9.83  ? 804  SER A C   1 
ATOM   613  O O   . SER A 1 82 ? -2.574  -18.623 0.085   1.00 9.27  ? 804  SER A O   1 
ATOM   614  C CB  . SER A 1 82 ? -3.747  -18.610 3.017   1.00 9.11  ? 804  SER A CB  1 
ATOM   615  O OG  A SER A 1 82 ? -4.710  -18.227 3.992   0.60 9.22  ? 804  SER A OG  1 
ATOM   616  O OG  B SER A 1 82 ? -4.271  -19.767 2.395   0.40 8.76  ? 804  SER A OG  1 
ATOM   617  N N   . THR A 1 83 ? -1.126  -17.567 1.458   1.00 9.95  ? 805  THR A N   1 
ATOM   618  C CA  . THR A 1 83 ? 0.031   -18.091 0.744   1.00 10.49 ? 805  THR A CA  1 
ATOM   619  C C   . THR A 1 83 ? 1.278   -18.120 1.634   1.00 10.71 ? 805  THR A C   1 
ATOM   620  O O   . THR A 1 83 ? 1.293   -17.544 2.717   1.00 10.09 ? 805  THR A O   1 
ATOM   621  C CB  . THR A 1 83 ? 0.289   -17.324 -0.572  1.00 11.48 ? 805  THR A CB  1 
ATOM   622  O OG1 . THR A 1 83 ? 1.165   -18.098 -1.406  1.00 12.27 ? 805  THR A OG1 1 
ATOM   623  C CG2 . THR A 1 83 ? 0.902   -15.925 -0.298  1.00 10.94 ? 805  THR A CG2 1 
ATOM   624  N N   . THR A 1 84 ? 2.283   -18.862 1.195   1.00 10.31 ? 806  THR A N   1 
ATOM   625  C CA  . THR A 1 84 ? 3.554   -18.894 1.902   1.00 10.77 ? 806  THR A CA  1 
ATOM   626  C C   . THR A 1 84 ? 4.434   -17.761 1.455   1.00 10.11 ? 806  THR A C   1 
ATOM   627  O O   . THR A 1 84 ? 4.488   -17.427 0.272   1.00 10.69 ? 806  THR A O   1 
ATOM   628  C CB  . THR A 1 84 ? 4.310   -20.195 1.603   1.00 11.24 ? 806  THR A CB  1 
ATOM   629  O OG1 . THR A 1 84 ? 3.468   -21.294 1.911   1.00 13.54 ? 806  THR A OG1 1 
ATOM   630  C CG2 . THR A 1 84 ? 5.580   -20.308 2.432   1.00 12.09 ? 806  THR A CG2 1 
ATOM   631  N N   . CYS A 1 85 ? 5.135   -17.180 2.423   1.00 9.61  ? 807  CYS A N   1 
ATOM   632  C CA  . CYS A 1 85 ? 6.161   -16.195 2.133   1.00 9.01  ? 807  CYS A CA  1 
ATOM   633  C C   . CYS A 1 85 ? 7.518   -16.889 2.365   1.00 8.29  ? 807  CYS A C   1 
ATOM   634  O O   . CYS A 1 85 ? 7.903   -17.175 3.509   1.00 7.61  ? 807  CYS A O   1 
ATOM   635  C CB  . CYS A 1 85 ? 5.958   -14.974 3.036   1.00 10.51 ? 807  CYS A CB  1 
ATOM   636  S SG  . CYS A 1 85 ? 6.633   -13.402 2.443   1.00 12.61 ? 807  CYS A SG  1 
ATOM   637  N N   . ILE A 1 86 ? 8.212   -17.171 1.273   1.00 7.25  ? 808  ILE A N   1 
ATOM   638  C CA  . ILE A 1 86 ? 9.431   -17.972 1.340   1.00 7.88  ? 808  ILE A CA  1 
ATOM   639  C C   . ILE A 1 86 ? 10.592  -17.063 1.739   1.00 7.19  ? 808  ILE A C   1 
ATOM   640  O O   . ILE A 1 86 ? 10.907  -16.077 1.049   1.00 7.20  ? 808  ILE A O   1 
ATOM   641  C CB  . ILE A 1 86 ? 9.688   -18.711 -0.002  1.00 7.20  ? 808  ILE A CB  1 
ATOM   642  C CG1 . ILE A 1 86 ? 8.590   -19.765 -0.226  1.00 8.54  ? 808  ILE A CG1 1 
ATOM   643  C CG2 . ILE A 1 86 ? 11.072  -19.334 -0.018  1.00 6.83  ? 808  ILE A CG2 1 
ATOM   644  C CD1 . ILE A 1 86 ? 8.628   -20.467 -1.604  1.00 10.71 ? 808  ILE A CD1 1 
ATOM   645  N N   . LEU A 1 87 ? 11.222  -17.389 2.862   1.00 6.24  ? 809  LEU A N   1 
ATOM   646  C CA  . LEU A 1 87 ? 12.301  -16.513 3.395   1.00 7.38  ? 809  LEU A CA  1 
ATOM   647  C C   . LEU A 1 87 ? 13.477  -16.403 2.438   1.00 8.24  ? 809  LEU A C   1 
ATOM   648  O O   . LEU A 1 87 ? 13.931  -17.416 1.871   1.00 8.96  ? 809  LEU A O   1 
ATOM   649  C CB  . LEU A 1 87 ? 12.800  -17.029 4.751   1.00 7.09  ? 809  LEU A CB  1 
ATOM   650  C CG  . LEU A 1 87 ? 11.792  -16.753 5.868   1.00 7.00  ? 809  LEU A CG  1 
ATOM   651  C CD1 . LEU A 1 87 ? 11.908  -17.747 7.019   1.00 7.95  ? 809  LEU A CD1 1 
ATOM   652  C CD2 . LEU A 1 87 ? 11.926  -15.280 6.384   1.00 9.32  ? 809  LEU A CD2 1 
ATOM   653  N N   . ASN A 1 88 ? 13.965  -15.176 2.272   1.00 9.47  ? 810  ASN A N   1 
ATOM   654  C CA  . ASN A 1 88 ? 15.175  -14.890 1.502   1.00 10.61 ? 810  ASN A CA  1 
ATOM   655  C C   . ASN A 1 88 ? 16.367  -14.936 2.448   1.00 12.46 ? 810  ASN A C   1 
ATOM   656  O O   . ASN A 1 88 ? 16.609  -13.995 3.193   1.00 11.65 ? 810  ASN A O   1 
ATOM   657  C CB  . ASN A 1 88 ? 15.052  -13.515 0.817   1.00 10.81 ? 810  ASN A CB  1 
ATOM   658  C CG  . ASN A 1 88 ? 13.991  -13.506 -0.253  1.00 11.42 ? 810  ASN A CG  1 
ATOM   659  O OD1 . ASN A 1 88 ? 14.014  -14.345 -1.169  1.00 12.70 ? 810  ASN A OD1 1 
ATOM   660  N ND2 . ASN A 1 88 ? 13.044  -12.565 -0.150  1.00 12.05 ? 810  ASN A ND2 1 
ATOM   661  N N   . ASN A 1 89 ? 17.075  -16.061 2.462   1.00 13.94 ? 811  ASN A N   1 
ATOM   662  C CA  . ASN A 1 89 ? 18.162  -16.250 3.416   1.00 16.32 ? 811  ASN A CA  1 
ATOM   663  C C   . ASN A 1 89 ? 19.497  -16.509 2.694   1.00 17.60 ? 811  ASN A C   1 
ATOM   664  O O   . ASN A 1 89 ? 19.835  -15.813 1.725   1.00 18.84 ? 811  ASN A O   1 
ATOM   665  C CB  . ASN A 1 89 ? 17.797  -17.374 4.390   1.00 16.77 ? 811  ASN A CB  1 
ATOM   666  C CG  . ASN A 1 89 ? 18.728  -17.447 5.603   1.00 18.76 ? 811  ASN A CG  1 
ATOM   667  O OD1 . ASN A 1 89 ? 19.447  -16.492 5.925   1.00 16.91 ? 811  ASN A OD1 1 
ATOM   668  N ND2 . ASN A 1 89 ? 18.711  -18.590 6.282   1.00 20.43 ? 811  ASN A ND2 1 
ATOM   669  O OXT . ASN A 1 89 ? 20.269  -17.407 3.045   1.00 19.00 ? 811  ASN A OXT 1 
ATOM   670  N N   . GLY B 1 2  ? 12.504  6.911   1.222   1.00 15.94 ? 724  GLY B N   1 
ATOM   671  C CA  . GLY B 1 2  ? 11.550  7.974   1.656   1.00 12.62 ? 724  GLY B CA  1 
ATOM   672  C C   . GLY B 1 2  ? 10.306  7.415   2.318   1.00 11.59 ? 724  GLY B C   1 
ATOM   673  O O   . GLY B 1 2  ? 9.458   6.845   1.647   1.00 11.18 ? 724  GLY B O   1 
ATOM   674  N N   . ARG B 1 3  ? 10.223  7.574   3.643   1.00 9.52  ? 725  ARG B N   1 
ATOM   675  C CA  . ARG B 1 3  ? 9.111   7.068   4.474   1.00 9.48  ? 725  ARG B CA  1 
ATOM   676  C C   . ARG B 1 3  ? 8.330   8.275   4.953   1.00 8.88  ? 725  ARG B C   1 
ATOM   677  O O   . ARG B 1 3  ? 8.938   9.287   5.324   1.00 8.71  ? 725  ARG B O   1 
ATOM   678  C CB  . ARG B 1 3  ? 9.643   6.310   5.701   1.00 9.26  ? 725  ARG B CB  1 
ATOM   679  C CG  . ARG B 1 3  ? 10.425  5.058   5.365   1.00 12.93 ? 725  ARG B CG  1 
ATOM   680  C CD  . ARG B 1 3  ? 11.002  4.391   6.586   1.00 16.85 ? 725  ARG B CD  1 
ATOM   681  N NE  . ARG B 1 3  ? 12.232  3.698   6.216   1.00 22.56 ? 725  ARG B NE  1 
ATOM   682  C CZ  . ARG B 1 3  ? 13.421  4.298   6.118   1.00 23.81 ? 725  ARG B CZ  1 
ATOM   683  N NH1 . ARG B 1 3  ? 13.560  5.607   6.395   1.00 24.73 ? 725  ARG B NH1 1 
ATOM   684  N NH2 . ARG B 1 3  ? 14.481  3.589   5.762   1.00 25.95 ? 725  ARG B NH2 1 
ATOM   685  N N   . LEU B 1 4  ? 6.999   8.169   4.975   1.00 7.96  ? 726  LEU B N   1 
ATOM   686  C CA  . LEU B 1 4  ? 6.160   9.344   5.196   1.00 7.63  ? 726  LEU B CA  1 
ATOM   687  C C   . LEU B 1 4  ? 4.832   9.004   5.823   1.00 6.42  ? 726  LEU B C   1 
ATOM   688  O O   . LEU B 1 4  ? 4.150   8.101   5.331   1.00 6.47  ? 726  LEU B O   1 
ATOM   689  C CB  . LEU B 1 4  ? 5.868   10.000  3.831   1.00 7.96  ? 726  LEU B CB  1 
ATOM   690  C CG  . LEU B 1 4  ? 4.803   11.101  3.757   1.00 8.46  ? 726  LEU B CG  1 
ATOM   691  C CD1 . LEU B 1 4  ? 5.281   12.320  4.528   1.00 9.86  ? 726  LEU B CD1 1 
ATOM   692  C CD2 . LEU B 1 4  ? 4.552   11.472  2.306   1.00 8.06  ? 726  LEU B CD2 1 
ATOM   693  N N   . PHE B 1 5  ? 4.475   9.712   6.906   1.00 5.63  ? 727  PHE B N   1 
ATOM   694  C CA  . PHE B 1 5  ? 3.100   9.815   7.363   1.00 5.22  ? 727  PHE B CA  1 
ATOM   695  C C   . PHE B 1 5  ? 2.517   11.030  6.689   1.00 6.61  ? 727  PHE B C   1 
ATOM   696  O O   . PHE B 1 5  ? 2.978   12.152  6.922   1.00 7.05  ? 727  PHE B O   1 
ATOM   697  C CB  . PHE B 1 5  ? 3.028   10.060  8.877   1.00 5.04  ? 727  PHE B CB  1 
ATOM   698  C CG  . PHE B 1 5  ? 3.521   8.916   9.702   1.00 5.79  ? 727  PHE B CG  1 
ATOM   699  C CD1 . PHE B 1 5  ? 2.644   7.939   10.170  1.00 6.49  ? 727  PHE B CD1 1 
ATOM   700  C CD2 . PHE B 1 5  ? 4.874   8.841   10.059  1.00 5.85  ? 727  PHE B CD2 1 
ATOM   701  C CE1 . PHE B 1 5  ? 3.135   6.868   10.976  1.00 6.54  ? 727  PHE B CE1 1 
ATOM   702  C CE2 . PHE B 1 5  ? 5.372   7.765   10.846  1.00 5.42  ? 727  PHE B CE2 1 
ATOM   703  C CZ  . PHE B 1 5  ? 4.497   6.792   11.302  1.00 7.74  ? 727  PHE B CZ  1 
ATOM   704  N N   . LEU B 1 6  ? 1.505   10.799  5.868   1.00 5.54  ? 728  LEU B N   1 
ATOM   705  C CA  . LEU B 1 6  ? 0.860   11.893  5.130   1.00 6.55  ? 728  LEU B CA  1 
ATOM   706  C C   . LEU B 1 6  ? -0.591  12.087  5.594   1.00 6.07  ? 728  LEU B C   1 
ATOM   707  O O   . LEU B 1 6  ? -1.452  11.201  5.409   1.00 6.22  ? 728  LEU B O   1 
ATOM   708  C CB  . LEU B 1 6  ? 0.873   11.579  3.631   1.00 5.40  ? 728  LEU B CB  1 
ATOM   709  C CG  . LEU B 1 6  ? 0.337   12.685  2.709   1.00 7.74  ? 728  LEU B CG  1 
ATOM   710  C CD1 . LEU B 1 6  ? 1.152   14.003  2.935   1.00 9.07  ? 728  LEU B CD1 1 
ATOM   711  C CD2 . LEU B 1 6  ? 0.364   12.251  1.276   1.00 9.45  ? 728  LEU B CD2 1 
ATOM   712  N N   . HIS B 1 7  ? -0.856  13.263  6.147   1.00 6.25  ? 729  HIS B N   1 
ATOM   713  C CA  . HIS B 1 7  ? -2.210  13.648  6.561   1.00 6.21  ? 729  HIS B CA  1 
ATOM   714  C C   . HIS B 1 7  ? -2.895  14.346  5.408   1.00 5.85  ? 729  HIS B C   1 
ATOM   715  O O   . HIS B 1 7  ? -2.349  15.304  4.849   1.00 7.06  ? 729  HIS B O   1 
ATOM   716  C CB  . HIS B 1 7  ? -2.173  14.597  7.774   1.00 6.26  ? 729  HIS B CB  1 
ATOM   717  C CG  . HIS B 1 7  ? -3.532  14.995  8.242   1.00 9.33  ? 729  HIS B CG  1 
ATOM   718  N ND1 . HIS B 1 7  ? -3.997  16.288  8.181   1.00 14.86 ? 729  HIS B ND1 1 
ATOM   719  C CD2 . HIS B 1 7  ? -4.565  14.247  8.701   1.00 12.00 ? 729  HIS B CD2 1 
ATOM   720  C CE1 . HIS B 1 7  ? -5.239  16.330  8.628   1.00 13.99 ? 729  HIS B CE1 1 
ATOM   721  N NE2 . HIS B 1 7  ? -5.608  15.105  8.946   1.00 14.33 ? 729  HIS B NE2 1 
ATOM   722  N N   . LEU B 1 8  ? -4.081  13.851  5.045   1.00 5.41  ? 730  LEU B N   1 
ATOM   723  C CA  . LEU B 1 8  ? -4.806  14.379  3.887   1.00 5.85  ? 730  LEU B CA  1 
ATOM   724  C C   . LEU B 1 8  ? -6.046  15.124  4.329   1.00 5.67  ? 730  LEU B C   1 
ATOM   725  O O   . LEU B 1 8  ? -6.700  14.732  5.288   1.00 5.64  ? 730  LEU B O   1 
ATOM   726  C CB  . LEU B 1 8  ? -5.239  13.230  2.970   1.00 7.32  ? 730  LEU B CB  1 
ATOM   727  C CG  . LEU B 1 8  ? -4.124  12.332  2.405   1.00 9.03  ? 730  LEU B CG  1 
ATOM   728  C CD1 . LEU B 1 8  ? -4.716  11.019  1.900   1.00 10.54 ? 730  LEU B CD1 1 
ATOM   729  C CD2 . LEU B 1 8  ? -3.342  13.008  1.308   1.00 11.51 ? 730  LEU B CD2 1 
ATOM   730  N N   . LYS B 1 9  ? -6.391  16.186  3.606   1.00 5.18  ? 731  LYS B N   1 
ATOM   731  C CA  . LYS B 1 9  ? -7.689  16.836  3.810   1.00 5.90  ? 731  LYS B CA  1 
ATOM   732  C C   . LYS B 1 9  ? -8.199  17.189  2.432   1.00 5.35  ? 731  LYS B C   1 
ATOM   733  O O   . LYS B 1 9  ? -7.428  17.693  1.610   1.00 5.82  ? 731  LYS B O   1 
ATOM   734  C CB  . LYS B 1 9  ? -7.563  18.104  4.680   1.00 5.09  ? 731  LYS B CB  1 
ATOM   735  C CG  . LYS B 1 9  ? -8.909  18.796  4.988   1.00 8.19  ? 731  LYS B CG  1 
ATOM   736  C CD  . LYS B 1 9  ? -8.836  19.837  6.116   1.00 8.31  ? 731  LYS B CD  1 
ATOM   737  C CE  . LYS B 1 9  ? -8.014  21.068  5.724   1.00 11.50 ? 731  LYS B CE  1 
ATOM   738  N NZ  . LYS B 1 9  ? -8.152  22.123  6.775   1.00 10.58 ? 731  LYS B NZ  1 
ATOM   739  N N   . ARG B 1 10 ? -9.489  16.938  2.174   1.00 4.94  ? 732  ARG B N   1 
ATOM   740  C CA  . ARG B 1 10 ? -10.079 17.251  0.855   1.00 4.15  ? 732  ARG B CA  1 
ATOM   741  C C   . ARG B 1 10 ? -10.108 18.761  0.609   1.00 4.28  ? 732  ARG B C   1 
ATOM   742  O O   . ARG B 1 10 ? -10.088 19.557  1.570   1.00 4.11  ? 732  ARG B O   1 
ATOM   743  C CB  . ARG B 1 10 ? -11.485 16.674  0.746   1.00 3.96  ? 732  ARG B CB  1 
ATOM   744  C CG  . ARG B 1 10 ? -11.507 15.126  0.745   1.00 3.33  ? 732  ARG B CG  1 
ATOM   745  C CD  . ARG B 1 10 ? -12.917 14.595  1.081   1.00 4.27  ? 732  ARG B CD  1 
ATOM   746  N NE  . ARG B 1 10 ? -14.044 15.344  0.492   1.00 4.53  ? 732  ARG B NE  1 
ATOM   747  C CZ  . ARG B 1 10 ? -15.134 14.745  -0.007  1.00 5.87  ? 732  ARG B CZ  1 
ATOM   748  N NH1 . ARG B 1 10 ? -15.226 13.422  -0.026  1.00 7.97  ? 732  ARG B NH1 1 
ATOM   749  N NH2 . ARG B 1 10 ? -16.158 15.462  -0.477  1.00 3.89  ? 732  ARG B NH2 1 
ATOM   750  N N   . SER B 1 11 ? -10.152 19.141  -0.659  1.00 3.87  ? 733  SER B N   1 
ATOM   751  C CA  . SER B 1 11 ? -10.224 20.555  -1.047  1.00 4.24  ? 733  SER B CA  1 
ATOM   752  C C   . SER B 1 11 ? -11.508 21.268  -0.551  1.00 4.00  ? 733  SER B C   1 
ATOM   753  O O   . SER B 1 11 ? -11.542 22.518  -0.478  1.00 4.69  ? 733  SER B O   1 
ATOM   754  C CB  . SER B 1 11 ? -10.034 20.702  -2.564  1.00 3.79  ? 733  SER B CB  1 
ATOM   755  O OG  . SER B 1 11 ? -10.908 19.834  -3.249  1.00 5.39  ? 733  SER B OG  1 
ATOM   756  N N   . ASP B 1 12 ? -12.547 20.498  -0.194  1.00 4.58  ? 734  ASP B N   1 
ATOM   757  C CA  . ASP B 1 12 ? -13.754 21.052  0.457   1.00 4.13  ? 734  ASP B CA  1 
ATOM   758  C C   . ASP B 1 12 ? -13.742 20.991  2.007   1.00 4.45  ? 734  ASP B C   1 
ATOM   759  O O   . ASP B 1 12 ? -14.790 21.088  2.649   1.00 4.90  ? 734  ASP B O   1 
ATOM   760  C CB  . ASP B 1 12 ? -15.029 20.369  -0.088  1.00 4.39  ? 734  ASP B CB  1 
ATOM   761  C CG  . ASP B 1 12 ? -15.135 18.881  0.301   1.00 5.43  ? 734  ASP B CG  1 
ATOM   762  O OD1 . ASP B 1 12 ? -14.216 18.317  0.959   1.00 6.17  ? 734  ASP B OD1 1 
ATOM   763  O OD2 . ASP B 1 12 ? -16.176 18.276  -0.080  1.00 7.10  ? 734  ASP B OD2 1 
ATOM   764  N N   . ASN B 1 13 ? -12.559 20.825  2.594   1.00 4.91  ? 735  ASN B N   1 
ATOM   765  C CA  . ASN B 1 13 ? -12.316 20.844  4.049   1.00 4.99  ? 735  ASN B CA  1 
ATOM   766  C C   . ASN B 1 13 ? -12.780 19.582  4.787   1.00 5.32  ? 735  ASN B C   1 
ATOM   767  O O   . ASN B 1 13 ? -12.641 19.505  6.030   1.00 7.51  ? 735  ASN B O   1 
ATOM   768  C CB  . ASN B 1 13 ? -12.845 22.123  4.781   1.00 5.57  ? 735  ASN B CB  1 
ATOM   769  C CG  . ASN B 1 13 ? -11.945 22.548  5.953   1.00 6.20  ? 735  ASN B CG  1 
ATOM   770  O OD1 . ASN B 1 13 ? -10.733 22.618  5.802   1.00 7.73  ? 735  ASN B OD1 1 
ATOM   771  N ND2 . ASN B 1 13 ? -12.532 22.823  7.124   1.00 8.32  ? 735  ASN B ND2 1 
ATOM   772  N N   . LYS B 1 14 ? -13.317 18.598  4.044   1.00 4.54  ? 736  LYS B N   1 
ATOM   773  C CA  . LYS B 1 14 ? -13.731 17.364  4.717   1.00 4.88  ? 736  LYS B CA  1 
ATOM   774  C C   . LYS B 1 14 ? -12.507 16.439  4.850   1.00 4.56  ? 736  LYS B C   1 
ATOM   775  O O   . LYS B 1 14 ? -11.629 16.437  3.976   1.00 5.17  ? 736  LYS B O   1 
ATOM   776  C CB  . LYS B 1 14 ? -14.831 16.619  3.948   1.00 5.04  ? 736  LYS B CB  1 
ATOM   777  C CG  . LYS B 1 14 ? -16.156 17.374  3.779   1.00 4.87  ? 736  LYS B CG  1 
ATOM   778  C CD  . LYS B 1 14 ? -17.225 16.464  3.131   1.00 6.37  ? 736  LYS B CD  1 
ATOM   779  C CE  . LYS B 1 14 ? -18.553 17.190  2.863   1.00 9.90  ? 736  LYS B CE  1 
ATOM   780  N NZ  . LYS B 1 14 ? -18.494 18.096  1.675   1.00 9.78  ? 736  LYS B NZ  1 
ATOM   781  N N   . PRO B 1 15 ? -12.467 15.612  5.912   1.00 5.10  ? 737  PRO B N   1 
ATOM   782  C CA  . PRO B 1 15 ? -11.410 14.597  5.943   1.00 5.34  ? 737  PRO B CA  1 
ATOM   783  C C   . PRO B 1 15 ? -11.566 13.605  4.796   1.00 5.42  ? 737  PRO B C   1 
ATOM   784  O O   . PRO B 1 15 ? -12.682 13.403  4.278   1.00 5.48  ? 737  PRO B O   1 
ATOM   785  C CB  . PRO B 1 15 ? -11.685 13.824  7.252   1.00 5.90  ? 737  PRO B CB  1 
ATOM   786  C CG  . PRO B 1 15 ? -12.531 14.743  8.081   1.00 7.27  ? 737  PRO B CG  1 
ATOM   787  C CD  . PRO B 1 15 ? -13.355 15.521  7.085   1.00 5.87  ? 737  PRO B CD  1 
ATOM   788  N N   . VAL B 1 16 ? -10.471 12.950  4.408   1.00 5.72  ? 738  VAL B N   1 
ATOM   789  C CA  . VAL B 1 16 ? -10.595 11.869  3.405   1.00 4.63  ? 738  VAL B CA  1 
ATOM   790  C C   . VAL B 1 16 ? -11.231 10.636  4.100   1.00 5.18  ? 738  VAL B C   1 
ATOM   791  O O   . VAL B 1 16 ? -10.884 10.321  5.231   1.00 5.80  ? 738  VAL B O   1 
ATOM   792  C CB  . VAL B 1 16 ? -9.224  11.526  2.776   1.00 5.19  ? 738  VAL B CB  1 
ATOM   793  C CG1 . VAL B 1 16 ? -9.307  10.231  1.954   1.00 5.59  ? 738  VAL B CG1 1 
ATOM   794  C CG2 . VAL B 1 16 ? -8.754  12.724  1.894   1.00 4.96  ? 738  VAL B CG2 1 
ATOM   795  N N   . PRO B 1 17 ? -12.237 9.999   3.462   1.00 5.06  ? 739  PRO B N   1 
ATOM   796  C CA  . PRO B 1 17 ? -12.890 8.841   4.068   1.00 5.10  ? 739  PRO B CA  1 
ATOM   797  C C   . PRO B 1 17 ? -11.925 7.744   4.605   1.00 4.76  ? 739  PRO B C   1 
ATOM   798  O O   . PRO B 1 17 ? -11.002 7.317   3.932   1.00 4.61  ? 739  PRO B O   1 
ATOM   799  C CB  . PRO B 1 17 ? -13.751 8.305   2.915   1.00 5.82  ? 739  PRO B CB  1 
ATOM   800  C CG  . PRO B 1 17 ? -14.206 9.587   2.257   1.00 4.58  ? 739  PRO B CG  1 
ATOM   801  C CD  . PRO B 1 17 ? -12.907 10.391  2.210   1.00 5.93  ? 739  PRO B CD  1 
ATOM   802  N N   . PHE B 1 18 ? -12.176 7.309   5.833   1.00 4.74  ? 740  PHE B N   1 
ATOM   803  C CA  . PHE B 1 18 ? -11.517 6.142   6.400   1.00 5.00  ? 740  PHE B CA  1 
ATOM   804  C C   . PHE B 1 18 ? -11.653 4.939   5.441   1.00 5.03  ? 740  PHE B C   1 
ATOM   805  O O   . PHE B 1 18 ? -12.755 4.530   5.084   1.00 5.56  ? 740  PHE B O   1 
ATOM   806  C CB  . PHE B 1 18 ? -12.155 5.868   7.784   1.00 6.32  ? 740  PHE B CB  1 
ATOM   807  C CG  . PHE B 1 18 ? -11.648 4.638   8.495   1.00 5.94  ? 740  PHE B CG  1 
ATOM   808  C CD1 . PHE B 1 18 ? -10.331 4.169   8.341   1.00 6.64  ? 740  PHE B CD1 1 
ATOM   809  C CD2 . PHE B 1 18 ? -12.485 3.974   9.379   1.00 8.23  ? 740  PHE B CD2 1 
ATOM   810  C CE1 . PHE B 1 18 ? -9.895  3.013   9.027   1.00 8.87  ? 740  PHE B CE1 1 
ATOM   811  C CE2 . PHE B 1 18 ? -12.050 2.845   10.072  1.00 8.93  ? 740  PHE B CE2 1 
ATOM   812  C CZ  . PHE B 1 18 ? -10.762 2.367   9.902   1.00 7.88  ? 740  PHE B CZ  1 
ATOM   813  N N   . GLY B 1 19 ? -10.519 4.390   5.014   1.00 4.08  ? 741  GLY B N   1 
ATOM   814  C CA  . GLY B 1 19 ? -10.521 3.232   4.073   1.00 4.72  ? 741  GLY B CA  1 
ATOM   815  C C   . GLY B 1 19 ? -10.261 3.552   2.608   1.00 5.44  ? 741  GLY B C   1 
ATOM   816  O O   . GLY B 1 19 ? -10.108 2.630   1.777   1.00 4.69  ? 741  GLY B O   1 
ATOM   817  N N   . SER B 1 20 ? -10.254 4.844   2.264   1.00 4.14  ? 742  SER B N   1 
ATOM   818  C CA  . SER B 1 20 ? -9.884  5.266   0.907   1.00 4.66  ? 742  SER B CA  1 
ATOM   819  C C   . SER B 1 20 ? -8.593  4.606   0.445   1.00 4.94  ? 742  SER B C   1 
ATOM   820  O O   . SER B 1 20 ? -7.665  4.461   1.235   1.00 5.00  ? 742  SER B O   1 
ATOM   821  C CB  . SER B 1 20 ? -9.761  6.789   0.818   1.00 4.65  ? 742  SER B CB  1 
ATOM   822  O OG  . SER B 1 20 ? -11.010 7.376   1.134   1.00 7.15  ? 742  SER B OG  1 
ATOM   823  N N   . ILE B 1 21 ? -8.539  4.215   -0.829  1.00 4.93  ? 743  ILE B N   1 
ATOM   824  C CA  . ILE B 1 21 ? -7.344  3.569   -1.383  1.00 4.56  ? 743  ILE B CA  1 
ATOM   825  C C   . ILE B 1 21 ? -6.444  4.623   -2.004  1.00 4.36  ? 743  ILE B C   1 
ATOM   826  O O   . ILE B 1 21 ? -6.904  5.444   -2.813  1.00 4.31  ? 743  ILE B O   1 
ATOM   827  C CB  . ILE B 1 21 ? -7.685  2.498   -2.452  1.00 4.77  ? 743  ILE B CB  1 
ATOM   828  C CG1 . ILE B 1 21 ? -8.565  1.398   -1.819  1.00 5.12  ? 743  ILE B CG1 1 
ATOM   829  C CG2 . ILE B 1 21 ? -6.404  1.930   -3.067  1.00 7.11  ? 743  ILE B CG2 1 
ATOM   830  C CD1 . ILE B 1 21 ? -7.918  0.620   -0.644  1.00 5.38  ? 743  ILE B CD1 1 
ATOM   831  N N   . VAL B 1 22 ? -5.177  4.600   -1.602  1.00 4.45  ? 744  VAL B N   1 
ATOM   832  C CA  . VAL B 1 22 ? -4.171  5.507   -2.146  1.00 4.22  ? 744  VAL B CA  1 
ATOM   833  C C   . VAL B 1 22 ? -3.313  4.765   -3.189  1.00 5.06  ? 744  VAL B C   1 
ATOM   834  O O   . VAL B 1 22 ? -2.792  3.665   -2.909  1.00 6.02  ? 744  VAL B O   1 
ATOM   835  C CB  . VAL B 1 22 ? -3.262  5.999   -1.021  1.00 4.70  ? 744  VAL B CB  1 
ATOM   836  C CG1 . VAL B 1 22 ? -2.133  6.893   -1.558  1.00 4.77  ? 744  VAL B CG1 1 
ATOM   837  C CG2 . VAL B 1 22 ? -4.067  6.695   0.062   1.00 5.14  ? 744  VAL B CG2 1 
ATOM   838  N N   . THR B 1 23 ? -3.171  5.353   -4.378  1.00 5.85  ? 745  THR B N   1 
ATOM   839  C CA  . THR B 1 23 ? -2.341  4.758   -5.420  1.00 6.75  ? 745  THR B CA  1 
ATOM   840  C C   . THR B 1 23 ? -1.325  5.778   -5.888  1.00 7.10  ? 745  THR B C   1 
ATOM   841  O O   . THR B 1 23 ? -1.686  6.876   -6.286  1.00 7.54  ? 745  THR B O   1 
ATOM   842  C CB  . THR B 1 23 ? -3.209  4.303   -6.603  1.00 7.46  ? 745  THR B CB  1 
ATOM   843  O OG1 . THR B 1 23 ? -4.144  3.332   -6.129  1.00 7.54  ? 745  THR B OG1 1 
ATOM   844  C CG2 . THR B 1 23 ? -2.363  3.685   -7.754  1.00 7.43  ? 745  THR B CG2 1 
ATOM   845  N N   . ILE B 1 24 ? -0.049  5.420   -5.812  1.00 7.31  ? 746  ILE B N   1 
ATOM   846  C CA  . ILE B 1 24 ? 1.019   6.275   -6.349  1.00 8.22  ? 746  ILE B CA  1 
ATOM   847  C C   . ILE B 1 24 ? 0.935   6.243   -7.877  1.00 8.90  ? 746  ILE B C   1 
ATOM   848  O O   . ILE B 1 24 ? 0.987   5.162   -8.509  1.00 9.36  ? 746  ILE B O   1 
ATOM   849  C CB  . ILE B 1 24 ? 2.424   5.800   -5.845  1.00 7.63  ? 746  ILE B CB  1 
ATOM   850  C CG1 . ILE B 1 24 ? 2.619   6.051   -4.332  1.00 7.34  ? 746  ILE B CG1 1 
ATOM   851  C CG2 . ILE B 1 24 ? 3.529   6.540   -6.590  1.00 11.57 ? 746  ILE B CG2 1 
ATOM   852  C CD1 A ILE B 1 24 ? 3.623   5.113   -3.705  0.70 6.28  ? 746  ILE B CD1 1 
ATOM   853  C CD1 B ILE B 1 24 ? 1.439   5.837   -3.417  0.30 5.79  ? 746  ILE B CD1 1 
ATOM   854  N N   . GLU B 1 25 ? 0.810   7.415   -8.484  1.00 10.08 ? 747  GLU B N   1 
ATOM   855  C CA  . GLU B 1 25 ? 0.599   7.480   -9.936  1.00 11.63 ? 747  GLU B CA  1 
ATOM   856  C C   . GLU B 1 25 ? 1.820   6.957   -10.689 1.00 10.99 ? 747  GLU B C   1 
ATOM   857  O O   . GLU B 1 25 ? 2.965   7.131   -10.246 1.00 11.17 ? 747  GLU B O   1 
ATOM   858  C CB  . GLU B 1 25 ? 0.159   8.886   -10.374 1.00 11.82 ? 747  GLU B CB  1 
ATOM   859  C CG  . GLU B 1 25 ? -1.139  9.293   -9.661  1.00 14.98 ? 747  GLU B CG  1 
ATOM   860  C CD  . GLU B 1 25 ? -1.826  10.539  -10.210 1.00 16.15 ? 747  GLU B CD  1 
ATOM   861  O OE1 . GLU B 1 25 ? -2.948  10.845  -9.729  1.00 21.03 ? 747  GLU B OE1 1 
ATOM   862  O OE2 . GLU B 1 25 ? -1.259  11.208  -11.107 1.00 20.35 ? 747  GLU B OE2 1 
ATOM   863  N N   . GLY B 1 26 ? 1.576   6.249   -11.787 1.00 11.28 ? 748  GLY B N   1 
ATOM   864  C CA  . GLY B 1 26 ? 2.679   5.626   -12.532 1.00 11.51 ? 748  GLY B CA  1 
ATOM   865  C C   . GLY B 1 26 ? 2.689   4.110   -12.426 1.00 13.35 ? 748  GLY B C   1 
ATOM   866  O O   . GLY B 1 26 ? 3.404   3.410   -13.167 1.00 13.62 ? 748  GLY B O   1 
ATOM   867  N N   . GLN B 1 27 ? 1.883   3.591   -11.511 1.00 13.18 ? 749  GLN B N   1 
ATOM   868  C CA  . GLN B 1 27 ? 1.733   2.144   -11.389 1.00 14.98 ? 749  GLN B CA  1 
ATOM   869  C C   . GLN B 1 27 ? 0.283   1.775   -11.074 1.00 15.04 ? 749  GLN B C   1 
ATOM   870  O O   . GLN B 1 27 ? -0.530  2.653   -10.785 1.00 15.42 ? 749  GLN B O   1 
ATOM   871  C CB  . GLN B 1 27 ? 2.780   1.565   -10.424 1.00 14.59 ? 749  GLN B CB  1 
ATOM   872  C CG  . GLN B 1 27 ? 2.732   2.126   -9.014  1.00 15.14 ? 749  GLN B CG  1 
ATOM   873  C CD  . GLN B 1 27 ? 1.654   1.433   -8.225  1.00 16.74 ? 749  GLN B CD  1 
ATOM   874  O OE1 . GLN B 1 27 ? 1.606   0.192   -8.180  1.00 15.48 ? 749  GLN B OE1 1 
ATOM   875  N NE2 . GLN B 1 27 ? 0.760   2.212   -7.623  1.00 14.58 ? 749  GLN B NE2 1 
ATOM   876  N N   . SER B 1 28 ? -0.042  0.485   -11.158 1.00 16.32 ? 750  SER B N   1 
ATOM   877  C CA  . SER B 1 28 ? -1.442  0.051   -11.201 1.00 16.93 ? 750  SER B CA  1 
ATOM   878  C C   . SER B 1 28 ? -2.065  -0.258  -9.851  1.00 16.58 ? 750  SER B C   1 
ATOM   879  O O   . SER B 1 28 ? -3.276  -0.060  -9.657  1.00 16.77 ? 750  SER B O   1 
ATOM   880  C CB  . SER B 1 28 ? -1.593  -1.181  -12.086 1.00 17.64 ? 750  SER B CB  1 
ATOM   881  O OG  . SER B 1 28 ? -1.293  -0.864  -13.432 1.00 21.14 ? 750  SER B OG  1 
ATOM   882  N N   . SER B 1 29 ? -1.263  -0.790  -8.936  1.00 15.30 ? 751  SER B N   1 
ATOM   883  C CA  . SER B 1 29 ? -1.828  -1.384  -7.733  1.00 14.39 ? 751  SER B CA  1 
ATOM   884  C C   . SER B 1 29 ? -1.874  -0.413  -6.577  1.00 13.14 ? 751  SER B C   1 
ATOM   885  O O   . SER B 1 29 ? -1.263  0.652   -6.636  1.00 13.37 ? 751  SER B O   1 
ATOM   886  C CB  . SER B 1 29 ? -1.054  -2.644  -7.356  1.00 14.54 ? 751  SER B CB  1 
ATOM   887  O OG  . SER B 1 29 ? -1.146  -3.573  -8.417  1.00 16.82 ? 751  SER B OG  1 
ATOM   888  N N   . SER B 1 30 ? -2.605  -0.793  -5.534  1.00 11.16 ? 752  SER B N   1 
ATOM   889  C CA  . SER B 1 30 ? -2.707  -0.010  -4.302  1.00 9.45  ? 752  SER B CA  1 
ATOM   890  C C   . SER B 1 30 ? -1.309  0.273   -3.737  1.00 8.30  ? 752  SER B C   1 
ATOM   891  O O   . SER B 1 30 ? -0.387  -0.556  -3.873  1.00 8.46  ? 752  SER B O   1 
ATOM   892  C CB  . SER B 1 30 ? -3.553  -0.787  -3.264  1.00 8.65  ? 752  SER B CB  1 
ATOM   893  O OG  . SER B 1 30 ? -2.856  -1.960  -2.797  1.00 11.92 ? 752  SER B OG  1 
ATOM   894  N N   . SER B 1 31 ? -1.169  1.435   -3.096  1.00 6.53  ? 753  SER B N   1 
ATOM   895  C CA  . SER B 1 31 ? 0.080   1.809   -2.417  1.00 6.50  ? 753  SER B CA  1 
ATOM   896  C C   . SER B 1 31 ? -0.114  1.919   -0.903  1.00 6.96  ? 753  SER B C   1 
ATOM   897  O O   . SER B 1 31 ? 0.836   1.750   -0.112  1.00 7.39  ? 753  SER B O   1 
ATOM   898  C CB  . SER B 1 31 ? 0.595   3.141   -2.955  1.00 6.19  ? 753  SER B CB  1 
ATOM   899  O OG  . SER B 1 31 ? 0.869   3.108   -4.358  1.00 5.92  ? 753  SER B OG  1 
ATOM   900  N N   . GLY B 1 32 ? -1.343  2.225   -0.491  1.00 6.08  ? 754  GLY B N   1 
ATOM   901  C CA  . GLY B 1 32 ? -1.645  2.352   0.939   1.00 5.52  ? 754  GLY B CA  1 
ATOM   902  C C   . GLY B 1 32 ? -3.130  2.603   1.144   1.00 5.00  ? 754  GLY B C   1 
ATOM   903  O O   . GLY B 1 32 ? -3.880  2.700   0.171   1.00 5.18  ? 754  GLY B O   1 
ATOM   904  N N   . ILE B 1 33 ? -3.544  2.644   2.408   1.00 4.74  ? 755  ILE B N   1 
ATOM   905  C CA  . ILE B 1 33 ? -4.971  2.816   2.775   1.00 5.80  ? 755  ILE B CA  1 
ATOM   906  C C   . ILE B 1 33 ? -5.087  3.919   3.816   1.00 5.28  ? 755  ILE B C   1 
ATOM   907  O O   . ILE B 1 33 ? -4.321  3.962   4.791   1.00 5.50  ? 755  ILE B O   1 
ATOM   908  C CB  . ILE B 1 33 ? -5.551  1.519   3.384   1.00 5.58  ? 755  ILE B CB  1 
ATOM   909  C CG1 . ILE B 1 33 ? -5.305  0.319   2.463   1.00 6.51  ? 755  ILE B CG1 1 
ATOM   910  C CG2 . ILE B 1 33 ? -7.061  1.646   3.628   1.00 7.56  ? 755  ILE B CG2 1 
ATOM   911  C CD1 . ILE B 1 33 ? -5.732  -1.009  3.067   1.00 6.92  ? 755  ILE B CD1 1 
ATOM   912  N N   . VAL B 1 34 ? -6.023  4.847   3.594   1.00 4.72  ? 756  VAL B N   1 
ATOM   913  C CA  . VAL B 1 34 ? -6.212  5.956   4.531   1.00 4.26  ? 756  VAL B CA  1 
ATOM   914  C C   . VAL B 1 34 ? -6.889  5.470   5.828   1.00 4.87  ? 756  VAL B C   1 
ATOM   915  O O   . VAL B 1 34 ? -7.850  4.691   5.769   1.00 4.81  ? 756  VAL B O   1 
ATOM   916  C CB  . VAL B 1 34 ? -7.063  7.058   3.892   1.00 3.33  ? 756  VAL B CB  1 
ATOM   917  C CG1 . VAL B 1 34 ? -7.349  8.182   4.899   1.00 4.36  ? 756  VAL B CG1 1 
ATOM   918  C CG2 . VAL B 1 34 ? -6.365  7.638   2.652   1.00 4.40  ? 756  VAL B CG2 1 
ATOM   919  N N   . GLY B 1 35 ? -6.355  5.884   6.976   1.00 6.00  ? 757  GLY B N   1 
ATOM   920  C CA  . GLY B 1 35 ? -6.871  5.455   8.260   1.00 5.48  ? 757  GLY B CA  1 
ATOM   921  C C   . GLY B 1 35 ? -7.919  6.366   8.882   1.00 5.73  ? 757  GLY B C   1 
ATOM   922  O O   . GLY B 1 35 ? -8.447  7.263   8.202   1.00 6.39  ? 757  GLY B O   1 
ATOM   923  N N   . ASP B 1 36 ? -8.229  6.114   10.155  1.00 5.98  ? 758  ASP B N   1 
ATOM   924  C CA  . ASP B 1 36 ? -9.350  6.802   10.824  1.00 5.79  ? 758  ASP B CA  1 
ATOM   925  C C   . ASP B 1 36 ? -9.006  8.244   11.273  1.00 5.98  ? 758  ASP B C   1 
ATOM   926  O O   . ASP B 1 36 ? -9.906  8.959   11.776  1.00 5.68  ? 758  ASP B O   1 
ATOM   927  C CB  . ASP B 1 36 ? -9.964  5.957   11.974  1.00 7.23  ? 758  ASP B CB  1 
ATOM   928  C CG  . ASP B 1 36 ? -8.983  5.693   13.101  1.00 7.51  ? 758  ASP B CG  1 
ATOM   929  O OD1 . ASP B 1 36 ? -9.171  4.721   13.892  1.00 9.19  ? 758  ASP B OD1 1 
ATOM   930  O OD2 . ASP B 1 36 ? -8.014  6.464   13.207  1.00 8.44  ? 758  ASP B OD2 1 
ATOM   931  N N   . ASN B 1 37 ? -7.731  8.638   11.124  1.00 4.75  ? 759  ASN B N   1 
ATOM   932  C CA  . ASN B 1 37 ? -7.297  10.052  11.333  1.00 5.16  ? 759  ASN B CA  1 
ATOM   933  C C   . ASN B 1 37 ? -7.008  10.762  9.984   1.00 4.76  ? 759  ASN B C   1 
ATOM   934  O O   . ASN B 1 37 ? -6.308  11.781  9.934   1.00 4.99  ? 759  ASN B O   1 
ATOM   935  C CB  . ASN B 1 37 ? -6.094  10.178  12.309  1.00 5.89  ? 759  ASN B CB  1 
ATOM   936  C CG  . ASN B 1 37 ? -6.426  9.770   13.755  1.00 5.79  ? 759  ASN B CG  1 
ATOM   937  O OD1 . ASN B 1 37 ? -5.631  9.057   14.419  1.00 7.30  ? 759  ASN B OD1 1 
ATOM   938  N ND2 . ASN B 1 37 ? -7.549  10.219  14.262  1.00 5.22  ? 759  ASN B ND2 1 
ATOM   939  N N   . SER B 1 38 ? -7.524  10.191  8.887   1.00 4.60  ? 760  SER B N   1 
ATOM   940  C CA  . SER B 1 38 ? -7.295  10.772  7.553   1.00 4.84  ? 760  SER B CA  1 
ATOM   941  C C   . SER B 1 38 ? -5.811  10.878  7.144   1.00 4.04  ? 760  SER B C   1 
ATOM   942  O O   . SER B 1 38 ? -5.375  11.846  6.506   1.00 5.74  ? 760  SER B O   1 
ATOM   943  C CB  . SER B 1 38 ? -8.027  12.123  7.356   1.00 4.70  ? 760  SER B CB  1 
ATOM   944  O OG  . SER B 1 38 ? -8.136  12.427  5.964   1.00 6.56  ? 760  SER B OG  1 
ATOM   945  N N   . GLY B 1 39 ? -5.046  9.858   7.526   1.00 3.88  ? 761  GLY B N   1 
ATOM   946  C CA  . GLY B 1 39 ? -3.630  9.751   7.173   1.00 5.51  ? 761  GLY B CA  1 
ATOM   947  C C   . GLY B 1 39 ? -3.304  8.437   6.477   1.00 5.63  ? 761  GLY B C   1 
ATOM   948  O O   . GLY B 1 39 ? -4.038  7.434   6.588   1.00 5.20  ? 761  GLY B O   1 
ATOM   949  N N   . VAL B 1 40 ? -2.173  8.431   5.785   1.00 4.40  ? 762  VAL B N   1 
ATOM   950  C CA  . VAL B 1 40 ? -1.653  7.198   5.172   1.00 5.20  ? 762  VAL B CA  1 
ATOM   951  C C   . VAL B 1 40 ? -0.151  7.124   5.419   1.00 5.10  ? 762  VAL B C   1 
ATOM   952  O O   . VAL B 1 40 ? 0.507   8.165   5.499   1.00 6.09  ? 762  VAL B O   1 
ATOM   953  C CB  . VAL B 1 40 ? -1.995  7.138   3.661   1.00 4.39  ? 762  VAL B CB  1 
ATOM   954  C CG1 . VAL B 1 40 ? -1.390  8.302   2.908   1.00 5.18  ? 762  VAL B CG1 1 
ATOM   955  C CG2 . VAL B 1 40 ? -1.583  5.791   3.027   1.00 6.52  ? 762  VAL B CG2 1 
ATOM   956  N N   . TYR B 1 41 ? 0.375   5.915   5.563   1.00 4.68  ? 763  TYR B N   1 
ATOM   957  C CA  . TYR B 1 41 ? 1.809   5.705   5.708   1.00 5.19  ? 763  TYR B CA  1 
ATOM   958  C C   . TYR B 1 41 ? 2.342   5.051   4.431   1.00 5.09  ? 763  TYR B C   1 
ATOM   959  O O   . TYR B 1 41 ? 1.815   4.006   4.006   1.00 5.47  ? 763  TYR B O   1 
ATOM   960  C CB  . TYR B 1 41 ? 2.151   4.868   6.952   1.00 6.48  ? 763  TYR B CB  1 
ATOM   961  C CG  . TYR B 1 41 ? 3.638   4.663   7.187   1.00 7.08  ? 763  TYR B CG  1 
ATOM   962  C CD1 . TYR B 1 41 ? 4.444   5.700   7.658   1.00 6.57  ? 763  TYR B CD1 1 
ATOM   963  C CD2 . TYR B 1 41 ? 4.233   3.423   6.954   1.00 6.68  ? 763  TYR B CD2 1 
ATOM   964  C CE1 . TYR B 1 41 ? 5.825   5.504   7.881   1.00 7.05  ? 763  TYR B CE1 1 
ATOM   965  C CE2 . TYR B 1 41 ? 5.583   3.222   7.176   1.00 7.01  ? 763  TYR B CE2 1 
ATOM   966  C CZ  . TYR B 1 41 ? 6.378   4.255   7.629   1.00 7.91  ? 763  TYR B CZ  1 
ATOM   967  O OH  . TYR B 1 41 ? 7.721   4.025   7.840   1.00 6.53  ? 763  TYR B OH  1 
ATOM   968  N N   . LEU B 1 42 ? 3.370   5.675   3.827   1.00 5.35  ? 764  LEU B N   1 
ATOM   969  C CA  . LEU B 1 42 ? 3.922   5.232   2.542   1.00 5.36  ? 764  LEU B CA  1 
ATOM   970  C C   . LEU B 1 42 ? 5.435   5.095   2.682   1.00 6.00  ? 764  LEU B C   1 
ATOM   971  O O   . LEU B 1 42 ? 6.061   5.837   3.444   1.00 5.46  ? 764  LEU B O   1 
ATOM   972  C CB  . LEU B 1 42 ? 3.617   6.242   1.416   1.00 5.94  ? 764  LEU B CB  1 
ATOM   973  C CG  . LEU B 1 42 ? 2.132   6.431   1.077   1.00 5.96  ? 764  LEU B CG  1 
ATOM   974  C CD1 . LEU B 1 42 ? 1.914   7.663   0.193   1.00 7.00  ? 764  LEU B CD1 1 
ATOM   975  C CD2 . LEU B 1 42 ? 1.512   5.195   0.453   1.00 6.31  ? 764  LEU B CD2 1 
ATOM   976  N N   . THR B 1 43 ? 6.023   4.164   1.942   1.00 5.91  ? 765  THR B N   1 
ATOM   977  C CA  . THR B 1 43 ? 7.480   3.988   1.981   1.00 6.46  ? 765  THR B CA  1 
ATOM   978  C C   . THR B 1 43 ? 8.030   3.861   0.567   1.00 6.78  ? 765  THR B C   1 
ATOM   979  O O   . THR B 1 43 ? 7.277   3.614   -0.388  1.00 6.68  ? 765  THR B O   1 
ATOM   980  C CB  . THR B 1 43 ? 7.922   2.732   2.805   1.00 6.59  ? 765  THR B CB  1 
ATOM   981  O OG1 . THR B 1 43 ? 7.570   1.536   2.095   1.00 8.67  ? 765  THR B OG1 1 
ATOM   982  C CG2 . THR B 1 43 ? 7.295   2.715   4.198   1.00 8.40  ? 765  THR B CG2 1 
ATOM   983  N N   . GLY B 1 44 ? 9.353   3.989   0.441   1.00 8.04  ? 766  GLY B N   1 
ATOM   984  C CA  . GLY B 1 44 ? 10.023  3.835   -0.858  1.00 8.53  ? 766  GLY B CA  1 
ATOM   985  C C   . GLY B 1 44 ? 9.689   4.950   -1.844  1.00 9.42  ? 766  GLY B C   1 
ATOM   986  O O   . GLY B 1 44 ? 9.741   4.755   -3.060  1.00 10.11 ? 766  GLY B O   1 
ATOM   987  N N   . LEU B 1 45 ? 9.314   6.115   -1.326  1.00 10.06 ? 767  LEU B N   1 
ATOM   988  C CA  . LEU B 1 45 ? 8.982   7.263   -2.182  1.00 10.40 ? 767  LEU B CA  1 
ATOM   989  C C   . LEU B 1 45 ? 10.220  7.977   -2.722  1.00 10.63 ? 767  LEU B C   1 
ATOM   990  O O   . LEU B 1 45 ? 11.180  8.195   -1.973  1.00 10.94 ? 767  LEU B O   1 
ATOM   991  C CB  . LEU B 1 45 ? 8.150   8.296   -1.415  1.00 10.86 ? 767  LEU B CB  1 
ATOM   992  C CG  . LEU B 1 45 ? 6.744   7.890   -0.966  1.00 10.80 ? 767  LEU B CG  1 
ATOM   993  C CD1 . LEU B 1 45 ? 6.176   8.927   0.021   1.00 12.92 ? 767  LEU B CD1 1 
ATOM   994  C CD2 . LEU B 1 45 ? 5.826   7.688   -2.168  1.00 12.88 ? 767  LEU B CD2 1 
ATOM   995  N N   . PRO B 1 46 ? 10.166  8.392   -4.006  1.00 11.08 ? 768  PRO B N   1 
ATOM   996  C CA  . PRO B 1 46 ? 11.194  9.295   -4.514  1.00 11.21 ? 768  PRO B CA  1 
ATOM   997  C C   . PRO B 1 46 ? 10.884  10.723  -4.057  1.00 11.00 ? 768  PRO B C   1 
ATOM   998  O O   . PRO B 1 46 ? 9.892   10.946  -3.334  1.00 10.99 ? 768  PRO B O   1 
ATOM   999  C CB  . PRO B 1 46 ? 11.035  9.174   -6.022  1.00 11.87 ? 768  PRO B CB  1 
ATOM   1000 C CG  . PRO B 1 46 ? 9.548   8.967   -6.210  1.00 12.38 ? 768  PRO B CG  1 
ATOM   1001 C CD  . PRO B 1 46 ? 9.139   8.090   -5.029  1.00 11.25 ? 768  PRO B CD  1 
ATOM   1002 N N   . LYS B 1 47 ? 11.719  11.674  -4.460  1.00 10.41 ? 769  LYS B N   1 
ATOM   1003 C CA  . LYS B 1 47 ? 11.556  13.057  -4.057  1.00 10.14 ? 769  LYS B CA  1 
ATOM   1004 C C   . LYS B 1 47 ? 10.213  13.652  -4.501  1.00 9.93  ? 769  LYS B C   1 
ATOM   1005 O O   . LYS B 1 47 ? 9.563   14.345  -3.717  1.00 10.05 ? 769  LYS B O   1 
ATOM   1006 C CB  . LYS B 1 47 ? 12.720  13.910  -4.561  1.00 10.54 ? 769  LYS B CB  1 
ATOM   1007 C CG  . LYS B 1 47 ? 12.759  15.296  -3.946  1.00 12.39 ? 769  LYS B CG  1 
ATOM   1008 C CD  . LYS B 1 47 ? 13.822  16.145  -4.622  1.00 13.88 ? 769  LYS B CD  1 
ATOM   1009 C CE  . LYS B 1 47 ? 13.937  17.496  -3.923  1.00 17.50 ? 769  LYS B CE  1 
ATOM   1010 N N   . LYS B 1 48 ? 9.778   13.363  -5.727  1.00 9.29  ? 770  LYS B N   1 
ATOM   1011 C CA  . LYS B 1 48 ? 8.508   13.915  -6.201  1.00 10.07 ? 770  LYS B CA  1 
ATOM   1012 C C   . LYS B 1 48 ? 7.595   12.832  -6.735  1.00 9.19  ? 770  LYS B C   1 
ATOM   1013 O O   . LYS B 1 48 ? 7.991   12.066  -7.602  1.00 9.36  ? 770  LYS B O   1 
ATOM   1014 C CB  . LYS B 1 48 ? 8.741   14.970  -7.286  1.00 10.80 ? 770  LYS B CB  1 
ATOM   1015 C CG  . LYS B 1 48 ? 9.586   16.138  -6.815  1.00 13.13 ? 770  LYS B CG  1 
ATOM   1016 C CD  . LYS B 1 48 ? 9.876   17.121  -7.931  1.00 18.38 ? 770  LYS B CD  1 
ATOM   1017 C CE  . LYS B 1 48 ? 10.802  18.223  -7.448  1.00 20.38 ? 770  LYS B CE  1 
ATOM   1018 N NZ  . LYS B 1 48 ? 11.103  19.203  -8.529  1.00 23.25 ? 770  LYS B NZ  1 
ATOM   1019 N N   . SER B 1 49 ? 6.375   12.776  -6.206  1.00 9.17  ? 771  SER B N   1 
ATOM   1020 C CA  . SER B 1 49 ? 5.370   11.833  -6.670  1.00 8.98  ? 771  SER B CA  1 
ATOM   1021 C C   . SER B 1 49 ? 3.988   12.499  -6.700  1.00 9.61  ? 771  SER B C   1 
ATOM   1022 O O   . SER B 1 49 ? 3.827   13.648  -6.267  1.00 9.32  ? 771  SER B O   1 
ATOM   1023 C CB  . SER B 1 49 ? 5.313   10.585  -5.773  1.00 9.35  ? 771  SER B CB  1 
ATOM   1024 O OG  A SER B 1 49 ? 4.997   10.886  -4.443  0.60 9.60  ? 771  SER B OG  1 
ATOM   1025 O OG  B SER B 1 49 ? 6.580   10.188  -5.298  0.40 8.89  ? 771  SER B OG  1 
ATOM   1026 N N   . LYS B 1 50 ? 3.019   11.775  -7.248  1.00 9.63  ? 772  LYS B N   1 
ATOM   1027 C CA  . LYS B 1 50 ? 1.619   12.189  -7.188  1.00 10.05 ? 772  LYS B CA  1 
ATOM   1028 C C   . LYS B 1 50 ? 0.791   10.984  -6.759  1.00 9.98  ? 772  LYS B C   1 
ATOM   1029 O O   . LYS B 1 50 ? 1.055   9.861   -7.196  1.00 8.95  ? 772  LYS B O   1 
ATOM   1030 C CB  . LYS B 1 50 ? 1.174   12.685  -8.557  1.00 10.96 ? 772  LYS B CB  1 
ATOM   1031 C CG  . LYS B 1 50 ? -0.098  13.498  -8.543  1.00 14.00 ? 772  LYS B CG  1 
ATOM   1032 C CD  . LYS B 1 50 ? -0.595  13.750  -9.954  1.00 17.94 ? 772  LYS B CD  1 
ATOM   1033 N N   . ILE B 1 51 ? -0.197  11.231  -5.904  1.00 8.96  ? 773  ILE B N   1 
ATOM   1034 C CA  . ILE B 1 51 ? -1.110  10.160  -5.468  1.00 8.95  ? 773  ILE B CA  1 
ATOM   1035 C C   . ILE B 1 51 ? -2.558  10.394  -5.918  1.00 8.44  ? 773  ILE B C   1 
ATOM   1036 O O   . ILE B 1 51 ? -3.037  11.542  -5.972  1.00 7.78  ? 773  ILE B O   1 
ATOM   1037 C CB  . ILE B 1 51 ? -1.072  9.939   -3.941  1.00 9.13  ? 773  ILE B CB  1 
ATOM   1038 C CG1 . ILE B 1 51 ? -1.397  11.222  -3.167  1.00 9.25  ? 773  ILE B CG1 1 
ATOM   1039 C CG2 . ILE B 1 51 ? 0.277   9.324   -3.503  1.00 10.06 ? 773  ILE B CG2 1 
ATOM   1040 C CD1 . ILE B 1 51 ? -1.692  11.009  -1.682  1.00 8.72  ? 773  ILE B CD1 1 
ATOM   1041 N N   . LEU B 1 52 ? -3.227  9.300   -6.273  1.00 8.47  ? 774  LEU B N   1 
ATOM   1042 C CA  . LEU B 1 52 ? -4.657  9.276   -6.508  1.00 9.62  ? 774  LEU B CA  1 
ATOM   1043 C C   . LEU B 1 52 ? -5.256  8.624   -5.276  1.00 8.29  ? 774  LEU B C   1 
ATOM   1044 O O   . LEU B 1 52 ? -4.723  7.614   -4.779  1.00 8.38  ? 774  LEU B O   1 
ATOM   1045 C CB  . LEU B 1 52 ? -5.014  8.459   -7.759  1.00 10.22 ? 774  LEU B CB  1 
ATOM   1046 C CG  . LEU B 1 52 ? -6.512  8.216   -8.035  1.00 11.92 ? 774  LEU B CG  1 
ATOM   1047 C CD1 . LEU B 1 52 ? -7.232  9.526   -8.371  1.00 14.44 ? 774  LEU B CD1 1 
ATOM   1048 C CD2 . LEU B 1 52 ? -6.696  7.201   -9.160  1.00 12.52 ? 774  LEU B CD2 1 
ATOM   1049 N N   . VAL B 1 53 ? -6.354  9.189   -4.786  1.00 6.58  ? 775  VAL B N   1 
ATOM   1050 C CA  . VAL B 1 53 ? -6.990  8.687   -3.562  1.00 6.35  ? 775  VAL B CA  1 
ATOM   1051 C C   . VAL B 1 53 ? -8.441  8.470   -3.906  1.00 7.29  ? 775  VAL B C   1 
ATOM   1052 O O   . VAL B 1 53 ? -9.090  9.379   -4.431  1.00 6.16  ? 775  VAL B O   1 
ATOM   1053 C CB  . VAL B 1 53 ? -6.837  9.683   -2.381  1.00 6.13  ? 775  VAL B CB  1 
ATOM   1054 C CG1 . VAL B 1 53 ? -7.448  9.107   -1.108  1.00 6.49  ? 775  VAL B CG1 1 
ATOM   1055 C CG2 . VAL B 1 53 ? -5.368  9.990   -2.121  1.00 7.97  ? 775  VAL B CG2 1 
ATOM   1056 N N   . LYS B 1 54 ? -8.949  7.269   -3.643  1.00 7.38  ? 776  LYS B N   1 
ATOM   1057 C CA  . LYS B 1 54 ? -10.256 6.875   -4.177  1.00 8.36  ? 776  LYS B CA  1 
ATOM   1058 C C   . LYS B 1 54 ? -11.103 6.095   -3.182  1.00 7.70  ? 776  LYS B C   1 
ATOM   1059 O O   . LYS B 1 54 ? -10.613 5.185   -2.503  1.00 6.95  ? 776  LYS B O   1 
ATOM   1060 C CB  . LYS B 1 54 ? -10.072 6.060   -5.473  1.00 8.36  ? 776  LYS B CB  1 
ATOM   1061 C CG  . LYS B 1 54 ? -11.346 5.612   -6.143  1.00 11.40 ? 776  LYS B CG  1 
ATOM   1062 C CD  . LYS B 1 54 ? -11.001 4.880   -7.444  1.00 12.24 ? 776  LYS B CD  1 
ATOM   1063 C CE  . LYS B 1 54 ? -12.227 4.617   -8.311  1.00 18.64 ? 776  LYS B CE  1 
ATOM   1064 N NZ  . LYS B 1 54 ? -11.855 3.912   -9.584  1.00 21.90 ? 776  LYS B NZ  1 
ATOM   1065 N N   . TRP B 1 55 ? -12.384 6.456   -3.096  1.00 6.94  ? 777  TRP B N   1 
ATOM   1066 C CA  . TRP B 1 55 ? -13.316 5.750   -2.202  1.00 8.43  ? 777  TRP B CA  1 
ATOM   1067 C C   . TRP B 1 55 ? -14.625 5.351   -2.881  1.00 9.61  ? 777  TRP B C   1 
ATOM   1068 O O   . TRP B 1 55 ? -15.475 4.731   -2.234  1.00 11.45 ? 777  TRP B O   1 
ATOM   1069 C CB  . TRP B 1 55 ? -13.603 6.554   -0.907  1.00 8.41  ? 777  TRP B CB  1 
ATOM   1070 C CG  . TRP B 1 55 ? -14.039 7.961   -1.186  1.00 7.38  ? 777  TRP B CG  1 
ATOM   1071 C CD1 . TRP B 1 55 ? -15.327 8.435   -1.279  1.00 7.90  ? 777  TRP B CD1 1 
ATOM   1072 C CD2 . TRP B 1 55 ? -13.184 9.081   -1.412  1.00 5.80  ? 777  TRP B CD2 1 
ATOM   1073 N NE1 . TRP B 1 55 ? -15.318 9.772   -1.570  1.00 6.39  ? 777  TRP B NE1 1 
ATOM   1074 C CE2 . TRP B 1 55 ? -14.019 10.202  -1.669  1.00 6.57  ? 777  TRP B CE2 1 
ATOM   1075 C CE3 . TRP B 1 55 ? -11.789 9.254   -1.445  1.00 7.04  ? 777  TRP B CE3 1 
ATOM   1076 C CZ2 . TRP B 1 55 ? -13.503 11.481  -1.925  1.00 8.28  ? 777  TRP B CZ2 1 
ATOM   1077 C CZ3 . TRP B 1 55 ? -11.275 10.534  -1.708  1.00 7.42  ? 777  TRP B CZ3 1 
ATOM   1078 C CH2 . TRP B 1 55 ? -12.136 11.626  -1.950  1.00 7.72  ? 777  TRP B CH2 1 
ATOM   1079 N N   . GLY B 1 56 ? -14.766 5.682   -4.160  1.00 9.93  ? 778  GLY B N   1 
ATOM   1080 C CA  . GLY B 1 56 ? -15.904 5.227   -4.991  1.00 11.12 ? 778  GLY B CA  1 
ATOM   1081 C C   . GLY B 1 56 ? -15.692 5.561   -6.452  1.00 11.62 ? 778  GLY B C   1 
ATOM   1082 O O   . GLY B 1 56 ? -14.677 6.156   -6.815  1.00 11.57 ? 778  GLY B O   1 
ATOM   1083 N N   . ARG B 1 57 ? -16.659 5.195   -7.302  1.00 12.32 ? 779  ARG B N   1 
ATOM   1084 C CA  . ARG B 1 57 ? -16.500 5.357   -8.750  1.00 13.08 ? 779  ARG B CA  1 
ATOM   1085 C C   . ARG B 1 57 ? -17.101 6.628   -9.365  1.00 13.40 ? 779  ARG B C   1 
ATOM   1086 O O   . ARG B 1 57 ? -16.923 6.878   -10.555 1.00 13.93 ? 779  ARG B O   1 
ATOM   1087 C CB  . ARG B 1 57 ? -17.094 4.148   -9.468  1.00 14.33 ? 779  ARG B CB  1 
ATOM   1088 C CG  . ARG B 1 57 ? -18.610 4.038   -9.333  1.00 17.70 ? 779  ARG B CG  1 
ATOM   1089 C CD  . ARG B 1 57 ? -19.178 3.051   -10.356 1.00 22.77 ? 779  ARG B CD  1 
ATOM   1090 N NE  . ARG B 1 57 ? -18.379 1.834   -10.446 1.00 27.87 ? 779  ARG B NE  1 
ATOM   1091 C CZ  . ARG B 1 57 ? -18.296 0.916   -9.485  1.00 29.83 ? 779  ARG B CZ  1 
ATOM   1092 N NH1 . ARG B 1 57 ? -17.546 -0.164  -9.669  1.00 31.34 ? 779  ARG B NH1 1 
ATOM   1093 N NH2 . ARG B 1 57 ? -18.962 1.073   -8.342  1.00 32.10 ? 779  ARG B NH2 1 
ATOM   1094 N N   . ASP B 1 58 ? -17.827 7.412   -8.574  1.00 12.63 ? 780  ASP B N   1 
ATOM   1095 C CA  . ASP B 1 58 ? -18.561 8.560   -9.112  1.00 12.50 ? 780  ASP B CA  1 
ATOM   1096 C C   . ASP B 1 58 ? -17.804 9.873   -8.957  1.00 11.75 ? 780  ASP B C   1 
ATOM   1097 O O   . ASP B 1 58 ? -16.755 9.911   -8.293  1.00 11.30 ? 780  ASP B O   1 
ATOM   1098 C CB  . ASP B 1 58 ? -19.942 8.641   -8.451  1.00 13.10 ? 780  ASP B CB  1 
ATOM   1099 C CG  . ASP B 1 58 ? -20.774 7.410   -8.729  1.00 16.36 ? 780  ASP B CG  1 
ATOM   1100 O OD1 . ASP B 1 58 ? -21.156 7.219   -9.903  1.00 19.60 ? 780  ASP B OD1 1 
ATOM   1101 O OD2 . ASP B 1 58 ? -21.018 6.639   -7.785  1.00 18.95 ? 780  ASP B OD2 1 
ATOM   1102 N N   . LYS B 1 59 ? -18.328 10.932  -9.583  1.00 11.10 ? 781  LYS B N   1 
ATOM   1103 C CA  . LYS B 1 59 ? -17.738 12.268  -9.470  1.00 11.11 ? 781  LYS B CA  1 
ATOM   1104 C C   . LYS B 1 59 ? -17.686 12.633  -7.995  1.00 9.08  ? 781  LYS B C   1 
ATOM   1105 O O   . LYS B 1 59 ? -18.609 12.314  -7.224  1.00 9.28  ? 781  LYS B O   1 
ATOM   1106 C CB  . LYS B 1 59 ? -18.542 13.328  -10.233 1.00 10.78 ? 781  LYS B CB  1 
ATOM   1107 C CG  . LYS B 1 59 ? -18.524 13.190  -11.750 1.00 15.40 ? 781  LYS B CG  1 
ATOM   1108 C CD  . LYS B 1 59 ? -17.224 13.701  -12.342 1.00 18.22 ? 781  LYS B CD  1 
ATOM   1109 C CE  . LYS B 1 59 ? -17.426 14.352  -13.718 1.00 20.65 ? 781  LYS B CE  1 
ATOM   1110 N NZ  . LYS B 1 59 ? -18.079 13.469  -14.736 1.00 21.22 ? 781  LYS B NZ  1 
ATOM   1111 N N   . ASN B 1 60 ? -16.591 13.296  -7.617  1.00 9.07  ? 782  ASN B N   1 
ATOM   1112 C CA  . ASN B 1 60 ? -16.342 13.766  -6.268  1.00 7.89  ? 782  ASN B CA  1 
ATOM   1113 C C   . ASN B 1 60 ? -16.044 12.623  -5.298  1.00 7.50  ? 782  ASN B C   1 
ATOM   1114 O O   . ASN B 1 60 ? -16.104 12.826  -4.097  1.00 7.77  ? 782  ASN B O   1 
ATOM   1115 C CB  . ASN B 1 60 ? -17.501 14.640  -5.755  1.00 8.68  ? 782  ASN B CB  1 
ATOM   1116 C CG  . ASN B 1 60 ? -17.034 15.815  -4.904  1.00 12.49 ? 782  ASN B CG  1 
ATOM   1117 O OD1 . ASN B 1 60 ? -16.087 16.534  -5.254  1.00 14.79 ? 782  ASN B OD1 1 
ATOM   1118 N ND2 . ASN B 1 60 ? -17.742 16.050  -3.804  1.00 13.98 ? 782  ASN B ND2 1 
ATOM   1119 N N   . GLN B 1 61 ? -15.714 11.443  -5.839  1.00 6.39  ? 783  GLN B N   1 
ATOM   1120 C CA  . GLN B 1 61 ? -15.385 10.276  -5.001  1.00 6.54  ? 783  GLN B CA  1 
ATOM   1121 C C   . GLN B 1 61 ? -13.899 9.890   -5.092  1.00 6.56  ? 783  GLN B C   1 
ATOM   1122 O O   . GLN B 1 61 ? -13.481 8.806   -4.637  1.00 6.81  ? 783  GLN B O   1 
ATOM   1123 C CB  . GLN B 1 61 ? -16.326 9.090   -5.293  1.00 7.11  ? 783  GLN B CB  1 
ATOM   1124 C CG  . GLN B 1 61 ? -17.756 9.380   -4.811  1.00 4.79  ? 783  GLN B CG  1 
ATOM   1125 C CD  . GLN B 1 61 ? -18.735 8.248   -5.045  1.00 6.95  ? 783  GLN B CD  1 
ATOM   1126 O OE1 . GLN B 1 61 ? -18.470 7.305   -5.795  1.00 10.72 ? 783  GLN B OE1 1 
ATOM   1127 N NE2 . GLN B 1 61 ? -19.894 8.341   -4.395  1.00 9.57  ? 783  GLN B NE2 1 
ATOM   1128 N N   . SER B 1 62 ? -13.104 10.790  -5.683  1.00 6.53  ? 784  SER B N   1 
ATOM   1129 C CA  . SER B 1 62 ? -11.652 10.667  -5.611  1.00 6.58  ? 784  SER B CA  1 
ATOM   1130 C C   . SER B 1 62 ? -11.009 12.048  -5.559  1.00 6.59  ? 784  SER B C   1 
ATOM   1131 O O   . SER B 1 62 ? -11.658 13.064  -5.830  1.00 5.30  ? 784  SER B O   1 
ATOM   1132 C CB  . SER B 1 62 ? -11.124 9.914   -6.826  1.00 6.51  ? 784  SER B CB  1 
ATOM   1133 O OG  . SER B 1 62 ? -11.279 10.678  -8.018  1.00 7.59  ? 784  SER B OG  1 
ATOM   1134 N N   . CYS B 1 63 ? -9.711  12.061  -5.275  1.00 6.62  ? 785  CYS B N   1 
ATOM   1135 C CA  . CYS B 1 63 ? -8.964  13.327  -5.212  1.00 6.68  ? 785  CYS B CA  1 
ATOM   1136 C C   . CYS B 1 63 ? -7.496  13.029  -5.491  1.00 7.77  ? 785  CYS B C   1 
ATOM   1137 O O   . CYS B 1 63 ? -7.086  11.858  -5.467  1.00 7.27  ? 785  CYS B O   1 
ATOM   1138 C CB  . CYS B 1 63 ? -9.167  14.005  -3.851  1.00 7.60  ? 785  CYS B CB  1 
ATOM   1139 S SG  . CYS B 1 63 ? -8.720  12.990  -2.445  1.00 8.76  ? 785  CYS B SG  1 
ATOM   1140 N N   . SER B 1 64 ? -6.714  14.059  -5.804  1.00 7.22  ? 786  SER B N   1 
ATOM   1141 C CA  . SER B 1 64 ? -5.287  13.824  -6.056  1.00 7.65  ? 786  SER B CA  1 
ATOM   1142 C C   . SER B 1 64 ? -4.411  14.857  -5.347  1.00 7.50  ? 786  SER B C   1 
ATOM   1143 O O   . SER B 1 64 ? -4.836  16.003  -5.122  1.00 7.11  ? 786  SER B O   1 
ATOM   1144 C CB  . SER B 1 64 ? -4.985  13.810  -7.553  1.00 8.92  ? 786  SER B CB  1 
ATOM   1145 O OG  A SER B 1 64 ? -4.986  15.118  -8.065  0.60 8.84  ? 786  SER B OG  1 
ATOM   1146 O OG  B SER B 1 64 ? -6.010  13.120  -8.271  0.40 8.71  ? 786  SER B OG  1 
ATOM   1147 N N   . SER B 1 65 ? -3.201  14.441  -4.971  1.00 7.68  ? 787  SER B N   1 
ATOM   1148 C CA  . SER B 1 65 ? -2.244  15.401  -4.389  1.00 8.87  ? 787  SER B CA  1 
ATOM   1149 C C   . SER B 1 65 ? -0.821  15.146  -4.893  1.00 9.86  ? 787  SER B C   1 
ATOM   1150 O O   . SER B 1 65 ? -0.445  14.011  -5.135  1.00 10.42 ? 787  SER B O   1 
ATOM   1151 C CB  . SER B 1 65 ? -2.210  15.375  -2.863  1.00 10.01 ? 787  SER B CB  1 
ATOM   1152 O OG  A SER B 1 65 ? -1.376  16.448  -2.428  0.60 9.68  ? 787  SER B OG  1 
ATOM   1153 O OG  B SER B 1 65 ? -3.473  15.109  -2.265  0.40 8.49  ? 787  SER B OG  1 
ATOM   1154 N N   . ASN B 1 66 ? -0.048  16.214  -5.067  1.00 10.58 ? 788  ASN B N   1 
ATOM   1155 C CA  . ASN B 1 66 ? 1.397   16.091  -5.259  1.00 11.35 ? 788  ASN B CA  1 
ATOM   1156 C C   . ASN B 1 66 ? 2.029   15.765  -3.917  1.00 10.73 ? 788  ASN B C   1 
ATOM   1157 O O   . ASN B 1 66 ? 1.573   16.240  -2.880  1.00 10.44 ? 788  ASN B O   1 
ATOM   1158 C CB  . ASN B 1 66 ? 1.967   17.414  -5.760  1.00 12.53 ? 788  ASN B CB  1 
ATOM   1159 C CG  . ASN B 1 66 ? 1.617   17.695  -7.211  1.00 15.70 ? 788  ASN B CG  1 
ATOM   1160 O OD1 . ASN B 1 66 ? 1.530   16.787  -8.034  1.00 18.04 ? 788  ASN B OD1 1 
ATOM   1161 N ND2 . ASN B 1 66 ? 1.432   18.980  -7.533  1.00 21.26 ? 788  ASN B ND2 1 
ATOM   1162 N N   . VAL B 1 67 ? 3.085   14.961  -3.932  1.00 10.16 ? 789  VAL B N   1 
ATOM   1163 C CA  . VAL B 1 67 ? 3.819   14.641  -2.702  1.00 10.78 ? 789  VAL B CA  1 
ATOM   1164 C C   . VAL B 1 67 ? 5.304   14.929  -2.968  1.00 10.59 ? 789  VAL B C   1 
ATOM   1165 O O   . VAL B 1 67 ? 5.928   14.272  -3.803  1.00 10.02 ? 789  VAL B O   1 
ATOM   1166 C CB  . VAL B 1 67 ? 3.585   13.175  -2.285  1.00 10.86 ? 789  VAL B CB  1 
ATOM   1167 C CG1 . VAL B 1 67 ? 4.351   12.825  -0.996  1.00 13.29 ? 789  VAL B CG1 1 
ATOM   1168 C CG2 . VAL B 1 67 ? 2.093   12.895  -2.125  1.00 11.83 ? 789  VAL B CG2 1 
ATOM   1169 N N   . VAL B 1 68 ? 5.837   15.935  -2.282  1.00 10.14 ? 790  VAL B N   1 
ATOM   1170 C CA  . VAL B 1 68 ? 7.249   16.331  -2.426  1.00 10.17 ? 790  VAL B CA  1 
ATOM   1171 C C   . VAL B 1 68 ? 7.942   16.145  -1.065  1.00 10.46 ? 790  VAL B C   1 
ATOM   1172 O O   . VAL B 1 68 ? 7.439   16.639  -0.044  1.00 11.42 ? 790  VAL B O   1 
ATOM   1173 C CB  . VAL B 1 68 ? 7.383   17.796  -2.966  1.00 11.32 ? 790  VAL B CB  1 
ATOM   1174 C CG1 . VAL B 1 68 ? 8.867   18.214  -3.129  1.00 10.81 ? 790  VAL B CG1 1 
ATOM   1175 C CG2 . VAL B 1 68 ? 6.624   17.946  -4.302  1.00 10.78 ? 790  VAL B CG2 1 
ATOM   1176 N N   . LEU B 1 69 ? 9.055   15.408  -1.061  1.00 9.31  ? 791  LEU B N   1 
ATOM   1177 C CA  . LEU B 1 69 ? 9.878   15.156  0.139   1.00 9.48  ? 791  LEU B CA  1 
ATOM   1178 C C   . LEU B 1 69 ? 11.112  16.058  0.156   1.00 8.95  ? 791  LEU B C   1 
ATOM   1179 O O   . LEU B 1 69 ? 11.591  16.447  -0.914  1.00 8.05  ? 791  LEU B O   1 
ATOM   1180 C CB  . LEU B 1 69 ? 10.353  13.698  0.184   1.00 9.90  ? 791  LEU B CB  1 
ATOM   1181 C CG  . LEU B 1 69 ? 9.288   12.615  0.436   1.00 11.96 ? 791  LEU B CG  1 
ATOM   1182 C CD1 . LEU B 1 69 ? 9.932   11.277  0.649   1.00 13.96 ? 791  LEU B CD1 1 
ATOM   1183 C CD2 . LEU B 1 69 ? 8.433   12.961  1.644   1.00 13.74 ? 791  LEU B CD2 1 
ATOM   1184 N N   . PRO B 1 70 ? 11.633  16.398  1.365   1.00 9.00  ? 792  PRO B N   1 
ATOM   1185 C CA  . PRO B 1 70 ? 12.958  17.047  1.396   1.00 9.74  ? 792  PRO B CA  1 
ATOM   1186 C C   . PRO B 1 70 ? 13.997  16.174  0.688   1.00 10.22 ? 792  PRO B C   1 
ATOM   1187 O O   . PRO B 1 70 ? 13.827  14.954  0.597   1.00 10.09 ? 792  PRO B O   1 
ATOM   1188 C CB  . PRO B 1 70 ? 13.274  17.131  2.895   1.00 10.06 ? 792  PRO B CB  1 
ATOM   1189 C CG  . PRO B 1 70 ? 11.917  17.203  3.532   1.00 9.87  ? 792  PRO B CG  1 
ATOM   1190 C CD  . PRO B 1 70 ? 11.071  16.251  2.722   1.00 8.77  ? 792  PRO B CD  1 
ATOM   1191 N N   . GLU B 1 71 ? 15.059  16.789  0.190   1.00 11.55 ? 793  GLU B N   1 
ATOM   1192 C CA  . GLU B 1 71 ? 16.083  16.036  -0.548  1.00 12.99 ? 793  GLU B CA  1 
ATOM   1193 C C   . GLU B 1 71 ? 16.938  15.097  0.313   1.00 13.47 ? 793  GLU B C   1 
ATOM   1194 O O   . GLU B 1 71 ? 17.583  14.193  -0.237  1.00 12.91 ? 793  GLU B O   1 
ATOM   1195 C CB  . GLU B 1 71 ? 16.997  16.977  -1.347  1.00 13.32 ? 793  GLU B CB  1 
ATOM   1196 C CG  . GLU B 1 71 ? 17.691  18.015  -0.485  1.00 14.23 ? 793  GLU B CG  1 
ATOM   1197 C CD  . GLU B 1 71 ? 18.567  18.974  -1.263  1.00 15.28 ? 793  GLU B CD  1 
ATOM   1198 O OE1 . GLU B 1 71 ? 18.686  18.834  -2.501  1.00 19.00 ? 793  GLU B OE1 1 
ATOM   1199 O OE2 . GLU B 1 71 ? 19.163  19.853  -0.609  1.00 18.70 ? 793  GLU B OE2 1 
ATOM   1200 N N   . LYS B 1 72 ? 16.969  15.315  1.633   1.00 14.56 ? 794  LYS B N   1 
ATOM   1201 C CA  . LYS B 1 72 ? 17.942  14.606  2.500   1.00 15.77 ? 794  LYS B CA  1 
ATOM   1202 C C   . LYS B 1 72 ? 17.827  13.097  2.380   1.00 17.36 ? 794  LYS B C   1 
ATOM   1203 O O   . LYS B 1 72 ? 16.747  12.544  2.562   1.00 17.57 ? 794  LYS B O   1 
ATOM   1204 C CB  . LYS B 1 72 ? 17.833  15.044  3.974   1.00 16.12 ? 794  LYS B CB  1 
ATOM   1205 C CG  . LYS B 1 72 ? 18.914  14.433  4.912   1.00 15.10 ? 794  LYS B CG  1 
ATOM   1206 C CD  . LYS B 1 72 ? 18.800  14.961  6.360   1.00 15.56 ? 794  LYS B CD  1 
ATOM   1207 C CE  . LYS B 1 72 ? 20.101  14.721  7.161   1.00 15.85 ? 794  LYS B CE  1 
ATOM   1208 N NZ  . LYS B 1 72 ? 20.095  15.268  8.557   1.00 13.47 ? 794  LYS B NZ  1 
ATOM   1209 N N   . THR B 1 73 ? 18.953  12.443  2.071   1.00 17.98 ? 795  THR B N   1 
ATOM   1210 C CA  . THR B 1 73 ? 18.999  10.990  1.936   1.00 18.66 ? 795  THR B CA  1 
ATOM   1211 C C   . THR B 1 73 ? 19.699  10.308  3.124   1.00 17.21 ? 795  THR B C   1 
ATOM   1212 O O   . THR B 1 73 ? 20.404  10.945  3.907   1.00 18.07 ? 795  THR B O   1 
ATOM   1213 C CB  . THR B 1 73 ? 19.723  10.568  0.623   1.00 19.13 ? 795  THR B CB  1 
ATOM   1214 O OG1 . THR B 1 73 ? 21.086  11.016  0.666   1.00 22.24 ? 795  THR B OG1 1 
ATOM   1215 C CG2 . THR B 1 73 ? 19.036  11.166  -0.614  1.00 20.62 ? 795  THR B CG2 1 
ATOM   1216 N N   . ASP B 1 74 ? 19.518  8.997   3.229   1.00 16.46 ? 796  ASP B N   1 
ATOM   1217 C CA  . ASP B 1 74 ? 20.210  8.178   4.210   1.00 14.81 ? 796  ASP B CA  1 
ATOM   1218 C C   . ASP B 1 74 ? 19.816  8.539   5.652   1.00 13.27 ? 796  ASP B C   1 
ATOM   1219 O O   . ASP B 1 74 ? 20.665  8.758   6.532   1.00 13.15 ? 796  ASP B O   1 
ATOM   1220 C CB  . ASP B 1 74 ? 21.729  8.245   3.971   1.00 15.70 ? 796  ASP B CB  1 
ATOM   1221 C CG  . ASP B 1 74 ? 22.506  7.249   4.799   1.00 18.86 ? 796  ASP B CG  1 
ATOM   1222 O OD1 . ASP B 1 74 ? 21.983  6.141   5.086   1.00 23.42 ? 796  ASP B OD1 1 
ATOM   1223 O OD2 . ASP B 1 74 ? 23.659  7.586   5.166   1.00 22.97 ? 796  ASP B OD2 1 
ATOM   1224 N N   . ILE B 1 75 ? 18.504  8.596   5.870   1.00 11.22 ? 797  ILE B N   1 
ATOM   1225 C CA  . ILE B 1 75 ? 17.931  8.696   7.214   1.00 10.46 ? 797  ILE B CA  1 
ATOM   1226 C C   . ILE B 1 75 ? 16.994  7.513   7.446   1.00 9.93  ? 797  ILE B C   1 
ATOM   1227 O O   . ILE B 1 75 ? 16.444  6.955   6.473   1.00 10.09 ? 797  ILE B O   1 
ATOM   1228 C CB  . ILE B 1 75 ? 17.170  10.039  7.439   1.00 10.23 ? 797  ILE B CB  1 
ATOM   1229 C CG1 . ILE B 1 75 ? 16.096  10.235  6.356   1.00 11.76 ? 797  ILE B CG1 1 
ATOM   1230 C CG2 . ILE B 1 75 ? 18.178  11.201  7.502   1.00 10.39 ? 797  ILE B CG2 1 
ATOM   1231 C CD1 . ILE B 1 75 ? 15.063  11.326  6.655   1.00 11.28 ? 797  ILE B CD1 1 
ATOM   1232 N N   . SER B 1 76 ? 16.807  7.133   8.712   1.00 8.48  ? 798  SER B N   1 
ATOM   1233 C CA  . SER B 1 76 ? 15.992  5.941   9.044   1.00 8.21  ? 798  SER B CA  1 
ATOM   1234 C C   . SER B 1 76 ? 14.572  6.283   9.448   1.00 8.10  ? 798  SER B C   1 
ATOM   1235 O O   . SER B 1 76 ? 13.724  5.381   9.558   1.00 8.10  ? 798  SER B O   1 
ATOM   1236 C CB  . SER B 1 76 ? 16.627  5.127   10.183  1.00 8.13  ? 798  SER B CB  1 
ATOM   1237 O OG  . SER B 1 76 ? 16.669  5.891   11.380  1.00 8.01  ? 798  SER B OG  1 
ATOM   1238 N N   . GLY B 1 77 ? 14.312  7.564   9.683   1.00 6.40  ? 799  GLY B N   1 
ATOM   1239 C CA  . GLY B 1 77 ? 13.019  7.993   10.238  1.00 6.95  ? 799  GLY B CA  1 
ATOM   1240 C C   . GLY B 1 77 ? 11.960  8.236   9.167   1.00 6.62  ? 799  GLY B C   1 
ATOM   1241 O O   . GLY B 1 77 ? 12.102  7.811   8.016   1.00 6.69  ? 799  GLY B O   1 
ATOM   1242 N N   . ALA B 1 78 ? 10.916  8.962   9.554   1.00 6.49  ? 800  ALA B N   1 
ATOM   1243 C CA  . ALA B 1 78 ? 9.769   9.201   8.688   1.00 6.86  ? 800  ALA B CA  1 
ATOM   1244 C C   . ALA B 1 78 ? 9.248   10.612  8.897   1.00 6.65  ? 800  ALA B C   1 
ATOM   1245 O O   . ALA B 1 78 ? 9.097   11.071  10.042  1.00 6.70  ? 800  ALA B O   1 
ATOM   1246 C CB  . ALA B 1 78 ? 8.665   8.191   9.010   1.00 7.40  ? 800  ALA B CB  1 
ATOM   1247 N N   . TYR B 1 79 ? 8.994   11.291  7.783   1.00 6.20  ? 801  TYR B N   1 
ATOM   1248 C CA  . TYR B 1 79 ? 8.386   12.617  7.813   1.00 6.62  ? 801  TYR B CA  1 
ATOM   1249 C C   . TYR B 1 79 ? 6.925   12.571  8.220   1.00 7.29  ? 801  TYR B C   1 
ATOM   1250 O O   . TYR B 1 79 ? 6.246   11.558  8.058   1.00 7.89  ? 801  TYR B O   1 
ATOM   1251 C CB  . TYR B 1 79 ? 8.501   13.277  6.436   1.00 7.30  ? 801  TYR B CB  1 
ATOM   1252 C CG  . TYR B 1 79 ? 9.927   13.573  6.077   1.00 6.20  ? 801  TYR B CG  1 
ATOM   1253 C CD1 . TYR B 1 79 ? 10.570  14.710  6.589   1.00 5.44  ? 801  TYR B CD1 1 
ATOM   1254 C CD2 . TYR B 1 79 ? 10.643  12.730  5.223   1.00 8.05  ? 801  TYR B CD2 1 
ATOM   1255 C CE1 . TYR B 1 79 ? 11.910  14.988  6.273   1.00 8.36  ? 801  TYR B CE1 1 
ATOM   1256 C CE2 . TYR B 1 79 ? 11.967  13.005  4.885   1.00 8.11  ? 801  TYR B CE2 1 
ATOM   1257 C CZ  . TYR B 1 79 ? 12.598  14.134  5.402   1.00 6.41  ? 801  TYR B CZ  1 
ATOM   1258 O OH  . TYR B 1 79 ? 13.908  14.410  5.090   1.00 8.99  ? 801  TYR B OH  1 
ATOM   1259 N N   . ARG B 1 80 ? 6.438   13.703  8.718   1.00 7.14  ? 802  ARG B N   1 
ATOM   1260 C CA  . ARG B 1 80 ? 5.065   13.860  9.107   1.00 7.31  ? 802  ARG B CA  1 
ATOM   1261 C C   . ARG B 1 80 ? 4.586   15.135  8.416   1.00 7.99  ? 802  ARG B C   1 
ATOM   1262 O O   . ARG B 1 80 ? 4.861   16.250  8.884   1.00 8.67  ? 802  ARG B O   1 
ATOM   1263 C CB  . ARG B 1 80 ? 4.962   13.987  10.625  1.00 8.51  ? 802  ARG B CB  1 
ATOM   1264 C CG  . ARG B 1 80 ? 3.583   14.206  11.156  1.00 10.74 ? 802  ARG B CG  1 
ATOM   1265 C CD  . ARG B 1 80 ? 2.959   12.904  11.565  1.00 10.69 ? 802  ARG B CD  1 
ATOM   1266 N NE  . ARG B 1 80 ? 1.607   13.107  12.072  1.00 12.44 ? 802  ARG B NE  1 
ATOM   1267 C CZ  . ARG B 1 80 ? 0.721   12.130  12.192  1.00 12.91 ? 802  ARG B CZ  1 
ATOM   1268 N NH1 . ARG B 1 80 ? 1.062   10.889  11.879  1.00 13.23 ? 802  ARG B NH1 1 
ATOM   1269 N NH2 . ARG B 1 80 ? -0.500  12.397  12.652  1.00 16.93 ? 802  ARG B NH2 1 
ATOM   1270 N N   . LEU B 1 81 ? 3.945   14.937  7.271   1.00 7.25  ? 803  LEU B N   1 
ATOM   1271 C CA  . LEU B 1 81 ? 3.536   16.030  6.384   1.00 8.41  ? 803  LEU B CA  1 
ATOM   1272 C C   . LEU B 1 81 ? 2.040   16.042  6.175   1.00 8.98  ? 803  LEU B C   1 
ATOM   1273 O O   . LEU B 1 81 ? 1.340   15.030  6.403   1.00 7.10  ? 803  LEU B O   1 
ATOM   1274 C CB  . LEU B 1 81 ? 4.234   15.913  5.024   1.00 8.43  ? 803  LEU B CB  1 
ATOM   1275 C CG  . LEU B 1 81 ? 5.760   15.713  4.986   1.00 8.75  ? 803  LEU B CG  1 
ATOM   1276 C CD1 . LEU B 1 81 ? 6.224   15.742  3.520   1.00 8.96  ? 803  LEU B CD1 1 
ATOM   1277 C CD2 . LEU B 1 81 ? 6.499   16.743  5.855   1.00 10.73 ? 803  LEU B CD2 1 
ATOM   1278 N N   . SER B 1 82 ? 1.555   17.209  5.754   1.00 9.94  ? 804  SER B N   1 
ATOM   1279 C CA  . SER B 1 82 ? 0.148   17.405  5.456   1.00 11.28 ? 804  SER B CA  1 
ATOM   1280 C C   . SER B 1 82 ? -0.049  17.961  4.066   1.00 11.68 ? 804  SER B C   1 
ATOM   1281 O O   . SER B 1 82 ? 0.765   18.746  3.566   1.00 11.87 ? 804  SER B O   1 
ATOM   1282 C CB  . SER B 1 82 ? -0.525  18.329  6.472   1.00 12.11 ? 804  SER B CB  1 
ATOM   1283 O OG  . SER B 1 82 ? -0.533  17.758  7.755   1.00 14.16 ? 804  SER B OG  1 
ATOM   1284 N N   . THR B 1 83 ? -1.141  17.558  3.440   1.00 10.59 ? 805  THR B N   1 
ATOM   1285 C CA  . THR B 1 83 ? -1.476  18.146  2.147   1.00 10.71 ? 805  THR B CA  1 
ATOM   1286 C C   . THR B 1 83 ? -2.980  18.161  1.878   1.00 10.55 ? 805  THR B C   1 
ATOM   1287 O O   . THR B 1 83 ? -3.757  17.415  2.491   1.00 9.59  ? 805  THR B O   1 
ATOM   1288 C CB  . THR B 1 83 ? -0.731  17.447  0.959   1.00 11.62 ? 805  THR B CB  1 
ATOM   1289 O OG1 . THR B 1 83 ? -0.869  18.238  -0.236  1.00 12.67 ? 805  THR B OG1 1 
ATOM   1290 C CG2 . THR B 1 83 ? -1.272  16.036  0.701   1.00 12.29 ? 805  THR B CG2 1 
ATOM   1291 N N   . THR B 1 84 ? -3.369  19.028  0.948   1.00 8.78  ? 806  THR B N   1 
ATOM   1292 C CA  . THR B 1 84 ? -4.725  19.010  0.414   1.00 8.67  ? 806  THR B CA  1 
ATOM   1293 C C   . THR B 1 84 ? -4.827  17.983  -0.720  1.00 8.48  ? 806  THR B C   1 
ATOM   1294 O O   . THR B 1 84 ? -3.936  17.899  -1.581  1.00 10.36 ? 806  THR B O   1 
ATOM   1295 C CB  . THR B 1 84 ? -5.119  20.420  -0.073  1.00 8.43  ? 806  THR B CB  1 
ATOM   1296 O OG1 . THR B 1 84 ? -5.382  21.262  1.075   1.00 9.06  ? 806  THR B OG1 1 
ATOM   1297 C CG2 . THR B 1 84 ? -6.349  20.355  -0.957  1.00 9.57  ? 806  THR B CG2 1 
ATOM   1298 N N   . CYS B 1 85 ? -5.903  17.208  -0.695  1.00 7.77  ? 807  CYS B N   1 
ATOM   1299 C CA  . CYS B 1 85 ? -6.280  16.255  -1.763  1.00 7.79  ? 807  CYS B CA  1 
ATOM   1300 C C   . CYS B 1 85 ? -7.371  16.950  -2.614  1.00 7.53  ? 807  CYS B C   1 
ATOM   1301 O O   . CYS B 1 85 ? -8.491  17.175  -2.138  1.00 7.62  ? 807  CYS B O   1 
ATOM   1302 C CB  . CYS B 1 85 ? -6.782  14.955  -1.110  1.00 8.17  ? 807  CYS B CB  1 
ATOM   1303 S SG  . CYS B 1 85 ? -6.733  13.440  -2.144  1.00 13.19 ? 807  CYS B SG  1 
ATOM   1304 N N   . ILE B 1 86 ? -7.024  17.312  -3.852  1.00 6.06  ? 808  ILE B N   1 
ATOM   1305 C CA  . ILE B 1 86 ? -7.919  18.117  -4.727  1.00 6.02  ? 808  ILE B CA  1 
ATOM   1306 C C   . ILE B 1 86 ? -8.987  17.209  -5.355  1.00 5.51  ? 808  ILE B C   1 
ATOM   1307 O O   . ILE B 1 86 ? -8.664  16.287  -6.095  1.00 5.39  ? 808  ILE B O   1 
ATOM   1308 C CB  . ILE B 1 86 ? -7.113  18.910  -5.801  1.00 5.73  ? 808  ILE B CB  1 
ATOM   1309 C CG1 . ILE B 1 86 ? -6.261  19.997  -5.104  1.00 6.94  ? 808  ILE B CG1 1 
ATOM   1310 C CG2 . ILE B 1 86 ? -8.037  19.548  -6.809  1.00 6.83  ? 808  ILE B CG2 1 
ATOM   1311 C CD1 . ILE B 1 86 ? -5.239  20.740  -6.006  1.00 6.87  ? 808  ILE B CD1 1 
ATOM   1312 N N   . LEU B 1 87 ? -10.256 17.477  -5.057  1.00 5.72  ? 809  LEU B N   1 
ATOM   1313 C CA  . LEU B 1 87 ? -11.350 16.584  -5.492  1.00 5.47  ? 809  LEU B CA  1 
ATOM   1314 C C   . LEU B 1 87 ? -11.489 16.547  -6.998  1.00 7.58  ? 809  LEU B C   1 
ATOM   1315 O O   . LEU B 1 87 ? -11.388 17.598  -7.659  1.00 7.88  ? 809  LEU B O   1 
ATOM   1316 C CB  . LEU B 1 87 ? -12.690 17.003  -4.871  1.00 6.06  ? 809  LEU B CB  1 
ATOM   1317 C CG  . LEU B 1 87 ? -12.832 16.626  -3.403  1.00 5.56  ? 809  LEU B CG  1 
ATOM   1318 C CD1 . LEU B 1 87 ? -13.834 17.564  -2.701  1.00 7.90  ? 809  LEU B CD1 1 
ATOM   1319 C CD2 . LEU B 1 87 ? -13.244 15.154  -3.287  1.00 7.82  ? 809  LEU B CD2 1 
ATOM   1320 N N   . ASN B 1 88 ? -11.757 15.348  -7.522  1.00 9.25  ? 810  ASN B N   1 
ATOM   1321 C CA  . ASN B 1 88 ? -12.063 15.168  -8.940  1.00 11.52 ? 810  ASN B CA  1 
ATOM   1322 C C   . ASN B 1 88 ? -13.578 15.179  -9.129  1.00 13.42 ? 810  ASN B C   1 
ATOM   1323 O O   . ASN B 1 88 ? -14.253 14.176  -8.872  1.00 12.28 ? 810  ASN B O   1 
ATOM   1324 C CB  . ASN B 1 88 ? -11.446 13.872  -9.472  1.00 11.97 ? 810  ASN B CB  1 
ATOM   1325 C CG  . ASN B 1 88 ? -9.920  13.876  -9.409  1.00 13.04 ? 810  ASN B CG  1 
ATOM   1326 O OD1 . ASN B 1 88 ? -9.275  14.802  -9.892  1.00 13.46 ? 810  ASN B OD1 1 
ATOM   1327 N ND2 . ASN B 1 88 ? -9.343  12.841  -8.810  1.00 13.29 ? 810  ASN B ND2 1 
ATOM   1328 N N   . ASN B 1 89 ? -14.105 16.335  -9.529  1.00 15.66 ? 811  ASN B N   1 
ATOM   1329 C CA  . ASN B 1 89 ? -15.551 16.535  -9.590  1.00 18.29 ? 811  ASN B CA  1 
ATOM   1330 C C   . ASN B 1 89 ? -15.922 17.223  -10.903 1.00 19.49 ? 811  ASN B C   1 
ATOM   1331 O O   . ASN B 1 89 ? -15.662 16.689  -11.984 1.00 20.35 ? 811  ASN B O   1 
ATOM   1332 C CB  . ASN B 1 89 ? -16.024 17.358  -8.375  1.00 18.64 ? 811  ASN B CB  1 
ATOM   1333 C CG  . ASN B 1 89 ? -17.561 17.420  -8.239  1.00 19.66 ? 811  ASN B CG  1 
ATOM   1334 O OD1 . ASN B 1 89 ? -18.281 16.562  -8.737  1.00 20.29 ? 811  ASN B OD1 1 
ATOM   1335 N ND2 . ASN B 1 89 ? -18.050 18.448  -7.545  1.00 21.60 ? 811  ASN B ND2 1 
ATOM   1336 O OXT . ASN B 1 89 ? -16.488 18.318  -10.913 1.00 20.89 ? 811  ASN B OXT 1 
HETATM 1337 S S   . SO4 C 2 .  ? -6.790  -9.663  8.836   1.00 12.71 ? 1090 SO4 A S   1 
HETATM 1338 O O1  . SO4 C 2 .  ? -7.747  -9.184  7.841   1.00 14.02 ? 1090 SO4 A O1  1 
HETATM 1339 O O2  . SO4 C 2 .  ? -6.839  -11.119 8.993   1.00 16.13 ? 1090 SO4 A O2  1 
HETATM 1340 O O3  . SO4 C 2 .  ? -5.445  -9.273  8.471   1.00 11.93 ? 1090 SO4 A O3  1 
HETATM 1341 O O4  . SO4 C 2 .  ? -7.140  -9.083  10.130  1.00 13.12 ? 1090 SO4 A O4  1 
HETATM 1342 S S   . SO4 D 2 .  ? -9.816  -2.408  -7.725  0.60 13.39 ? 1091 SO4 A S   1 
HETATM 1343 O O1  . SO4 D 2 .  ? -10.576 -2.260  -6.474  0.60 15.11 ? 1091 SO4 A O1  1 
HETATM 1344 O O2  . SO4 D 2 .  ? -8.879  -3.503  -7.569  0.60 13.54 ? 1091 SO4 A O2  1 
HETATM 1345 O O3  . SO4 D 2 .  ? -10.777 -2.687  -8.794  0.60 14.10 ? 1091 SO4 A O3  1 
HETATM 1346 O O4  . SO4 D 2 .  ? -9.113  -1.146  -7.984  0.60 14.76 ? 1091 SO4 A O4  1 
HETATM 1347 S S   . SO4 E 2 .  ? -2.324  9.079   11.901  1.00 13.20 ? 1090 SO4 B S   1 
HETATM 1348 O O1  . SO4 E 2 .  ? -3.084  8.369   12.931  1.00 15.13 ? 1090 SO4 B O1  1 
HETATM 1349 O O2  . SO4 E 2 .  ? -0.982  8.508   11.765  1.00 14.11 ? 1090 SO4 B O2  1 
HETATM 1350 O O3  . SO4 E 2 .  ? -3.005  8.953   10.612  1.00 14.82 ? 1090 SO4 B O3  1 
HETATM 1351 O O4  . SO4 E 2 .  ? -2.229  10.479  12.270  1.00 17.94 ? 1090 SO4 B O4  1 
HETATM 1352 O O   . HOH F 3 .  ? -11.386 -10.020 -8.641  1.00 28.23 ? 2001 HOH A O   1 
HETATM 1353 O O   . HOH F 3 .  ? -11.566 -9.210  -6.015  1.00 13.62 ? 2002 HOH A O   1 
HETATM 1354 O O   . HOH F 3 .  ? -1.278  -17.859 12.523  1.00 23.70 ? 2003 HOH A O   1 
HETATM 1355 O O   . HOH F 3 .  ? 15.070  -21.299 11.401  1.00 29.09 ? 2004 HOH A O   1 
HETATM 1356 O O   . HOH F 3 .  ? -5.553  -12.090 5.685   1.00 8.45  ? 2005 HOH A O   1 
HETATM 1357 O O   . HOH F 3 .  ? -1.183  -15.408 11.397  1.00 10.47 ? 2006 HOH A O   1 
HETATM 1358 O O   . HOH F 3 .  ? -6.256  -17.412 7.154   1.00 36.91 ? 2007 HOH A O   1 
HETATM 1359 O O   . HOH F 3 .  ? -0.205  -24.220 7.758   1.00 21.43 ? 2008 HOH A O   1 
HETATM 1360 O O   . HOH F 3 .  ? 10.074  -2.385  1.024   1.00 12.69 ? 2009 HOH A O   1 
HETATM 1361 O O   . HOH F 3 .  ? 12.367  -3.336  -2.933  1.00 23.39 ? 2010 HOH A O   1 
HETATM 1362 O O   . HOH F 3 .  ? 3.993   -21.238 6.423   1.00 10.73 ? 2011 HOH A O   1 
HETATM 1363 O O   . HOH F 3 .  ? 13.829  -15.010 12.415  1.00 23.73 ? 2012 HOH A O   1 
HETATM 1364 O O   . HOH F 3 .  ? 12.322  -8.999  -4.780  1.00 27.35 ? 2013 HOH A O   1 
HETATM 1365 O O   . HOH F 3 .  ? 7.626   -24.800 8.112   1.00 7.21  ? 2014 HOH A O   1 
HETATM 1366 O O   . HOH F 3 .  ? 12.413  -21.346 5.132   1.00 13.10 ? 2015 HOH A O   1 
HETATM 1367 O O   . HOH F 3 .  ? 14.058  -19.223 9.844   1.00 13.96 ? 2016 HOH A O   1 
HETATM 1368 O O   . HOH F 3 .  ? -3.369  -3.205  9.776   1.00 28.33 ? 2017 HOH A O   1 
HETATM 1369 O O   . HOH F 3 .  ? -2.223  -0.180  5.464   1.00 10.93 ? 2018 HOH A O   1 
HETATM 1370 O O   A HOH F 3 .  ? -1.518  -2.392  8.288   0.50 12.93 ? 2019 HOH A O   1 
HETATM 1371 O O   B HOH F 3 .  ? -1.781  -0.637  7.958   0.50 11.23 ? 2019 HOH A O   1 
HETATM 1372 O O   . HOH F 3 .  ? -0.924  -0.770  16.572  1.00 13.24 ? 2020 HOH A O   1 
HETATM 1373 O O   . HOH F 3 .  ? -4.897  -4.982  10.615  1.00 38.61 ? 2021 HOH A O   1 
HETATM 1374 O O   . HOH F 3 .  ? 2.136   -19.906 12.908  1.00 30.86 ? 2022 HOH A O   1 
HETATM 1375 O O   . HOH F 3 .  ? 5.771   -20.467 14.715  1.00 21.82 ? 2023 HOH A O   1 
HETATM 1376 O O   . HOH F 3 .  ? 13.999  -18.948 15.235  1.00 21.87 ? 2024 HOH A O   1 
HETATM 1377 O O   . HOH F 3 .  ? 10.317  -21.194 13.128  1.00 9.57  ? 2025 HOH A O   1 
HETATM 1378 O O   . HOH F 3 .  ? -5.211  -5.595  -13.457 1.00 36.73 ? 2026 HOH A O   1 
HETATM 1379 O O   . HOH F 3 .  ? 1.918   -9.961  12.338  1.00 6.74  ? 2027 HOH A O   1 
HETATM 1380 O O   . HOH F 3 .  ? 4.866   -0.471  8.942   1.00 24.75 ? 2028 HOH A O   1 
HETATM 1381 O O   . HOH F 3 .  ? 8.705   -2.704  8.392   1.00 25.94 ? 2029 HOH A O   1 
HETATM 1382 O O   . HOH F 3 .  ? 12.292  -1.946  -0.315  1.00 32.57 ? 2030 HOH A O   1 
HETATM 1383 O O   . HOH F 3 .  ? 17.093  -7.027  1.527   1.00 36.01 ? 2031 HOH A O   1 
HETATM 1384 O O   . HOH F 3 .  ? 10.295  -4.520  -3.987  1.00 15.02 ? 2032 HOH A O   1 
HETATM 1385 O O   . HOH F 3 .  ? 8.905   -4.864  0.346   1.00 7.92  ? 2033 HOH A O   1 
HETATM 1386 O O   . HOH F 3 .  ? 10.797  -17.531 -3.577  1.00 21.38 ? 2034 HOH A O   1 
HETATM 1387 O O   . HOH F 3 .  ? 7.432   -4.785  -11.302 1.00 29.98 ? 2035 HOH A O   1 
HETATM 1388 O O   . HOH F 3 .  ? -0.093  -19.608 -5.254  1.00 18.61 ? 2036 HOH A O   1 
HETATM 1389 O O   . HOH F 3 .  ? 9.500   -14.199 -6.314  1.00 34.23 ? 2037 HOH A O   1 
HETATM 1390 O O   . HOH F 3 .  ? 11.697  -6.485  -5.479  1.00 16.07 ? 2038 HOH A O   1 
HETATM 1391 O O   . HOH F 3 .  ? 9.489   2.331   -8.465  1.00 31.89 ? 2039 HOH A O   1 
HETATM 1392 O O   . HOH F 3 .  ? -11.416 -7.081  -12.992 1.00 34.96 ? 2040 HOH A O   1 
HETATM 1393 O O   . HOH F 3 .  ? -18.486 -2.140  -3.693  1.00 35.28 ? 2041 HOH A O   1 
HETATM 1394 O O   . HOH F 3 .  ? 6.322   3.573   -7.505  1.00 35.25 ? 2042 HOH A O   1 
HETATM 1395 O O   . HOH F 3 .  ? 4.911   -1.874  -4.886  1.00 9.33  ? 2043 HOH A O   1 
HETATM 1396 O O   . HOH F 3 .  ? 3.141   1.590   -4.846  1.00 7.62  ? 2044 HOH A O   1 
HETATM 1397 O O   . HOH F 3 .  ? -2.034  -2.170  3.567   1.00 8.10  ? 2046 HOH A O   1 
HETATM 1398 O O   . HOH F 3 .  ? -2.579  -4.504  7.363   1.00 16.93 ? 2047 HOH A O   1 
HETATM 1399 O O   . HOH F 3 .  ? 0.438   -2.274  10.139  1.00 19.82 ? 2048 HOH A O   1 
HETATM 1400 O O   . HOH F 3 .  ? -3.748  -2.739  14.079  1.00 27.72 ? 2049 HOH A O   1 
HETATM 1401 O O   . HOH F 3 .  ? -3.378  -4.577  12.361  1.00 14.02 ? 2050 HOH A O   1 
HETATM 1402 O O   . HOH F 3 .  ? -6.551  -6.779  14.291  1.00 14.60 ? 2051 HOH A O   1 
HETATM 1403 O O   . HOH F 3 .  ? -2.592  -3.074  17.004  1.00 17.87 ? 2052 HOH A O   1 
HETATM 1404 O O   A HOH F 3 .  ? -3.991  -6.207  8.437   0.50 11.08 ? 2053 HOH A O   1 
HETATM 1405 O O   B HOH F 3 .  ? -4.985  -6.844  6.777   0.50 12.59 ? 2053 HOH A O   1 
HETATM 1406 O O   . HOH F 3 .  ? -3.749  -3.912  4.832   1.00 9.65  ? 2054 HOH A O   1 
HETATM 1407 O O   . HOH F 3 .  ? -11.519 -2.018  -1.812  1.00 9.96  ? 2055 HOH A O   1 
HETATM 1408 O O   . HOH F 3 .  ? -2.671  -1.778  0.870   1.00 6.71  ? 2056 HOH A O   1 
HETATM 1409 O O   . HOH F 3 .  ? -3.263  -4.127  -12.347 1.00 21.12 ? 2057 HOH A O   1 
HETATM 1410 O O   . HOH F 3 .  ? -7.286  -8.885  -11.686 1.00 22.66 ? 2058 HOH A O   1 
HETATM 1411 O O   . HOH F 3 .  ? -2.228  -10.995 -8.274  1.00 9.61  ? 2059 HOH A O   1 
HETATM 1412 O O   . HOH F 3 .  ? -4.603  -10.108 -15.247 1.00 21.45 ? 2060 HOH A O   1 
HETATM 1413 O O   . HOH F 3 .  ? -1.062  -11.267 -14.513 1.00 23.72 ? 2061 HOH A O   1 
HETATM 1414 O O   . HOH F 3 .  ? 2.681   -15.171 -9.732  1.00 31.49 ? 2062 HOH A O   1 
HETATM 1415 O O   . HOH F 3 .  ? 1.486   -7.517  -10.248 1.00 22.99 ? 2063 HOH A O   1 
HETATM 1416 O O   . HOH F 3 .  ? 3.989   -9.001  -10.121 1.00 12.76 ? 2064 HOH A O   1 
HETATM 1417 O O   . HOH F 3 .  ? 14.425  -4.380  -1.769  1.00 30.63 ? 2065 HOH A O   1 
HETATM 1418 O O   . HOH F 3 .  ? 15.062  -5.267  11.092  1.00 25.24 ? 2066 HOH A O   1 
HETATM 1419 O O   . HOH F 3 .  ? 12.003  -4.119  11.846  1.00 32.31 ? 2067 HOH A O   1 
HETATM 1420 O O   . HOH F 3 .  ? 16.432  -8.277  3.741   1.00 17.24 ? 2068 HOH A O   1 
HETATM 1421 O O   . HOH F 3 .  ? 15.524  -19.038 6.017   1.00 24.80 ? 2069 HOH A O   1 
HETATM 1422 O O   . HOH F 3 .  ? 15.054  -17.620 12.134  1.00 38.22 ? 2070 HOH A O   1 
HETATM 1423 O O   . HOH F 3 .  ? 18.077  -4.827  9.233   1.00 24.19 ? 2071 HOH A O   1 
HETATM 1424 O O   . HOH F 3 .  ? 16.166  -11.245 3.240   1.00 16.03 ? 2072 HOH A O   1 
HETATM 1425 O O   . HOH F 3 .  ? 15.031  -8.874  -0.136  1.00 29.17 ? 2073 HOH A O   1 
HETATM 1426 O O   . HOH F 3 .  ? 8.180   -17.312 -3.915  1.00 23.58 ? 2074 HOH A O   1 
HETATM 1427 O O   . HOH F 3 .  ? 6.405   -18.226 -2.385  1.00 25.42 ? 2075 HOH A O   1 
HETATM 1428 O O   . HOH F 3 .  ? -1.009  -17.135 -4.324  1.00 14.78 ? 2076 HOH A O   1 
HETATM 1429 O O   . HOH F 3 .  ? 3.037   -20.140 -4.996  1.00 29.00 ? 2077 HOH A O   1 
HETATM 1430 O O   . HOH F 3 .  ? 7.463   -15.328 -5.643  1.00 19.18 ? 2078 HOH A O   1 
HETATM 1431 O O   . HOH F 3 .  ? -4.640  -18.256 -4.636  1.00 15.53 ? 2079 HOH A O   1 
HETATM 1432 O O   . HOH F 3 .  ? -9.910  -19.438 -11.521 1.00 19.39 ? 2080 HOH A O   1 
HETATM 1433 O O   . HOH F 3 .  ? -19.334 -18.122 -10.384 1.00 30.23 ? 2081 HOH A O   1 
HETATM 1434 O O   . HOH F 3 .  ? -11.801 -13.053 -9.479  1.00 25.00 ? 2082 HOH A O   1 
HETATM 1435 O O   . HOH F 3 .  ? -13.210 -17.767 -10.450 1.00 18.35 ? 2083 HOH A O   1 
HETATM 1436 O O   . HOH F 3 .  ? -13.665 -8.602  -10.710 1.00 23.12 ? 2084 HOH A O   1 
HETATM 1437 O O   . HOH F 3 .  ? -15.841 -2.945  -4.430  1.00 20.11 ? 2085 HOH A O   1 
HETATM 1438 O O   . HOH F 3 .  ? -21.855 -5.021  -5.712  1.00 17.05 ? 2086 HOH A O   1 
HETATM 1439 O O   . HOH F 3 .  ? -14.299 -16.960 -7.695  1.00 18.59 ? 2087 HOH A O   1 
HETATM 1440 O O   . HOH F 3 .  ? -6.170  -14.728 9.147   1.00 21.88 ? 2088 HOH A O   1 
HETATM 1441 O O   . HOH F 3 .  ? -8.669  -19.120 0.646   1.00 7.78  ? 2089 HOH A O   1 
HETATM 1442 O O   . HOH F 3 .  ? -9.870  -16.065 7.176   1.00 26.51 ? 2090 HOH A O   1 
HETATM 1443 O O   . HOH F 3 .  ? -6.963  -13.863 3.993   1.00 8.66  ? 2091 HOH A O   1 
HETATM 1444 O O   . HOH F 3 .  ? -4.775  -22.153 3.927   1.00 18.06 ? 2092 HOH A O   1 
HETATM 1445 O O   . HOH F 3 .  ? -5.527  -20.317 6.070   1.00 29.46 ? 2093 HOH A O   1 
HETATM 1446 O O   . HOH F 3 .  ? -3.266  -17.432 -2.347  1.00 20.23 ? 2094 HOH A O   1 
HETATM 1447 O O   . HOH F 3 .  ? 3.708   -17.922 -2.441  1.00 18.57 ? 2095 HOH A O   1 
HETATM 1448 O O   . HOH F 3 .  ? 0.407   -20.356 -2.518  1.00 27.00 ? 2096 HOH A O   1 
HETATM 1449 O O   . HOH F 3 .  ? 2.221   -20.702 4.350   1.00 12.45 ? 2097 HOH A O   1 
HETATM 1450 O O   . HOH F 3 .  ? 1.974   -21.648 -0.060  1.00 23.09 ? 2098 HOH A O   1 
HETATM 1451 O O   . HOH F 3 .  ? 14.585  -18.163 -1.044  1.00 24.11 ? 2099 HOH A O   1 
HETATM 1452 O O   . HOH F 3 .  ? 14.027  -20.068 2.525   1.00 23.51 ? 2100 HOH A O   1 
HETATM 1453 O O   . HOH F 3 .  ? 12.096  -16.338 -1.558  1.00 15.74 ? 2101 HOH A O   1 
HETATM 1454 O O   . HOH F 3 .  ? 18.304  -11.070 1.855   1.00 29.65 ? 2102 HOH A O   1 
HETATM 1455 O O   . HOH F 3 .  ? 17.697  -21.259 4.578   1.00 34.72 ? 2103 HOH A O   1 
HETATM 1456 O O   . HOH F 3 .  ? 16.912  -18.165 0.382   1.00 23.94 ? 2104 HOH A O   1 
HETATM 1457 O O   . HOH F 3 .  ? 18.734  -13.668 0.244   1.00 34.09 ? 2105 HOH A O   1 
HETATM 1458 O O   . HOH F 3 .  ? -6.927  -6.367  10.829  1.00 18.55 ? 2106 HOH A O   1 
HETATM 1459 O O   A HOH F 3 .  ? -8.276  -6.019  7.662   0.60 9.28  ? 2108 HOH A O   1 
HETATM 1460 O O   B HOH F 3 .  ? -6.762  -6.406  6.355   0.40 9.24  ? 2108 HOH A O   1 
HETATM 1461 O O   . HOH F 3 .  ? -10.323 -8.700  8.629   1.00 8.37  ? 2109 HOH A O   1 
HETATM 1462 O O   . HOH F 3 .  ? -4.805  -12.559 8.436   1.00 8.85  ? 2110 HOH A O   1 
HETATM 1463 O O   . HOH F 3 .  ? -3.340  -8.344  9.852   1.00 6.27  ? 2111 HOH A O   1 
HETATM 1464 O O   . HOH F 3 .  ? -5.633  -9.407  5.416   1.00 13.27 ? 2112 HOH A O   1 
HETATM 1465 O O   . HOH F 3 .  ? -10.453 -0.911  -4.259  1.00 15.97 ? 2113 HOH A O   1 
HETATM 1466 O O   . HOH F 3 .  ? -11.590 0.921   -7.316  1.00 24.60 ? 2114 HOH A O   1 
HETATM 1467 O O   . HOH F 3 .  ? -7.102  0.134   -6.623  1.00 10.81 ? 2115 HOH A O   1 
HETATM 1468 O O   . HOH G 3 .  ? 11.149  -2.104  3.386   1.00 36.58 ? 2001 HOH B O   1 
HETATM 1469 O O   . HOH G 3 .  ? 10.437  1.047   4.886   1.00 29.70 ? 2002 HOH B O   1 
HETATM 1470 O O   . HOH G 3 .  ? 12.202  9.172   5.128   1.00 14.58 ? 2003 HOH B O   1 
HETATM 1471 O O   . HOH G 3 .  ? -19.251 21.720  0.738   1.00 20.06 ? 2004 HOH B O   1 
HETATM 1472 O O   . HOH G 3 .  ? -19.247 20.633  -1.672  1.00 24.54 ? 2005 HOH B O   1 
HETATM 1473 O O   . HOH G 3 .  ? -13.094 17.944  10.119  1.00 17.70 ? 2006 HOH B O   1 
HETATM 1474 O O   . HOH G 3 .  ? -21.332 17.975  -1.796  1.00 25.54 ? 2007 HOH B O   1 
HETATM 1475 O O   . HOH G 3 .  ? 13.398  2.454   -0.750  1.00 35.64 ? 2008 HOH B O   1 
HETATM 1476 O O   . HOH G 3 .  ? -0.829  11.542  8.820   1.00 11.07 ? 2009 HOH B O   1 
HETATM 1477 O O   . HOH G 3 .  ? -8.355  14.807  9.772   1.00 11.95 ? 2010 HOH B O   1 
HETATM 1478 O O   . HOH G 3 .  ? -8.291  15.837  7.266   1.00 17.50 ? 2011 HOH B O   1 
HETATM 1479 O O   . HOH G 3 .  ? -6.120  23.802  6.384   1.00 13.04 ? 2012 HOH B O   1 
HETATM 1480 O O   . HOH G 3 .  ? -8.304  2.641   -6.143  1.00 11.29 ? 2013 HOH B O   1 
HETATM 1481 O O   . HOH G 3 .  ? -11.799 24.599  1.366   1.00 6.81  ? 2015 HOH B O   1 
HETATM 1482 O O   . HOH G 3 .  ? -12.954 21.135  -4.343  1.00 15.37 ? 2016 HOH B O   1 
HETATM 1483 O O   . HOH G 3 .  ? -17.369 19.014  -2.462  1.00 12.94 ? 2017 HOH B O   1 
HETATM 1484 O O   . HOH G 3 .  ? -17.418 20.545  2.458   1.00 10.12 ? 2018 HOH B O   1 
HETATM 1485 O O   . HOH G 3 .  ? -4.534  -0.128  6.742   1.00 13.20 ? 2019 HOH B O   1 
HETATM 1486 O O   . HOH G 3 .  ? -8.233  1.511   11.887  1.00 24.95 ? 2020 HOH B O   1 
HETATM 1487 O O   . HOH G 3 .  ? -15.224 19.387  7.159   1.00 10.23 ? 2021 HOH B O   1 
HETATM 1488 O O   . HOH G 3 .  ? -11.506 18.915  8.356   1.00 18.03 ? 2022 HOH B O   1 
HETATM 1489 O O   . HOH G 3 .  ? -21.268 18.373  1.139   1.00 14.95 ? 2023 HOH B O   1 
HETATM 1490 O O   . HOH G 3 .  ? 11.265  1.425   8.937   1.00 22.53 ? 2024 HOH B O   1 
HETATM 1491 O O   . HOH G 3 .  ? 11.857  1.440   1.244   1.00 30.57 ? 2025 HOH B O   1 
HETATM 1492 O O   . HOH G 3 .  ? -10.651 9.294   7.798   1.00 7.63  ? 2026 HOH B O   1 
HETATM 1493 O O   . HOH G 3 .  ? 5.372   18.612  -7.396  1.00 24.04 ? 2027 HOH B O   1 
HETATM 1494 O O   . HOH G 3 .  ? -9.805  -0.058  2.339   1.00 9.83  ? 2028 HOH B O   1 
HETATM 1495 O O   . HOH G 3 .  ? -11.926 2.249   -0.239  1.00 11.62 ? 2029 HOH B O   1 
HETATM 1496 O O   . HOH G 3 .  ? -10.459 1.677   -5.013  1.00 15.87 ? 2030 HOH B O   1 
HETATM 1497 O O   . HOH G 3 .  ? -24.154 2.864   -6.071  1.00 38.91 ? 2031 HOH B O   1 
HETATM 1498 O O   . HOH G 3 .  ? -6.485  4.662   -5.630  1.00 9.53  ? 2032 HOH B O   1 
HETATM 1499 O O   . HOH G 3 .  ? 5.243   5.461   -10.413 1.00 29.94 ? 2033 HOH B O   1 
HETATM 1500 O O   . HOH G 3 .  ? -0.614  6.120   -13.384 1.00 21.51 ? 2034 HOH B O   1 
HETATM 1501 O O   . HOH G 3 .  ? 5.613   5.118   -14.332 1.00 30.38 ? 2035 HOH B O   1 
HETATM 1502 O O   . HOH G 3 .  ? 1.646   -0.696  -5.663  1.00 14.88 ? 2036 HOH B O   1 
HETATM 1503 O O   . HOH G 3 .  ? -2.189  4.586   -11.829 1.00 35.84 ? 2037 HOH B O   1 
HETATM 1504 O O   . HOH G 3 .  ? 17.134  14.533  -4.752  1.00 18.30 ? 2038 HOH B O   1 
HETATM 1505 O O   . HOH G 3 .  ? -4.875  1.142   -7.736  1.00 15.27 ? 2039 HOH B O   1 
HETATM 1506 O O   . HOH G 3 .  ? 0.798   -4.577  -10.218 1.00 23.92 ? 2040 HOH B O   1 
HETATM 1507 O O   . HOH G 3 .  ? -1.551  16.399  11.206  1.00 43.51 ? 2041 HOH B O   1 
HETATM 1508 O O   . HOH G 3 .  ? -4.248  -0.207  -0.685  1.00 22.42 ? 2042 HOH B O   1 
HETATM 1509 O O   . HOH G 3 .  ? -5.436  2.306   7.268   1.00 24.43 ? 2043 HOH B O   1 
HETATM 1510 O O   . HOH G 3 .  ? -3.618  3.950   7.239   1.00 20.55 ? 2044 HOH B O   1 
HETATM 1511 O O   . HOH G 3 .  ? -1.283  1.986   4.132   1.00 7.36  ? 2045 HOH B O   1 
HETATM 1512 O O   . HOH G 3 .  ? -6.525  5.911   15.249  1.00 13.43 ? 2046 HOH B O   1 
HETATM 1513 O O   . HOH G 3 .  ? -10.685 2.136   13.606  1.00 18.20 ? 2047 HOH B O   1 
HETATM 1514 O O   . HOH G 3 .  ? -6.940  3.810   11.333  1.00 10.99 ? 2048 HOH B O   1 
HETATM 1515 O O   . HOH G 3 .  ? -3.482  5.554   9.309   1.00 18.16 ? 2049 HOH B O   1 
HETATM 1516 O O   . HOH G 3 .  ? -0.248  9.021   8.381   1.00 13.62 ? 2050 HOH B O   1 
HETATM 1517 O O   . HOH G 3 .  ? 1.160   1.741   2.710   1.00 9.02  ? 2051 HOH B O   1 
HETATM 1518 O O   . HOH G 3 .  ? -1.526  3.741   6.199   1.00 11.08 ? 2052 HOH B O   1 
HETATM 1519 O O   . HOH G 3 .  ? 8.751   1.710   7.579   1.00 17.21 ? 2053 HOH B O   1 
HETATM 1520 O O   . HOH G 3 .  ? 9.153   0.224   0.270   1.00 11.57 ? 2054 HOH B O   1 
HETATM 1521 O O   . HOH G 3 .  ? 11.639  4.093   2.054   1.00 22.27 ? 2055 HOH B O   1 
HETATM 1522 O O   . HOH G 3 .  ? 13.029  10.175  -1.353  1.00 24.83 ? 2056 HOH B O   1 
HETATM 1523 O O   . HOH G 3 .  ? 14.080  10.808  -5.913  1.00 20.93 ? 2057 HOH B O   1 
HETATM 1524 O O   . HOH G 3 .  ? 14.530  18.333  -8.591  1.00 34.77 ? 2058 HOH B O   1 
HETATM 1525 O O   . HOH G 3 .  ? 7.751   9.542   -9.582  1.00 28.85 ? 2059 HOH B O   1 
HETATM 1526 O O   . HOH G 3 .  ? 11.651  12.462  -7.835  1.00 21.57 ? 2060 HOH B O   1 
HETATM 1527 O O   . HOH G 3 .  ? 9.838   11.209  -9.245  1.00 35.16 ? 2061 HOH B O   1 
HETATM 1528 O O   . HOH G 3 .  ? 7.298   11.750  -3.202  1.00 8.96  ? 2062 HOH B O   1 
HETATM 1529 O O   . HOH G 3 .  ? 6.471   8.389   -7.611  1.00 20.95 ? 2063 HOH B O   1 
HETATM 1530 O O   . HOH G 3 .  ? 4.767   15.875  -7.733  1.00 16.18 ? 2064 HOH B O   1 
HETATM 1531 O O   . HOH G 3 .  ? 3.981   9.470   -8.790  1.00 10.45 ? 2065 HOH B O   1 
HETATM 1532 O O   . HOH G 3 .  ? -8.496  2.846   -8.980  1.00 30.24 ? 2066 HOH B O   1 
HETATM 1533 O O   . HOH G 3 .  ? -12.314 2.537   -2.862  1.00 18.31 ? 2067 HOH B O   1 
HETATM 1534 O O   . HOH G 3 .  ? -16.641 1.822   -1.794  1.00 32.07 ? 2068 HOH B O   1 
HETATM 1535 O O   . HOH G 3 .  ? -14.223 8.261   -8.406  1.00 18.32 ? 2069 HOH B O   1 
HETATM 1536 O O   . HOH G 3 .  ? -21.850 3.852   -7.099  1.00 35.75 ? 2070 HOH B O   1 
HETATM 1537 O O   . HOH G 3 .  ? -19.658 16.109  -15.350 1.00 28.98 ? 2071 HOH B O   1 
HETATM 1538 O O   . HOH G 3 .  ? -15.717 19.531  -4.780  1.00 26.47 ? 2072 HOH B O   1 
HETATM 1539 O O   . HOH G 3 .  ? -19.352 4.672   -5.474  1.00 19.23 ? 2073 HOH B O   1 
HETATM 1540 O O   . HOH G 3 .  ? -10.308 9.612   -10.423 1.00 25.53 ? 2074 HOH B O   1 
HETATM 1541 O O   . HOH G 3 .  ? -3.501  17.813  -7.441  1.00 24.24 ? 2075 HOH B O   1 
HETATM 1542 O O   . HOH G 3 .  ? -7.383  16.471  -8.611  1.00 14.50 ? 2076 HOH B O   1 
HETATM 1543 O O   . HOH G 3 .  ? -1.906  15.987  -8.228  1.00 37.58 ? 2077 HOH B O   1 
HETATM 1544 O O   . HOH G 3 .  ? -0.911  19.194  -5.289  1.00 27.16 ? 2078 HOH B O   1 
HETATM 1545 O O   . HOH G 3 .  ? 3.897   18.103  -1.197  1.00 23.36 ? 2079 HOH B O   1 
HETATM 1546 O O   . HOH G 3 .  ? 6.002   18.907  0.263   1.00 30.97 ? 2080 HOH B O   1 
HETATM 1547 O O   . HOH G 3 .  ? 12.411  19.107  -1.592  1.00 17.49 ? 2081 HOH B O   1 
HETATM 1548 O O   . HOH G 3 .  ? 13.745  12.798  -1.408  1.00 15.17 ? 2082 HOH B O   1 
HETATM 1549 O O   . HOH G 3 .  ? 17.677  17.306  -4.681  1.00 24.50 ? 2083 HOH B O   1 
HETATM 1550 O O   . HOH G 3 .  ? 16.265  13.109  -2.513  1.00 17.17 ? 2084 HOH B O   1 
HETATM 1551 O O   . HOH G 3 .  ? 14.791  19.616  -0.213  1.00 19.71 ? 2085 HOH B O   1 
HETATM 1552 O O   . HOH G 3 .  ? 16.250  17.965  3.444   1.00 20.16 ? 2086 HOH B O   1 
HETATM 1553 O O   . HOH G 3 .  ? 19.497  18.136  8.387   1.00 27.90 ? 2087 HOH B O   1 
HETATM 1554 O O   . HOH G 3 .  ? 20.109  16.547  11.478  1.00 28.76 ? 2088 HOH B O   1 
HETATM 1555 O O   . HOH G 3 .  ? 22.694  9.038   0.229   1.00 29.85 ? 2089 HOH B O   1 
HETATM 1556 O O   . HOH G 3 .  ? 16.749  8.181   3.445   1.00 25.06 ? 2090 HOH B O   1 
HETATM 1557 O O   . HOH G 3 .  ? 18.358  7.153   1.057   1.00 36.63 ? 2091 HOH B O   1 
HETATM 1558 O O   . HOH G 3 .  ? 13.582  2.673   9.096   1.00 15.13 ? 2092 HOH B O   1 
HETATM 1559 O O   . HOH G 3 .  ? 18.724  4.953   12.643  1.00 17.59 ? 2093 HOH B O   1 
HETATM 1560 O O   . HOH G 3 .  ? 14.929  16.825  6.015   1.00 19.69 ? 2094 HOH B O   1 
HETATM 1561 O O   . HOH G 3 .  ? 14.366  13.216  3.008   1.00 17.66 ? 2095 HOH B O   1 
HETATM 1562 O O   . HOH G 3 .  ? -2.913  13.962  11.863  1.00 19.01 ? 2096 HOH B O   1 
HETATM 1563 O O   . HOH G 3 .  ? 1.115   13.516  8.979   1.00 10.12 ? 2097 HOH B O   1 
HETATM 1564 O O   . HOH G 3 .  ? -2.343  19.607  9.520   1.00 34.62 ? 2098 HOH B O   1 
HETATM 1565 O O   . HOH G 3 .  ? -3.147  19.294  -3.875  1.00 25.62 ? 2099 HOH B O   1 
HETATM 1566 O O   . HOH G 3 .  ? -11.791 20.325  -7.063  1.00 21.48 ? 2100 HOH B O   1 
HETATM 1567 O O   . HOH G 3 .  ? -13.920 11.438  -8.753  1.00 13.77 ? 2101 HOH B O   1 
HETATM 1568 O O   . HOH G 3 .  ? -10.003 16.825  -11.992 1.00 34.02 ? 2102 HOH B O   1 
HETATM 1569 O O   . HOH G 3 .  ? -9.785  14.203  -13.371 1.00 37.40 ? 2103 HOH B O   1 
HETATM 1570 O O   . HOH G 3 .  ? -8.081  11.208  -11.829 1.00 34.97 ? 2104 HOH B O   1 
HETATM 1571 O O   . HOH G 3 .  ? -12.683 18.563  -10.525 1.00 26.17 ? 2105 HOH B O   1 
HETATM 1572 O O   . HOH G 3 .  ? 0.115   7.856   14.030  1.00 10.04 ? 2106 HOH B O   1 
HETATM 1573 O O   . HOH G 3 .  ? -5.188  7.779   9.857   1.00 7.98  ? 2107 HOH B O   1 
HETATM 1574 O O   . HOH G 3 .  ? -3.274  11.975  10.134  1.00 10.12 ? 2108 HOH B O   1 
HETATM 1575 O O   . HOH G 3 .  ? -3.482  5.819   12.949  1.00 18.86 ? 2109 HOH B O   1 
HETATM 1576 O O   . HOH G 3 .  ? -0.815  6.633   9.586   1.00 29.17 ? 2110 HOH B O   1 
# 
